data_1ZYO
# 
_entry.id   1ZYO 
# 
_audit_conform.dict_name       mmcif_pdbx.dic 
_audit_conform.dict_version    5.397 
_audit_conform.dict_location   http://mmcif.pdb.org/dictionaries/ascii/mmcif_pdbx.dic 
# 
loop_
_database_2.database_id 
_database_2.database_code 
_database_2.pdbx_database_accession 
_database_2.pdbx_DOI 
PDB   1ZYO         pdb_00001zyo 10.2210/pdb1zyo/pdb 
RCSB  RCSB033274   ?            ?                   
WWPDB D_1000033274 ?            ?                   
# 
loop_
_pdbx_audit_revision_history.ordinal 
_pdbx_audit_revision_history.data_content_type 
_pdbx_audit_revision_history.major_revision 
_pdbx_audit_revision_history.minor_revision 
_pdbx_audit_revision_history.revision_date 
1 'Structure model' 1 0 2006-04-25 
2 'Structure model' 1 1 2008-04-30 
3 'Structure model' 1 2 2011-07-13 
4 'Structure model' 1 3 2024-10-09 
# 
_pdbx_audit_revision_details.ordinal             1 
_pdbx_audit_revision_details.revision_ordinal    1 
_pdbx_audit_revision_details.data_content_type   'Structure model' 
_pdbx_audit_revision_details.provider            repository 
_pdbx_audit_revision_details.type                'Initial release' 
_pdbx_audit_revision_details.description         ? 
_pdbx_audit_revision_details.details             ? 
# 
loop_
_pdbx_audit_revision_group.ordinal 
_pdbx_audit_revision_group.revision_ordinal 
_pdbx_audit_revision_group.data_content_type 
_pdbx_audit_revision_group.group 
1 2 'Structure model' 'Version format compliance' 
2 3 'Structure model' 'Non-polymer description'   
3 3 'Structure model' 'Version format compliance' 
4 4 'Structure model' 'Data collection'           
5 4 'Structure model' 'Database references'       
6 4 'Structure model' 'Derived calculations'      
7 4 'Structure model' 'Structure summary'         
# 
loop_
_pdbx_audit_revision_category.ordinal 
_pdbx_audit_revision_category.revision_ordinal 
_pdbx_audit_revision_category.data_content_type 
_pdbx_audit_revision_category.category 
1 4 'Structure model' chem_comp_atom            
2 4 'Structure model' chem_comp_bond            
3 4 'Structure model' database_2                
4 4 'Structure model' pdbx_entry_details        
5 4 'Structure model' pdbx_modification_feature 
6 4 'Structure model' struct_site               
# 
loop_
_pdbx_audit_revision_item.ordinal 
_pdbx_audit_revision_item.revision_ordinal 
_pdbx_audit_revision_item.data_content_type 
_pdbx_audit_revision_item.item 
1 4 'Structure model' '_database_2.pdbx_DOI'                
2 4 'Structure model' '_database_2.pdbx_database_accession' 
3 4 'Structure model' '_struct_site.pdbx_auth_asym_id'      
4 4 'Structure model' '_struct_site.pdbx_auth_comp_id'      
5 4 'Structure model' '_struct_site.pdbx_auth_seq_id'       
# 
_pdbx_database_status.status_code                     REL 
_pdbx_database_status.entry_id                        1ZYO 
_pdbx_database_status.recvd_initial_deposition_date   2005-06-10 
_pdbx_database_status.deposit_site                    RCSB 
_pdbx_database_status.process_site                    PDBJ 
_pdbx_database_status.status_code_sf                  REL 
_pdbx_database_status.status_code_mr                  ? 
_pdbx_database_status.SG_entry                        ? 
_pdbx_database_status.pdb_format_compatible           Y 
_pdbx_database_status.status_code_cs                  ? 
_pdbx_database_status.status_code_nmr_data            ? 
_pdbx_database_status.methods_development_category    ? 
# 
loop_
_pdbx_database_related.db_name 
_pdbx_database_related.db_id 
_pdbx_database_related.details 
_pdbx_database_related.content_type 
PDB 1LVM 'Catalytically active tobacco ETCH virus protease complexed with product' unspecified 
PDB 1Q31 'Crystal structure of the tobacco ETCH virus protease C151A mutant'       unspecified 
# 
loop_
_audit_author.name 
_audit_author.pdbx_ordinal 
'Gayathri, P.'       1 
'Satheshkumar, P.S.' 2 
'Prasad, K.'         3 
'Savithri, H.S.'     4 
'Murthy, M.R.N.'     5 
# 
_citation.id                        primary 
_citation.title                     
;Crystal structure of the serine protease domain of Sesbania mosaic virus polyprotein and mutational analysis of residues forming the S1-binding pocket
;
_citation.journal_abbrev            Virology 
_citation.journal_volume            346 
_citation.page_first                440 
_citation.page_last                 451 
_citation.year                      2006 
_citation.journal_id_ASTM           VIRLAX 
_citation.country                   US 
_citation.journal_id_ISSN           0042-6822 
_citation.journal_id_CSD            0922 
_citation.book_publisher            ? 
_citation.pdbx_database_id_PubMed   16356524 
_citation.pdbx_database_id_DOI      10.1016/j.virol.2005.11.011 
# 
loop_
_citation_author.citation_id 
_citation_author.name 
_citation_author.ordinal 
_citation_author.identifier_ORCID 
primary 'Gayathri, P.'       1 ? 
primary 'Satheshkumar, P.S.' 2 ? 
primary 'Prasad, K.'         3 ? 
primary 'Nair, S.'           4 ? 
primary 'Savithri, H.S.'     5 ? 
primary 'Murthy, M.R.N.'     6 ? 
# 
loop_
_entity.id 
_entity.type 
_entity.src_method 
_entity.pdbx_description 
_entity.formula_weight 
_entity.pdbx_number_of_molecules 
_entity.pdbx_ec 
_entity.pdbx_mutation 
_entity.pdbx_fragment 
_entity.details 
1 polymer     man 'serine protease' 20430.281 1  3.4.21.19 ? 'protease domain' ? 
2 non-polymer syn GLYCEROL          92.094    1  ?         ? ?                 ? 
3 water       nat water             18.015    45 ?         ? ?                 ? 
# 
_entity_poly.entity_id                      1 
_entity_poly.type                           'polypeptide(L)' 
_entity_poly.nstd_linkage                   no 
_entity_poly.nstd_monomer                   no 
_entity_poly.pdbx_seq_one_letter_code       
;VLGSFYSPVKAGDEPASLVAIKSGPTTIGFGCRTKIDGEDCLLTAHHVWCNSMRPTGLAKAGKQVSVEDWEISMSSSDKM
LDFAIVRVPTHVWSKLGVKSTPLVCPSSKDVITCYGGSSSDCLMSGVGSSSTSEFTWKLTHTCPTAAGWSGTPLYSSRGV
VGMHVGFEEIGKLNRGVNMFYVANYLLRSNE
;
_entity_poly.pdbx_seq_one_letter_code_can   
;VLGSFYSPVKAGDEPASLVAIKSGPTTIGFGCRTKIDGEDCLLTAHHVWCNSMRPTGLAKAGKQVSVEDWEISMSSSDKM
LDFAIVRVPTHVWSKLGVKSTPLVCPSSKDVITCYGGSSSDCLMSGVGSSSTSEFTWKLTHTCPTAAGWSGTPLYSSRGV
VGMHVGFEEIGKLNRGVNMFYVANYLLRSNE
;
_entity_poly.pdbx_strand_id                 A 
_entity_poly.pdbx_target_identifier         ? 
# 
loop_
_pdbx_entity_nonpoly.entity_id 
_pdbx_entity_nonpoly.name 
_pdbx_entity_nonpoly.comp_id 
2 GLYCEROL GOL 
3 water    HOH 
# 
loop_
_entity_poly_seq.entity_id 
_entity_poly_seq.num 
_entity_poly_seq.mon_id 
_entity_poly_seq.hetero 
1 1   VAL n 
1 2   LEU n 
1 3   GLY n 
1 4   SER n 
1 5   PHE n 
1 6   TYR n 
1 7   SER n 
1 8   PRO n 
1 9   VAL n 
1 10  LYS n 
1 11  ALA n 
1 12  GLY n 
1 13  ASP n 
1 14  GLU n 
1 15  PRO n 
1 16  ALA n 
1 17  SER n 
1 18  LEU n 
1 19  VAL n 
1 20  ALA n 
1 21  ILE n 
1 22  LYS n 
1 23  SER n 
1 24  GLY n 
1 25  PRO n 
1 26  THR n 
1 27  THR n 
1 28  ILE n 
1 29  GLY n 
1 30  PHE n 
1 31  GLY n 
1 32  CYS n 
1 33  ARG n 
1 34  THR n 
1 35  LYS n 
1 36  ILE n 
1 37  ASP n 
1 38  GLY n 
1 39  GLU n 
1 40  ASP n 
1 41  CYS n 
1 42  LEU n 
1 43  LEU n 
1 44  THR n 
1 45  ALA n 
1 46  HIS n 
1 47  HIS n 
1 48  VAL n 
1 49  TRP n 
1 50  CYS n 
1 51  ASN n 
1 52  SER n 
1 53  MET n 
1 54  ARG n 
1 55  PRO n 
1 56  THR n 
1 57  GLY n 
1 58  LEU n 
1 59  ALA n 
1 60  LYS n 
1 61  ALA n 
1 62  GLY n 
1 63  LYS n 
1 64  GLN n 
1 65  VAL n 
1 66  SER n 
1 67  VAL n 
1 68  GLU n 
1 69  ASP n 
1 70  TRP n 
1 71  GLU n 
1 72  ILE n 
1 73  SER n 
1 74  MET n 
1 75  SER n 
1 76  SER n 
1 77  SER n 
1 78  ASP n 
1 79  LYS n 
1 80  MET n 
1 81  LEU n 
1 82  ASP n 
1 83  PHE n 
1 84  ALA n 
1 85  ILE n 
1 86  VAL n 
1 87  ARG n 
1 88  VAL n 
1 89  PRO n 
1 90  THR n 
1 91  HIS n 
1 92  VAL n 
1 93  TRP n 
1 94  SER n 
1 95  LYS n 
1 96  LEU n 
1 97  GLY n 
1 98  VAL n 
1 99  LYS n 
1 100 SER n 
1 101 THR n 
1 102 PRO n 
1 103 LEU n 
1 104 VAL n 
1 105 CYS n 
1 106 PRO n 
1 107 SER n 
1 108 SER n 
1 109 LYS n 
1 110 ASP n 
1 111 VAL n 
1 112 ILE n 
1 113 THR n 
1 114 CYS n 
1 115 TYR n 
1 116 GLY n 
1 117 GLY n 
1 118 SER n 
1 119 SER n 
1 120 SER n 
1 121 ASP n 
1 122 CYS n 
1 123 LEU n 
1 124 MET n 
1 125 SER n 
1 126 GLY n 
1 127 VAL n 
1 128 GLY n 
1 129 SER n 
1 130 SER n 
1 131 SER n 
1 132 THR n 
1 133 SER n 
1 134 GLU n 
1 135 PHE n 
1 136 THR n 
1 137 TRP n 
1 138 LYS n 
1 139 LEU n 
1 140 THR n 
1 141 HIS n 
1 142 THR n 
1 143 CYS n 
1 144 PRO n 
1 145 THR n 
1 146 ALA n 
1 147 ALA n 
1 148 GLY n 
1 149 TRP n 
1 150 SER n 
1 151 GLY n 
1 152 THR n 
1 153 PRO n 
1 154 LEU n 
1 155 TYR n 
1 156 SER n 
1 157 SER n 
1 158 ARG n 
1 159 GLY n 
1 160 VAL n 
1 161 VAL n 
1 162 GLY n 
1 163 MET n 
1 164 HIS n 
1 165 VAL n 
1 166 GLY n 
1 167 PHE n 
1 168 GLU n 
1 169 GLU n 
1 170 ILE n 
1 171 GLY n 
1 172 LYS n 
1 173 LEU n 
1 174 ASN n 
1 175 ARG n 
1 176 GLY n 
1 177 VAL n 
1 178 ASN n 
1 179 MET n 
1 180 PHE n 
1 181 TYR n 
1 182 VAL n 
1 183 ALA n 
1 184 ASN n 
1 185 TYR n 
1 186 LEU n 
1 187 LEU n 
1 188 ARG n 
1 189 SER n 
1 190 ASN n 
1 191 GLU n 
# 
_entity_src_gen.entity_id                          1 
_entity_src_gen.pdbx_src_id                        1 
_entity_src_gen.pdbx_alt_source_flag               sample 
_entity_src_gen.pdbx_seq_type                      ? 
_entity_src_gen.pdbx_beg_seq_num                   ? 
_entity_src_gen.pdbx_end_seq_num                   ? 
_entity_src_gen.gene_src_common_name               ? 
_entity_src_gen.gene_src_genus                     Sobemovirus 
_entity_src_gen.pdbx_gene_src_gene                 ORF2 
_entity_src_gen.gene_src_species                   ? 
_entity_src_gen.gene_src_strain                    ? 
_entity_src_gen.gene_src_tissue                    ? 
_entity_src_gen.gene_src_tissue_fraction           ? 
_entity_src_gen.gene_src_details                   ? 
_entity_src_gen.pdbx_gene_src_fragment             ? 
_entity_src_gen.pdbx_gene_src_scientific_name      'Sesbania mosaic virus' 
_entity_src_gen.pdbx_gene_src_ncbi_taxonomy_id     12558 
_entity_src_gen.pdbx_gene_src_variant              ? 
_entity_src_gen.pdbx_gene_src_cell_line            ? 
_entity_src_gen.pdbx_gene_src_atcc                 ? 
_entity_src_gen.pdbx_gene_src_organ                ? 
_entity_src_gen.pdbx_gene_src_organelle            ? 
_entity_src_gen.pdbx_gene_src_cell                 ? 
_entity_src_gen.pdbx_gene_src_cellular_location    ? 
_entity_src_gen.host_org_common_name               ? 
_entity_src_gen.pdbx_host_org_scientific_name      'Escherichia coli BL21(DE3)' 
_entity_src_gen.pdbx_host_org_ncbi_taxonomy_id     469008 
_entity_src_gen.host_org_genus                     Escherichia 
_entity_src_gen.pdbx_host_org_gene                 ? 
_entity_src_gen.pdbx_host_org_organ                ? 
_entity_src_gen.host_org_species                   'Escherichia coli' 
_entity_src_gen.pdbx_host_org_tissue               ? 
_entity_src_gen.pdbx_host_org_tissue_fraction      ? 
_entity_src_gen.pdbx_host_org_strain               'BL21(DE3)' 
_entity_src_gen.pdbx_host_org_variant              ? 
_entity_src_gen.pdbx_host_org_cell_line            ? 
_entity_src_gen.pdbx_host_org_atcc                 ? 
_entity_src_gen.pdbx_host_org_culture_collection   ? 
_entity_src_gen.pdbx_host_org_cell                 ? 
_entity_src_gen.pdbx_host_org_organelle            ? 
_entity_src_gen.pdbx_host_org_cellular_location    ? 
_entity_src_gen.pdbx_host_org_vector_type          plasmid 
_entity_src_gen.pdbx_host_org_vector               ? 
_entity_src_gen.host_org_details                   ? 
_entity_src_gen.expression_system_id               ? 
_entity_src_gen.plasmid_name                       pRSET-C 
_entity_src_gen.plasmid_details                    ? 
_entity_src_gen.pdbx_description                   ? 
# 
loop_
_chem_comp.id 
_chem_comp.type 
_chem_comp.mon_nstd_flag 
_chem_comp.name 
_chem_comp.pdbx_synonyms 
_chem_comp.formula 
_chem_comp.formula_weight 
ALA 'L-peptide linking' y ALANINE         ?                               'C3 H7 N O2'     89.093  
ARG 'L-peptide linking' y ARGININE        ?                               'C6 H15 N4 O2 1' 175.209 
ASN 'L-peptide linking' y ASPARAGINE      ?                               'C4 H8 N2 O3'    132.118 
ASP 'L-peptide linking' y 'ASPARTIC ACID' ?                               'C4 H7 N O4'     133.103 
CYS 'L-peptide linking' y CYSTEINE        ?                               'C3 H7 N O2 S'   121.158 
GLN 'L-peptide linking' y GLUTAMINE       ?                               'C5 H10 N2 O3'   146.144 
GLU 'L-peptide linking' y 'GLUTAMIC ACID' ?                               'C5 H9 N O4'     147.129 
GLY 'peptide linking'   y GLYCINE         ?                               'C2 H5 N O2'     75.067  
GOL non-polymer         . GLYCEROL        'GLYCERIN; PROPANE-1,2,3-TRIOL' 'C3 H8 O3'       92.094  
HIS 'L-peptide linking' y HISTIDINE       ?                               'C6 H10 N3 O2 1' 156.162 
HOH non-polymer         . WATER           ?                               'H2 O'           18.015  
ILE 'L-peptide linking' y ISOLEUCINE      ?                               'C6 H13 N O2'    131.173 
LEU 'L-peptide linking' y LEUCINE         ?                               'C6 H13 N O2'    131.173 
LYS 'L-peptide linking' y LYSINE          ?                               'C6 H15 N2 O2 1' 147.195 
MET 'L-peptide linking' y METHIONINE      ?                               'C5 H11 N O2 S'  149.211 
PHE 'L-peptide linking' y PHENYLALANINE   ?                               'C9 H11 N O2'    165.189 
PRO 'L-peptide linking' y PROLINE         ?                               'C5 H9 N O2'     115.130 
SER 'L-peptide linking' y SERINE          ?                               'C3 H7 N O3'     105.093 
THR 'L-peptide linking' y THREONINE       ?                               'C4 H9 N O3'     119.119 
TRP 'L-peptide linking' y TRYPTOPHAN      ?                               'C11 H12 N2 O2'  204.225 
TYR 'L-peptide linking' y TYROSINE        ?                               'C9 H11 N O3'    181.189 
VAL 'L-peptide linking' y VALINE          ?                               'C5 H11 N O2'    117.146 
# 
loop_
_pdbx_poly_seq_scheme.asym_id 
_pdbx_poly_seq_scheme.entity_id 
_pdbx_poly_seq_scheme.seq_id 
_pdbx_poly_seq_scheme.mon_id 
_pdbx_poly_seq_scheme.ndb_seq_num 
_pdbx_poly_seq_scheme.pdb_seq_num 
_pdbx_poly_seq_scheme.auth_seq_num 
_pdbx_poly_seq_scheme.pdb_mon_id 
_pdbx_poly_seq_scheme.auth_mon_id 
_pdbx_poly_seq_scheme.pdb_strand_id 
_pdbx_poly_seq_scheme.pdb_ins_code 
_pdbx_poly_seq_scheme.hetero 
A 1 1   VAL 1   135 ?   ?   ?   A . n 
A 1 2   LEU 2   136 ?   ?   ?   A . n 
A 1 3   GLY 3   137 ?   ?   ?   A . n 
A 1 4   SER 4   138 138 SER SER A . n 
A 1 5   PHE 5   139 139 PHE PHE A . n 
A 1 6   TYR 6   140 140 TYR TYR A . n 
A 1 7   SER 7   141 141 SER SER A . n 
A 1 8   PRO 8   142 142 PRO PRO A . n 
A 1 9   VAL 9   143 143 VAL VAL A . n 
A 1 10  LYS 10  144 144 LYS LYS A . n 
A 1 11  ALA 11  145 145 ALA ALA A . n 
A 1 12  GLY 12  146 146 GLY GLY A . n 
A 1 13  ASP 13  147 147 ASP ASP A . n 
A 1 14  GLU 14  148 148 GLU GLU A . n 
A 1 15  PRO 15  149 149 PRO PRO A . n 
A 1 16  ALA 16  150 150 ALA ALA A . n 
A 1 17  SER 17  151 151 SER SER A . n 
A 1 18  LEU 18  152 152 LEU LEU A . n 
A 1 19  VAL 19  153 153 VAL VAL A . n 
A 1 20  ALA 20  154 154 ALA ALA A . n 
A 1 21  ILE 21  155 155 ILE ILE A . n 
A 1 22  LYS 22  156 156 LYS LYS A . n 
A 1 23  SER 23  157 157 SER SER A . n 
A 1 24  GLY 24  158 158 GLY GLY A . n 
A 1 25  PRO 25  159 159 PRO PRO A . n 
A 1 26  THR 26  160 160 THR THR A . n 
A 1 27  THR 27  161 161 THR THR A . n 
A 1 28  ILE 28  162 162 ILE ILE A . n 
A 1 29  GLY 29  163 163 GLY GLY A . n 
A 1 30  PHE 30  164 164 PHE PHE A . n 
A 1 31  GLY 31  165 165 GLY GLY A . n 
A 1 32  CYS 32  166 166 CYS CYS A . n 
A 1 33  ARG 33  167 167 ARG ARG A . n 
A 1 34  THR 34  168 168 THR THR A . n 
A 1 35  LYS 35  169 169 LYS LYS A . n 
A 1 36  ILE 36  170 170 ILE ILE A . n 
A 1 37  ASP 37  171 ?   ?   ?   A . n 
A 1 38  GLY 38  172 ?   ?   ?   A . n 
A 1 39  GLU 39  173 173 GLU GLU A . n 
A 1 40  ASP 40  174 174 ASP ASP A . n 
A 1 41  CYS 41  175 175 CYS CYS A . n 
A 1 42  LEU 42  176 176 LEU LEU A . n 
A 1 43  LEU 43  177 177 LEU LEU A . n 
A 1 44  THR 44  178 178 THR THR A . n 
A 1 45  ALA 45  179 179 ALA ALA A . n 
A 1 46  HIS 46  180 180 HIS HIS A . n 
A 1 47  HIS 47  181 181 HIS HIS A . n 
A 1 48  VAL 48  182 182 VAL VAL A . n 
A 1 49  TRP 49  183 183 TRP TRP A . n 
A 1 50  CYS 50  184 184 CYS CYS A . n 
A 1 51  ASN 51  185 185 ASN ASN A . n 
A 1 52  SER 52  186 186 SER SER A . n 
A 1 53  MET 53  187 187 MET MET A . n 
A 1 54  ARG 54  188 188 ARG ARG A . n 
A 1 55  PRO 55  189 189 PRO PRO A . n 
A 1 56  THR 56  190 190 THR THR A . n 
A 1 57  GLY 57  191 191 GLY GLY A . n 
A 1 58  LEU 58  192 192 LEU LEU A . n 
A 1 59  ALA 59  193 193 ALA ALA A . n 
A 1 60  LYS 60  194 194 LYS LYS A . n 
A 1 61  ALA 61  195 195 ALA ALA A . n 
A 1 62  GLY 62  196 196 GLY GLY A . n 
A 1 63  LYS 63  197 197 LYS LYS A . n 
A 1 64  GLN 64  198 198 GLN GLN A . n 
A 1 65  VAL 65  199 199 VAL VAL A . n 
A 1 66  SER 66  200 200 SER SER A . n 
A 1 67  VAL 67  201 201 VAL VAL A . n 
A 1 68  GLU 68  202 202 GLU GLU A . n 
A 1 69  ASP 69  203 203 ASP ASP A . n 
A 1 70  TRP 70  204 204 TRP TRP A . n 
A 1 71  GLU 71  205 205 GLU GLU A . n 
A 1 72  ILE 72  206 206 ILE ILE A . n 
A 1 73  SER 73  207 207 SER SER A . n 
A 1 74  MET 74  208 208 MET MET A . n 
A 1 75  SER 75  209 209 SER SER A . n 
A 1 76  SER 76  210 210 SER SER A . n 
A 1 77  SER 77  211 211 SER SER A . n 
A 1 78  ASP 78  212 212 ASP ASP A . n 
A 1 79  LYS 79  213 213 LYS LYS A . n 
A 1 80  MET 80  214 214 MET MET A . n 
A 1 81  LEU 81  215 215 LEU LEU A . n 
A 1 82  ASP 82  216 216 ASP ASP A . n 
A 1 83  PHE 83  217 217 PHE PHE A . n 
A 1 84  ALA 84  218 218 ALA ALA A . n 
A 1 85  ILE 85  219 219 ILE ILE A . n 
A 1 86  VAL 86  220 220 VAL VAL A . n 
A 1 87  ARG 87  221 221 ARG ARG A . n 
A 1 88  VAL 88  222 222 VAL VAL A . n 
A 1 89  PRO 89  223 223 PRO PRO A . n 
A 1 90  THR 90  224 224 THR THR A . n 
A 1 91  HIS 91  225 225 HIS HIS A . n 
A 1 92  VAL 92  226 226 VAL VAL A . n 
A 1 93  TRP 93  227 227 TRP TRP A . n 
A 1 94  SER 94  228 228 SER SER A . n 
A 1 95  LYS 95  229 229 LYS LYS A . n 
A 1 96  LEU 96  230 230 LEU LEU A . n 
A 1 97  GLY 97  231 231 GLY GLY A . n 
A 1 98  VAL 98  232 232 VAL VAL A . n 
A 1 99  LYS 99  233 233 LYS LYS A . n 
A 1 100 SER 100 234 234 SER SER A . n 
A 1 101 THR 101 235 235 THR THR A . n 
A 1 102 PRO 102 236 236 PRO PRO A . n 
A 1 103 LEU 103 237 237 LEU LEU A . n 
A 1 104 VAL 104 238 238 VAL VAL A . n 
A 1 105 CYS 105 239 239 CYS CYS A . n 
A 1 106 PRO 106 240 240 PRO PRO A . n 
A 1 107 SER 107 241 241 SER SER A . n 
A 1 108 SER 108 242 242 SER SER A . n 
A 1 109 LYS 109 243 243 LYS LYS A . n 
A 1 110 ASP 110 244 244 ASP ASP A . n 
A 1 111 VAL 111 245 245 VAL VAL A . n 
A 1 112 ILE 112 246 246 ILE ILE A . n 
A 1 113 THR 113 247 247 THR THR A . n 
A 1 114 CYS 114 248 248 CYS CYS A . n 
A 1 115 TYR 115 249 249 TYR TYR A . n 
A 1 116 GLY 116 250 250 GLY GLY A . n 
A 1 117 GLY 117 251 251 GLY GLY A . n 
A 1 118 SER 118 252 252 SER SER A . n 
A 1 119 SER 119 253 253 SER SER A . n 
A 1 120 SER 120 254 254 SER SER A . n 
A 1 121 ASP 121 255 255 ASP ASP A . n 
A 1 122 CYS 122 256 256 CYS CYS A . n 
A 1 123 LEU 123 257 257 LEU LEU A . n 
A 1 124 MET 124 258 258 MET MET A . n 
A 1 125 SER 125 259 259 SER SER A . n 
A 1 126 GLY 126 260 260 GLY GLY A . n 
A 1 127 VAL 127 261 261 VAL VAL A . n 
A 1 128 GLY 128 262 262 GLY GLY A . n 
A 1 129 SER 129 263 263 SER SER A . n 
A 1 130 SER 130 264 264 SER SER A . n 
A 1 131 SER 131 265 265 SER SER A . n 
A 1 132 THR 132 266 266 THR THR A . n 
A 1 133 SER 133 267 267 SER SER A . n 
A 1 134 GLU 134 268 268 GLU GLU A . n 
A 1 135 PHE 135 269 269 PHE PHE A . n 
A 1 136 THR 136 270 270 THR THR A . n 
A 1 137 TRP 137 271 271 TRP TRP A . n 
A 1 138 LYS 138 272 272 LYS LYS A . n 
A 1 139 LEU 139 273 273 LEU LEU A . n 
A 1 140 THR 140 274 274 THR THR A . n 
A 1 141 HIS 141 275 275 HIS HIS A . n 
A 1 142 THR 142 276 276 THR THR A . n 
A 1 143 CYS 143 277 277 CYS CYS A . n 
A 1 144 PRO 144 278 278 PRO PRO A . n 
A 1 145 THR 145 279 279 THR THR A . n 
A 1 146 ALA 146 280 280 ALA ALA A . n 
A 1 147 ALA 147 281 281 ALA ALA A . n 
A 1 148 GLY 148 282 282 GLY GLY A . n 
A 1 149 TRP 149 283 283 TRP TRP A . n 
A 1 150 SER 150 284 284 SER SER A . n 
A 1 151 GLY 151 285 285 GLY GLY A . n 
A 1 152 THR 152 286 286 THR THR A . n 
A 1 153 PRO 153 287 287 PRO PRO A . n 
A 1 154 LEU 154 288 288 LEU LEU A . n 
A 1 155 TYR 155 289 289 TYR TYR A . n 
A 1 156 SER 156 290 290 SER SER A . n 
A 1 157 SER 157 291 291 SER SER A . n 
A 1 158 ARG 158 292 292 ARG ARG A . n 
A 1 159 GLY 159 293 293 GLY GLY A . n 
A 1 160 VAL 160 294 294 VAL VAL A . n 
A 1 161 VAL 161 295 295 VAL VAL A . n 
A 1 162 GLY 162 296 296 GLY GLY A . n 
A 1 163 MET 163 297 297 MET MET A . n 
A 1 164 HIS 164 298 298 HIS HIS A . n 
A 1 165 VAL 165 299 299 VAL VAL A . n 
A 1 166 GLY 166 300 300 GLY GLY A . n 
A 1 167 PHE 167 301 301 PHE PHE A . n 
A 1 168 GLU 168 302 302 GLU GLU A . n 
A 1 169 GLU 169 303 303 GLU GLU A . n 
A 1 170 ILE 170 304 304 ILE ILE A . n 
A 1 171 GLY 171 305 305 GLY GLY A . n 
A 1 172 LYS 172 306 306 LYS LYS A . n 
A 1 173 LEU 173 307 307 LEU LEU A . n 
A 1 174 ASN 174 308 308 ASN ASN A . n 
A 1 175 ARG 175 309 309 ARG ARG A . n 
A 1 176 GLY 176 310 310 GLY GLY A . n 
A 1 177 VAL 177 311 311 VAL VAL A . n 
A 1 178 ASN 178 312 312 ASN ASN A . n 
A 1 179 MET 179 313 313 MET MET A . n 
A 1 180 PHE 180 314 314 PHE PHE A . n 
A 1 181 TYR 181 315 315 TYR TYR A . n 
A 1 182 VAL 182 316 316 VAL VAL A . n 
A 1 183 ALA 183 317 317 ALA ALA A . n 
A 1 184 ASN 184 318 318 ASN ASN A . n 
A 1 185 TYR 185 319 319 TYR TYR A . n 
A 1 186 LEU 186 320 320 LEU LEU A . n 
A 1 187 LEU 187 321 321 LEU LEU A . n 
A 1 188 ARG 188 322 322 ARG ARG A . n 
A 1 189 SER 189 323 323 SER SER A . n 
A 1 190 ASN 190 324 ?   ?   ?   A . n 
A 1 191 GLU 191 325 ?   ?   ?   A . n 
# 
loop_
_pdbx_nonpoly_scheme.asym_id 
_pdbx_nonpoly_scheme.entity_id 
_pdbx_nonpoly_scheme.mon_id 
_pdbx_nonpoly_scheme.ndb_seq_num 
_pdbx_nonpoly_scheme.pdb_seq_num 
_pdbx_nonpoly_scheme.auth_seq_num 
_pdbx_nonpoly_scheme.pdb_mon_id 
_pdbx_nonpoly_scheme.auth_mon_id 
_pdbx_nonpoly_scheme.pdb_strand_id 
_pdbx_nonpoly_scheme.pdb_ins_code 
B 2 GOL 1  500 500 GOL GOL A . 
C 3 HOH 1  1   1   HOH HOH A . 
C 3 HOH 2  2   2   HOH HOH A . 
C 3 HOH 3  3   3   HOH HOH A . 
C 3 HOH 4  4   4   HOH HOH A . 
C 3 HOH 5  5   5   HOH HOH A . 
C 3 HOH 6  6   6   HOH HOH A . 
C 3 HOH 7  7   7   HOH HOH A . 
C 3 HOH 8  8   8   HOH HOH A . 
C 3 HOH 9  9   9   HOH HOH A . 
C 3 HOH 10 10  10  HOH HOH A . 
C 3 HOH 11 11  11  HOH HOH A . 
C 3 HOH 12 12  12  HOH HOH A . 
C 3 HOH 13 13  13  HOH HOH A . 
C 3 HOH 14 14  14  HOH HOH A . 
C 3 HOH 15 15  15  HOH HOH A . 
C 3 HOH 16 16  16  HOH HOH A . 
C 3 HOH 17 17  17  HOH HOH A . 
C 3 HOH 18 18  18  HOH HOH A . 
C 3 HOH 19 19  19  HOH HOH A . 
C 3 HOH 20 20  20  HOH HOH A . 
C 3 HOH 21 21  21  HOH HOH A . 
C 3 HOH 22 22  22  HOH HOH A . 
C 3 HOH 23 23  23  HOH HOH A . 
C 3 HOH 24 24  24  HOH HOH A . 
C 3 HOH 25 25  25  HOH HOH A . 
C 3 HOH 26 26  26  HOH HOH A . 
C 3 HOH 27 27  27  HOH HOH A . 
C 3 HOH 28 28  28  HOH HOH A . 
C 3 HOH 29 29  29  HOH HOH A . 
C 3 HOH 30 30  30  HOH HOH A . 
C 3 HOH 31 31  31  HOH HOH A . 
C 3 HOH 32 32  32  HOH HOH A . 
C 3 HOH 33 33  33  HOH HOH A . 
C 3 HOH 34 34  34  HOH HOH A . 
C 3 HOH 35 35  35  HOH HOH A . 
C 3 HOH 36 36  36  HOH HOH A . 
C 3 HOH 37 37  37  HOH HOH A . 
C 3 HOH 38 38  38  HOH HOH A . 
C 3 HOH 39 39  39  HOH HOH A . 
C 3 HOH 40 40  40  HOH HOH A . 
C 3 HOH 41 41  41  HOH HOH A . 
C 3 HOH 42 42  42  HOH HOH A . 
C 3 HOH 43 43  43  HOH HOH A . 
C 3 HOH 44 44  44  HOH HOH A . 
C 3 HOH 45 45  45  HOH HOH A . 
# 
loop_
_pdbx_unobs_or_zero_occ_atoms.id 
_pdbx_unobs_or_zero_occ_atoms.PDB_model_num 
_pdbx_unobs_or_zero_occ_atoms.polymer_flag 
_pdbx_unobs_or_zero_occ_atoms.occupancy_flag 
_pdbx_unobs_or_zero_occ_atoms.auth_asym_id 
_pdbx_unobs_or_zero_occ_atoms.auth_comp_id 
_pdbx_unobs_or_zero_occ_atoms.auth_seq_id 
_pdbx_unobs_or_zero_occ_atoms.PDB_ins_code 
_pdbx_unobs_or_zero_occ_atoms.auth_atom_id 
_pdbx_unobs_or_zero_occ_atoms.label_alt_id 
_pdbx_unobs_or_zero_occ_atoms.label_asym_id 
_pdbx_unobs_or_zero_occ_atoms.label_comp_id 
_pdbx_unobs_or_zero_occ_atoms.label_seq_id 
_pdbx_unobs_or_zero_occ_atoms.label_atom_id 
1  1 Y 1 A LYS 144 ? CG  ? A LYS 10  CG  
2  1 Y 1 A LYS 144 ? CD  ? A LYS 10  CD  
3  1 Y 1 A LYS 144 ? CE  ? A LYS 10  CE  
4  1 Y 1 A LYS 144 ? NZ  ? A LYS 10  NZ  
5  1 Y 1 A LYS 169 ? CG  ? A LYS 35  CG  
6  1 Y 1 A LYS 169 ? CD  ? A LYS 35  CD  
7  1 Y 1 A LYS 169 ? CE  ? A LYS 35  CE  
8  1 Y 1 A LYS 169 ? NZ  ? A LYS 35  NZ  
9  1 Y 1 A GLU 173 ? CG  ? A GLU 39  CG  
10 1 Y 1 A GLU 173 ? CD  ? A GLU 39  CD  
11 1 Y 1 A GLU 173 ? OE1 ? A GLU 39  OE1 
12 1 Y 1 A GLU 173 ? OE2 ? A GLU 39  OE2 
13 1 Y 1 A ASN 185 ? CG  ? A ASN 51  CG  
14 1 Y 1 A ASN 185 ? OD1 ? A ASN 51  OD1 
15 1 Y 1 A ASN 185 ? ND2 ? A ASN 51  ND2 
16 1 Y 1 A GLU 205 ? CG  ? A GLU 71  CG  
17 1 Y 1 A GLU 205 ? CD  ? A GLU 71  CD  
18 1 Y 1 A GLU 205 ? OE1 ? A GLU 71  OE1 
19 1 Y 1 A GLU 205 ? OE2 ? A GLU 71  OE2 
20 1 Y 1 A LYS 213 ? CD  ? A LYS 79  CD  
21 1 Y 1 A LYS 213 ? CE  ? A LYS 79  CE  
22 1 Y 1 A LYS 213 ? NZ  ? A LYS 79  NZ  
23 1 Y 1 A LYS 229 ? CE  ? A LYS 95  CE  
24 1 Y 1 A LYS 229 ? NZ  ? A LYS 95  NZ  
25 1 Y 1 A LYS 233 ? CE  ? A LYS 99  CE  
26 1 Y 1 A LYS 233 ? NZ  ? A LYS 99  NZ  
27 1 Y 1 A LYS 243 ? CD  ? A LYS 109 CD  
28 1 Y 1 A LYS 243 ? CE  ? A LYS 109 CE  
29 1 Y 1 A LYS 243 ? NZ  ? A LYS 109 NZ  
30 1 Y 1 A LYS 306 ? CD  ? A LYS 172 CD  
31 1 Y 1 A LYS 306 ? CE  ? A LYS 172 CE  
32 1 Y 1 A LYS 306 ? NZ  ? A LYS 172 NZ  
33 1 Y 1 A MET 313 ? CE  ? A MET 179 CE  
# 
loop_
_software.name 
_software.classification 
_software.version 
_software.citation_id 
_software.pdbx_ordinal 
REFMAC    refinement       5.2.0009 ? 1 
DENZO     'data reduction' .        ? 2 
SCALEPACK 'data scaling'   .        ? 3 
MLPHARE   phasing          .        ? 4 
# 
_cell.entry_id           1ZYO 
_cell.length_a           74.072 
_cell.length_b           74.072 
_cell.length_c           68.753 
_cell.angle_alpha        90.00 
_cell.angle_beta         90.00 
_cell.angle_gamma        120.00 
_cell.Z_PDB              6 
_cell.pdbx_unique_axis   ? 
_cell.length_a_esd       ? 
_cell.length_b_esd       ? 
_cell.length_c_esd       ? 
_cell.angle_alpha_esd    ? 
_cell.angle_beta_esd     ? 
_cell.angle_gamma_esd    ? 
# 
_symmetry.entry_id                         1ZYO 
_symmetry.space_group_name_H-M             'P 31 2 1' 
_symmetry.pdbx_full_space_group_name_H-M   ? 
_symmetry.cell_setting                     ? 
_symmetry.Int_Tables_number                152 
_symmetry.space_group_name_Hall            ? 
# 
_exptl.entry_id          1ZYO 
_exptl.method            'X-RAY DIFFRACTION' 
_exptl.crystals_number   1 
# 
_exptl_crystal.id                    1 
_exptl_crystal.density_meas          ? 
_exptl_crystal.density_Matthews      2.5 
_exptl_crystal.density_percent_sol   52 
_exptl_crystal.description           ? 
_exptl_crystal.F_000                 ? 
_exptl_crystal.preparation           ? 
# 
_exptl_crystal_grow.crystal_id      1 
_exptl_crystal_grow.method          MICROBATCH 
_exptl_crystal_grow.temp            298 
_exptl_crystal_grow.temp_details    ? 
_exptl_crystal_grow.pH              8.0 
_exptl_crystal_grow.pdbx_details    
'0.2M Tris pH 8.0, 0.2M ammonium sulphate, 0.6M 1,6-hexane diol, 5mM mercaptoethanol, 4% glycerol, microbatch, temperature 298K' 
_exptl_crystal_grow.pdbx_pH_range   . 
# 
_diffrn.id                     1 
_diffrn.ambient_temp           100 
_diffrn.ambient_temp_details   ? 
_diffrn.crystal_id             1 
# 
_diffrn_detector.diffrn_id              1 
_diffrn_detector.detector               'IMAGE PLATE' 
_diffrn_detector.type                   MARRESEARCH 
_diffrn_detector.pdbx_collection_date   2004-05-02 
_diffrn_detector.details                'Osmic mirror' 
# 
_diffrn_radiation.diffrn_id                        1 
_diffrn_radiation.wavelength_id                    1 
_diffrn_radiation.pdbx_monochromatic_or_laue_m_l   M 
_diffrn_radiation.monochromator                    'osmic mirror' 
_diffrn_radiation.pdbx_diffrn_protocol             'SINGLE WAVELENGTH' 
_diffrn_radiation.pdbx_scattering_type             x-ray 
# 
_diffrn_radiation_wavelength.id           1 
_diffrn_radiation_wavelength.wavelength   1.5418 
_diffrn_radiation_wavelength.wt           1.0 
# 
_diffrn_source.diffrn_id                   1 
_diffrn_source.source                      'ROTATING ANODE' 
_diffrn_source.type                        'RIGAKU RU200' 
_diffrn_source.pdbx_synchrotron_site       ? 
_diffrn_source.pdbx_synchrotron_beamline   ? 
_diffrn_source.pdbx_wavelength             ? 
_diffrn_source.pdbx_wavelength_list        1.5418 
# 
_reflns.entry_id                     1ZYO 
_reflns.observed_criterion_sigma_F   0.0 
_reflns.observed_criterion_sigma_I   0.0 
_reflns.d_resolution_high            2.3 
_reflns.d_resolution_low             50 
_reflns.number_all                   9999 
_reflns.number_obs                   9272 
_reflns.percent_possible_obs         92.73 
_reflns.pdbx_Rmerge_I_obs            0.055 
_reflns.pdbx_Rsym_value              ? 
_reflns.pdbx_netI_over_sigmaI        32.13 
_reflns.B_iso_Wilson_estimate        45.6 
_reflns.pdbx_redundancy              7.12 
_reflns.R_free_details               ? 
_reflns.limit_h_max                  ? 
_reflns.limit_h_min                  ? 
_reflns.limit_k_max                  ? 
_reflns.limit_k_min                  ? 
_reflns.limit_l_max                  ? 
_reflns.limit_l_min                  ? 
_reflns.observed_criterion_F_max     ? 
_reflns.observed_criterion_F_min     ? 
_reflns.pdbx_chi_squared             ? 
_reflns.pdbx_scaling_rejects         ? 
_reflns.pdbx_ordinal                 1 
_reflns.pdbx_diffrn_id               1 
# 
_reflns_shell.d_res_high             2.3 
_reflns_shell.d_res_low              2.38 
_reflns_shell.percent_possible_all   56.5 
_reflns_shell.Rmerge_I_obs           0.266 
_reflns_shell.pdbx_Rsym_value        ? 
_reflns_shell.meanI_over_sigI_obs    3.8 
_reflns_shell.pdbx_redundancy        4.09 
_reflns_shell.percent_possible_obs   ? 
_reflns_shell.number_unique_all      554 
_reflns_shell.number_measured_all    ? 
_reflns_shell.number_measured_obs    ? 
_reflns_shell.number_unique_obs      ? 
_reflns_shell.pdbx_chi_squared       ? 
_reflns_shell.pdbx_ordinal           1 
_reflns_shell.pdbx_diffrn_id         1 
# 
_refine.entry_id                                 1ZYO 
_refine.ls_number_reflns_obs                     7759 
_refine.ls_number_reflns_all                     9272 
_refine.pdbx_ls_sigma_I                          0.0 
_refine.pdbx_ls_sigma_F                          0.0 
_refine.pdbx_data_cutoff_high_absF               ? 
_refine.pdbx_data_cutoff_low_absF                ? 
_refine.pdbx_data_cutoff_high_rms_absF           ? 
_refine.ls_d_res_low                             20 
_refine.ls_d_res_high                            2.40 
_refine.ls_percent_reflns_obs                    93.06 
_refine.ls_R_factor_obs                          0.25234 
_refine.ls_R_factor_all                          0.25234 
_refine.ls_R_factor_R_work                       0.2502 
_refine.ls_R_factor_R_free                       0.28821 
_refine.ls_R_factor_R_free_error                 ? 
_refine.ls_R_factor_R_free_error_details         ? 
_refine.ls_percent_reflns_R_free                 5.6 
_refine.ls_number_reflns_R_free                  459 
_refine.ls_number_parameters                     ? 
_refine.ls_number_restraints                     ? 
_refine.occupancy_min                            ? 
_refine.occupancy_max                            ? 
_refine.correlation_coeff_Fo_to_Fc               0.917 
_refine.correlation_coeff_Fo_to_Fc_free          0.904 
_refine.B_iso_mean                               39.831 
_refine.aniso_B[1][1]                            2.78 
_refine.aniso_B[2][2]                            2.78 
_refine.aniso_B[3][3]                            -4.16 
_refine.aniso_B[1][2]                            1.39 
_refine.aniso_B[1][3]                            0.00 
_refine.aniso_B[2][3]                            0.00 
_refine.solvent_model_details                    MASK 
_refine.solvent_model_param_ksol                 ? 
_refine.solvent_model_param_bsol                 ? 
_refine.pdbx_solvent_vdw_probe_radii             1.20 
_refine.pdbx_solvent_ion_probe_radii             0.80 
_refine.pdbx_solvent_shrinkage_radii             0.80 
_refine.pdbx_ls_cross_valid_method               THROUGHOUT 
_refine.details                                  'HYDROGENS HAVE BEEN ADDED IN THE RIDING POSITIONS' 
_refine.pdbx_starting_model                      ? 
_refine.pdbx_method_to_determine_struct          MIRAS 
_refine.pdbx_isotropic_thermal_model             Isotropic 
_refine.pdbx_stereochemistry_target_values       'MAXIMUM LIKELIHOOD WITH PHASES' 
_refine.pdbx_stereochem_target_val_spec_case     ? 
_refine.pdbx_R_Free_selection_details            RANDOM 
_refine.pdbx_overall_ESU_R                       0.503 
_refine.pdbx_overall_ESU_R_Free                  0.306 
_refine.overall_SU_ML                            0.251 
_refine.overall_SU_B                             10.879 
_refine.ls_redundancy_reflns_obs                 ? 
_refine.B_iso_min                                ? 
_refine.B_iso_max                                ? 
_refine.overall_SU_R_Cruickshank_DPI             ? 
_refine.overall_SU_R_free                        ? 
_refine.ls_wR_factor_R_free                      ? 
_refine.ls_wR_factor_R_work                      ? 
_refine.overall_FOM_free_R_set                   ? 
_refine.overall_FOM_work_R_set                   ? 
_refine.pdbx_refine_id                           'X-RAY DIFFRACTION' 
_refine.pdbx_diffrn_id                           1 
_refine.pdbx_TLS_residual_ADP_flag               ? 
_refine.pdbx_overall_phase_error                 ? 
_refine.pdbx_overall_SU_R_free_Cruickshank_DPI   ? 
_refine.pdbx_overall_SU_R_Blow_DPI               ? 
_refine.pdbx_overall_SU_R_free_Blow_DPI          ? 
# 
_refine_hist.pdbx_refine_id                   'X-RAY DIFFRACTION' 
_refine_hist.cycle_id                         LAST 
_refine_hist.pdbx_number_atoms_protein        1346 
_refine_hist.pdbx_number_atoms_nucleic_acid   0 
_refine_hist.pdbx_number_atoms_ligand         6 
_refine_hist.number_atoms_solvent             45 
_refine_hist.number_atoms_total               1397 
_refine_hist.d_res_high                       2.40 
_refine_hist.d_res_low                        20 
# 
loop_
_refine_ls_restr.type 
_refine_ls_restr.dev_ideal 
_refine_ls_restr.dev_ideal_target 
_refine_ls_restr.weight 
_refine_ls_restr.number 
_refine_ls_restr.pdbx_refine_id 
_refine_ls_restr.pdbx_restraint_function 
r_bond_refined_d             0.008  0.021  ? 1385 'X-RAY DIFFRACTION' ? 
r_bond_other_d               ?      ?      ? ?    'X-RAY DIFFRACTION' ? 
r_angle_refined_deg          1.211  1.945  ? 1885 'X-RAY DIFFRACTION' ? 
r_angle_other_deg            ?      ?      ? ?    'X-RAY DIFFRACTION' ? 
r_dihedral_angle_1_deg       6.650  5.000  ? 182  'X-RAY DIFFRACTION' ? 
r_dihedral_angle_2_deg       25.145 22.326 ? 43   'X-RAY DIFFRACTION' ? 
r_dihedral_angle_3_deg       16.530 15.000 ? 205  'X-RAY DIFFRACTION' ? 
r_dihedral_angle_4_deg       14.767 15.000 ? 6    'X-RAY DIFFRACTION' ? 
r_chiral_restr               0.079  0.200  ? 217  'X-RAY DIFFRACTION' ? 
r_gen_planes_refined         0.003  0.020  ? 1020 'X-RAY DIFFRACTION' ? 
r_gen_planes_other           ?      ?      ? ?    'X-RAY DIFFRACTION' ? 
r_nbd_refined                0.197  0.200  ? 618  'X-RAY DIFFRACTION' ? 
r_nbd_other                  ?      ?      ? ?    'X-RAY DIFFRACTION' ? 
r_nbtor_refined              0.301  0.200  ? 949  'X-RAY DIFFRACTION' ? 
r_nbtor_other                ?      ?      ? ?    'X-RAY DIFFRACTION' ? 
r_xyhbond_nbd_refined        0.124  0.200  ? 75   'X-RAY DIFFRACTION' ? 
r_xyhbond_nbd_other          ?      ?      ? ?    'X-RAY DIFFRACTION' ? 
r_metal_ion_refined          ?      ?      ? ?    'X-RAY DIFFRACTION' ? 
r_metal_ion_other            ?      ?      ? ?    'X-RAY DIFFRACTION' ? 
r_symmetry_vdw_refined       0.223  0.200  ? 38   'X-RAY DIFFRACTION' ? 
r_symmetry_vdw_other         ?      ?      ? ?    'X-RAY DIFFRACTION' ? 
r_symmetry_hbond_refined     0.080  0.200  ? 11   'X-RAY DIFFRACTION' ? 
r_symmetry_hbond_other       ?      ?      ? ?    'X-RAY DIFFRACTION' ? 
r_symmetry_metal_ion_refined ?      ?      ? ?    'X-RAY DIFFRACTION' ? 
r_symmetry_metal_ion_other   ?      ?      ? ?    'X-RAY DIFFRACTION' ? 
r_mcbond_it                  0.518  1.500  ? 924  'X-RAY DIFFRACTION' ? 
r_mcbond_other               ?      ?      ? ?    'X-RAY DIFFRACTION' ? 
r_mcangle_it                 0.924  2.000  ? 1462 'X-RAY DIFFRACTION' ? 
r_scbond_it                  0.990  3.000  ? 533  'X-RAY DIFFRACTION' ? 
r_scangle_it                 1.672  4.500  ? 423  'X-RAY DIFFRACTION' ? 
r_rigid_bond_restr           ?      ?      ? ?    'X-RAY DIFFRACTION' ? 
r_sphericity_free            ?      ?      ? ?    'X-RAY DIFFRACTION' ? 
r_sphericity_bonded          ?      ?      ? ?    'X-RAY DIFFRACTION' ? 
# 
_refine_ls_shell.pdbx_total_number_of_bins_used   20 
_refine_ls_shell.d_res_high                       2.400 
_refine_ls_shell.d_res_low                        2.462 
_refine_ls_shell.number_reflns_R_work             402 
_refine_ls_shell.R_factor_R_work                  0.351 
_refine_ls_shell.percent_reflns_obs               66.98 
_refine_ls_shell.R_factor_R_free                  0.355 
_refine_ls_shell.R_factor_R_free_error            ? 
_refine_ls_shell.percent_reflns_R_free            ? 
_refine_ls_shell.number_reflns_R_free             30 
_refine_ls_shell.number_reflns_obs                ? 
_refine_ls_shell.redundancy_reflns_obs            ? 
_refine_ls_shell.number_reflns_all                ? 
_refine_ls_shell.R_factor_all                     ? 
_refine_ls_shell.pdbx_refine_id                   'X-RAY DIFFRACTION' 
# 
_struct.entry_id                  1ZYO 
_struct.title                     'Crystal Structure of the Serine Protease Domain of Sesbania Mosaic Virus polyprotein' 
_struct.pdbx_model_details        ? 
_struct.pdbx_CASP_flag            ? 
_struct.pdbx_model_type_details   ? 
# 
_struct_keywords.entry_id        1ZYO 
_struct_keywords.pdbx_keywords   HYDROLASE 
_struct_keywords.text            'viral serine protease of trypsin fold, beta-barrel, glutamyl endopeptidase, HYDROLASE' 
# 
loop_
_struct_asym.id 
_struct_asym.pdbx_blank_PDB_chainid_flag 
_struct_asym.pdbx_modified 
_struct_asym.entity_id 
_struct_asym.details 
A N N 1 ? 
B N N 2 ? 
C N N 3 ? 
# 
_struct_ref.id                         1 
_struct_ref.db_name                    UNP 
_struct_ref.db_code                    Q9EB08_9VIRU 
_struct_ref.pdbx_db_accession          Q9EB08 
_struct_ref.entity_id                  1 
_struct_ref.pdbx_align_begin           135 
_struct_ref.pdbx_db_isoform            ? 
_struct_ref.pdbx_seq_one_letter_code   ? 
# 
_struct_ref_seq.align_id                      1 
_struct_ref_seq.ref_id                        1 
_struct_ref_seq.pdbx_PDB_id_code              1ZYO 
_struct_ref_seq.pdbx_strand_id                A 
_struct_ref_seq.seq_align_beg                 1 
_struct_ref_seq.pdbx_seq_align_beg_ins_code   ? 
_struct_ref_seq.seq_align_end                 191 
_struct_ref_seq.pdbx_seq_align_end_ins_code   ? 
_struct_ref_seq.pdbx_db_accession             Q9EB08 
_struct_ref_seq.db_align_beg                  135 
_struct_ref_seq.pdbx_db_align_beg_ins_code    ? 
_struct_ref_seq.db_align_end                  325 
_struct_ref_seq.pdbx_db_align_end_ins_code    ? 
_struct_ref_seq.pdbx_auth_seq_align_beg       135 
_struct_ref_seq.pdbx_auth_seq_align_end       325 
# 
_pdbx_struct_assembly.id                   1 
_pdbx_struct_assembly.details              author_defined_assembly 
_pdbx_struct_assembly.method_details       ? 
_pdbx_struct_assembly.oligomeric_details   monomeric 
_pdbx_struct_assembly.oligomeric_count     1 
# 
_pdbx_struct_assembly_gen.assembly_id       1 
_pdbx_struct_assembly_gen.oper_expression   1 
_pdbx_struct_assembly_gen.asym_id_list      A,B,C 
# 
_pdbx_struct_oper_list.id                   1 
_pdbx_struct_oper_list.type                 'identity operation' 
_pdbx_struct_oper_list.name                 1_555 
_pdbx_struct_oper_list.symmetry_operation   x,y,z 
_pdbx_struct_oper_list.matrix[1][1]         1.0000000000 
_pdbx_struct_oper_list.matrix[1][2]         0.0000000000 
_pdbx_struct_oper_list.matrix[1][3]         0.0000000000 
_pdbx_struct_oper_list.vector[1]            0.0000000000 
_pdbx_struct_oper_list.matrix[2][1]         0.0000000000 
_pdbx_struct_oper_list.matrix[2][2]         1.0000000000 
_pdbx_struct_oper_list.matrix[2][3]         0.0000000000 
_pdbx_struct_oper_list.vector[2]            0.0000000000 
_pdbx_struct_oper_list.matrix[3][1]         0.0000000000 
_pdbx_struct_oper_list.matrix[3][2]         0.0000000000 
_pdbx_struct_oper_list.matrix[3][3]         1.0000000000 
_pdbx_struct_oper_list.vector[3]            0.0000000000 
# 
_struct_biol.id   1 
# 
loop_
_struct_conf.conf_type_id 
_struct_conf.id 
_struct_conf.pdbx_PDB_helix_id 
_struct_conf.beg_label_comp_id 
_struct_conf.beg_label_asym_id 
_struct_conf.beg_label_seq_id 
_struct_conf.pdbx_beg_PDB_ins_code 
_struct_conf.end_label_comp_id 
_struct_conf.end_label_asym_id 
_struct_conf.end_label_seq_id 
_struct_conf.pdbx_end_PDB_ins_code 
_struct_conf.beg_auth_comp_id 
_struct_conf.beg_auth_asym_id 
_struct_conf.beg_auth_seq_id 
_struct_conf.end_auth_comp_id 
_struct_conf.end_auth_asym_id 
_struct_conf.end_auth_seq_id 
_struct_conf.pdbx_PDB_helix_class 
_struct_conf.details 
_struct_conf.pdbx_PDB_helix_length 
HELX_P HELX_P1 1 ALA A 45  ? CYS A 50  ? ALA A 179 CYS A 184 1 ? 6 
HELX_P HELX_P2 2 PRO A 89  ? GLY A 97  ? PRO A 223 GLY A 231 1 ? 9 
HELX_P HELX_P3 3 ASN A 178 ? LEU A 186 ? ASN A 312 LEU A 320 1 ? 9 
# 
_struct_conf_type.id          HELX_P 
_struct_conf_type.criteria    ? 
_struct_conf_type.reference   ? 
# 
loop_
_struct_conn.id 
_struct_conn.conn_type_id 
_struct_conn.pdbx_leaving_atom_flag 
_struct_conn.pdbx_PDB_id 
_struct_conn.ptnr1_label_asym_id 
_struct_conn.ptnr1_label_comp_id 
_struct_conn.ptnr1_label_seq_id 
_struct_conn.ptnr1_label_atom_id 
_struct_conn.pdbx_ptnr1_label_alt_id 
_struct_conn.pdbx_ptnr1_PDB_ins_code 
_struct_conn.pdbx_ptnr1_standard_comp_id 
_struct_conn.ptnr1_symmetry 
_struct_conn.ptnr2_label_asym_id 
_struct_conn.ptnr2_label_comp_id 
_struct_conn.ptnr2_label_seq_id 
_struct_conn.ptnr2_label_atom_id 
_struct_conn.pdbx_ptnr2_label_alt_id 
_struct_conn.pdbx_ptnr2_PDB_ins_code 
_struct_conn.ptnr1_auth_asym_id 
_struct_conn.ptnr1_auth_comp_id 
_struct_conn.ptnr1_auth_seq_id 
_struct_conn.ptnr2_auth_asym_id 
_struct_conn.ptnr2_auth_comp_id 
_struct_conn.ptnr2_auth_seq_id 
_struct_conn.ptnr2_symmetry 
_struct_conn.pdbx_ptnr3_label_atom_id 
_struct_conn.pdbx_ptnr3_label_seq_id 
_struct_conn.pdbx_ptnr3_label_comp_id 
_struct_conn.pdbx_ptnr3_label_asym_id 
_struct_conn.pdbx_ptnr3_label_alt_id 
_struct_conn.pdbx_ptnr3_PDB_ins_code 
_struct_conn.details 
_struct_conn.pdbx_dist_value 
_struct_conn.pdbx_value_order 
_struct_conn.pdbx_role 
disulf1 disulf ? ? A CYS 114 SG ? ? ? 1_555 A CYS 143 SG ? ? A CYS 248 A CYS 277 1_555 ? ? ? ? ? ? ? 2.030 ? ? 
disulf2 disulf ? ? A CYS 122 SG ? ? ? 1_555 A CYS 122 SG ? ? A CYS 256 A CYS 256 5_674 ? ? ? ? ? ? ? 2.664 ? ? 
# 
_struct_conn_type.id          disulf 
_struct_conn_type.criteria    ? 
_struct_conn_type.reference   ? 
# 
loop_
_pdbx_modification_feature.ordinal 
_pdbx_modification_feature.label_comp_id 
_pdbx_modification_feature.label_asym_id 
_pdbx_modification_feature.label_seq_id 
_pdbx_modification_feature.label_alt_id 
_pdbx_modification_feature.modified_residue_label_comp_id 
_pdbx_modification_feature.modified_residue_label_asym_id 
_pdbx_modification_feature.modified_residue_label_seq_id 
_pdbx_modification_feature.modified_residue_label_alt_id 
_pdbx_modification_feature.auth_comp_id 
_pdbx_modification_feature.auth_asym_id 
_pdbx_modification_feature.auth_seq_id 
_pdbx_modification_feature.PDB_ins_code 
_pdbx_modification_feature.symmetry 
_pdbx_modification_feature.modified_residue_auth_comp_id 
_pdbx_modification_feature.modified_residue_auth_asym_id 
_pdbx_modification_feature.modified_residue_auth_seq_id 
_pdbx_modification_feature.modified_residue_PDB_ins_code 
_pdbx_modification_feature.modified_residue_symmetry 
_pdbx_modification_feature.comp_id_linking_atom 
_pdbx_modification_feature.modified_residue_id_linking_atom 
_pdbx_modification_feature.modified_residue_id 
_pdbx_modification_feature.ref_pcm_id 
_pdbx_modification_feature.ref_comp_id 
_pdbx_modification_feature.type 
_pdbx_modification_feature.category 
1 CYS A 114 ? CYS A 143 ? CYS A 248 ? 1_555 CYS A 277 ? 1_555 SG SG . . . None 'Disulfide bridge' 
2 CYS A 122 ? CYS A 122 ? CYS A 256 ? 1_555 CYS A 256 ? 5_674 SG SG . . . None 'Disulfide bridge' 
# 
loop_
_struct_sheet.id 
_struct_sheet.type 
_struct_sheet.number_strands 
_struct_sheet.details 
A ? 8 ? 
B ? 7 ? 
# 
loop_
_struct_sheet_order.sheet_id 
_struct_sheet_order.range_id_1 
_struct_sheet_order.range_id_2 
_struct_sheet_order.offset 
_struct_sheet_order.sense 
A 1 2 ? anti-parallel 
A 2 3 ? anti-parallel 
A 3 4 ? anti-parallel 
A 4 5 ? anti-parallel 
A 5 6 ? anti-parallel 
A 6 7 ? anti-parallel 
A 7 8 ? anti-parallel 
B 1 2 ? anti-parallel 
B 2 3 ? anti-parallel 
B 3 4 ? anti-parallel 
B 4 5 ? anti-parallel 
B 5 6 ? anti-parallel 
B 6 7 ? anti-parallel 
# 
loop_
_struct_sheet_range.sheet_id 
_struct_sheet_range.id 
_struct_sheet_range.beg_label_comp_id 
_struct_sheet_range.beg_label_asym_id 
_struct_sheet_range.beg_label_seq_id 
_struct_sheet_range.pdbx_beg_PDB_ins_code 
_struct_sheet_range.end_label_comp_id 
_struct_sheet_range.end_label_asym_id 
_struct_sheet_range.end_label_seq_id 
_struct_sheet_range.pdbx_end_PDB_ins_code 
_struct_sheet_range.beg_auth_comp_id 
_struct_sheet_range.beg_auth_asym_id 
_struct_sheet_range.beg_auth_seq_id 
_struct_sheet_range.end_auth_comp_id 
_struct_sheet_range.end_auth_asym_id 
_struct_sheet_range.end_auth_seq_id 
A 1 SER A 7   ? VAL A 9   ? SER A 141 VAL A 143 
A 2 LEU A 123 ? THR A 132 ? LEU A 257 THR A 266 
A 3 LYS A 138 ? HIS A 141 ? LYS A 272 HIS A 275 
A 4 LEU A 173 ? VAL A 177 ? LEU A 307 VAL A 311 
A 5 VAL A 160 ? GLU A 169 ? VAL A 294 GLU A 303 
A 6 PRO A 153 ? TYR A 155 ? PRO A 287 TYR A 289 
A 7 ASP A 110 ? GLY A 117 ? ASP A 244 GLY A 251 
A 8 LEU A 123 ? THR A 132 ? LEU A 257 THR A 266 
B 1 LYS A 63  ? SER A 66  ? LYS A 197 SER A 200 
B 2 GLY A 57  ? LYS A 60  ? GLY A 191 LYS A 194 
B 3 LEU A 18  ? SER A 23  ? LEU A 152 SER A 157 
B 4 THR A 26  ? THR A 34  ? THR A 160 THR A 168 
B 5 CYS A 41  ? THR A 44  ? CYS A 175 THR A 178 
B 6 PHE A 83  ? ARG A 87  ? PHE A 217 ARG A 221 
B 7 GLU A 71  ? SER A 76  ? GLU A 205 SER A 210 
# 
loop_
_pdbx_struct_sheet_hbond.sheet_id 
_pdbx_struct_sheet_hbond.range_id_1 
_pdbx_struct_sheet_hbond.range_id_2 
_pdbx_struct_sheet_hbond.range_1_label_atom_id 
_pdbx_struct_sheet_hbond.range_1_label_comp_id 
_pdbx_struct_sheet_hbond.range_1_label_asym_id 
_pdbx_struct_sheet_hbond.range_1_label_seq_id 
_pdbx_struct_sheet_hbond.range_1_PDB_ins_code 
_pdbx_struct_sheet_hbond.range_1_auth_atom_id 
_pdbx_struct_sheet_hbond.range_1_auth_comp_id 
_pdbx_struct_sheet_hbond.range_1_auth_asym_id 
_pdbx_struct_sheet_hbond.range_1_auth_seq_id 
_pdbx_struct_sheet_hbond.range_2_label_atom_id 
_pdbx_struct_sheet_hbond.range_2_label_comp_id 
_pdbx_struct_sheet_hbond.range_2_label_asym_id 
_pdbx_struct_sheet_hbond.range_2_label_seq_id 
_pdbx_struct_sheet_hbond.range_2_PDB_ins_code 
_pdbx_struct_sheet_hbond.range_2_auth_atom_id 
_pdbx_struct_sheet_hbond.range_2_auth_comp_id 
_pdbx_struct_sheet_hbond.range_2_auth_asym_id 
_pdbx_struct_sheet_hbond.range_2_auth_seq_id 
A 1 2 N VAL A 9   ? N VAL A 143 O LEU A 123 ? O LEU A 257 
A 2 3 N SER A 131 ? N SER A 265 O THR A 140 ? O THR A 274 
A 3 4 N LEU A 139 ? N LEU A 273 O GLY A 176 ? O GLY A 310 
A 4 5 O LEU A 173 ? O LEU A 307 N GLU A 168 ? N GLU A 302 
A 5 6 O GLY A 162 ? O GLY A 296 N LEU A 154 ? N LEU A 288 
A 6 7 O TYR A 155 ? O TYR A 289 N THR A 113 ? N THR A 247 
A 7 8 N GLY A 116 ? N GLY A 250 O MET A 124 ? O MET A 258 
B 1 2 O VAL A 65  ? O VAL A 199 N LEU A 58  ? N LEU A 192 
B 2 3 O ALA A 59  ? O ALA A 193 N ALA A 20  ? N ALA A 154 
B 3 4 N SER A 23  ? N SER A 157 O THR A 26  ? O THR A 160 
B 4 5 N THR A 34  ? N THR A 168 O CYS A 41  ? O CYS A 175 
B 5 6 N LEU A 42  ? N LEU A 176 O VAL A 86  ? O VAL A 220 
B 6 7 O ILE A 85  ? O ILE A 219 N MET A 74  ? N MET A 208 
# 
_struct_site.id                   AC1 
_struct_site.pdbx_evidence_code   Software 
_struct_site.pdbx_auth_asym_id    A 
_struct_site.pdbx_auth_comp_id    GOL 
_struct_site.pdbx_auth_seq_id     500 
_struct_site.pdbx_auth_ins_code   ? 
_struct_site.pdbx_num_residues    5 
_struct_site.details              'BINDING SITE FOR RESIDUE GOL A 500' 
# 
loop_
_struct_site_gen.id 
_struct_site_gen.site_id 
_struct_site_gen.pdbx_num_res 
_struct_site_gen.label_comp_id 
_struct_site_gen.label_asym_id 
_struct_site_gen.label_seq_id 
_struct_site_gen.pdbx_auth_ins_code 
_struct_site_gen.auth_comp_id 
_struct_site_gen.auth_asym_id 
_struct_site_gen.auth_seq_id 
_struct_site_gen.label_atom_id 
_struct_site_gen.label_alt_id 
_struct_site_gen.symmetry 
_struct_site_gen.details 
1 AC1 5 HIS A 47  ? HIS A 181 . ? 1_555 ? 
2 AC1 5 ALA A 146 ? ALA A 280 . ? 1_555 ? 
3 AC1 5 GLY A 148 ? GLY A 282 . ? 1_555 ? 
4 AC1 5 SER A 150 ? SER A 284 . ? 1_555 ? 
5 AC1 5 HIS A 164 ? HIS A 298 . ? 1_555 ? 
# 
_pdbx_entry_details.entry_id                   1ZYO 
_pdbx_entry_details.compound_details           ? 
_pdbx_entry_details.source_details             ? 
_pdbx_entry_details.nonpolymer_details         ? 
_pdbx_entry_details.sequence_details           ? 
_pdbx_entry_details.has_ligand_of_interest     ? 
_pdbx_entry_details.has_protein_modification   Y 
# 
loop_
_pdbx_validate_torsion.id 
_pdbx_validate_torsion.PDB_model_num 
_pdbx_validate_torsion.auth_comp_id 
_pdbx_validate_torsion.auth_asym_id 
_pdbx_validate_torsion.auth_seq_id 
_pdbx_validate_torsion.PDB_ins_code 
_pdbx_validate_torsion.label_alt_id 
_pdbx_validate_torsion.phi 
_pdbx_validate_torsion.psi 
1 1 SER A 186 ? ? -103.56 -169.63 
2 1 ASP A 203 ? ? -66.90  73.52   
3 1 LYS A 213 ? ? -32.73  -35.96  
4 1 SER A 241 ? ? -127.24 -168.17 
5 1 CYS A 256 ? ? -112.12 60.44   
6 1 ILE A 304 ? ? -56.17  108.48  
# 
_pdbx_struct_special_symmetry.id              1 
_pdbx_struct_special_symmetry.PDB_model_num   1 
_pdbx_struct_special_symmetry.auth_asym_id    A 
_pdbx_struct_special_symmetry.auth_comp_id    HOH 
_pdbx_struct_special_symmetry.auth_seq_id     13 
_pdbx_struct_special_symmetry.PDB_ins_code    ? 
_pdbx_struct_special_symmetry.label_asym_id   C 
_pdbx_struct_special_symmetry.label_comp_id   HOH 
_pdbx_struct_special_symmetry.label_seq_id    . 
# 
loop_
_pdbx_unobs_or_zero_occ_residues.id 
_pdbx_unobs_or_zero_occ_residues.PDB_model_num 
_pdbx_unobs_or_zero_occ_residues.polymer_flag 
_pdbx_unobs_or_zero_occ_residues.occupancy_flag 
_pdbx_unobs_or_zero_occ_residues.auth_asym_id 
_pdbx_unobs_or_zero_occ_residues.auth_comp_id 
_pdbx_unobs_or_zero_occ_residues.auth_seq_id 
_pdbx_unobs_or_zero_occ_residues.PDB_ins_code 
_pdbx_unobs_or_zero_occ_residues.label_asym_id 
_pdbx_unobs_or_zero_occ_residues.label_comp_id 
_pdbx_unobs_or_zero_occ_residues.label_seq_id 
1 1 Y 1 A VAL 135 ? A VAL 1   
2 1 Y 1 A LEU 136 ? A LEU 2   
3 1 Y 1 A GLY 137 ? A GLY 3   
4 1 Y 1 A ASP 171 ? A ASP 37  
5 1 Y 1 A GLY 172 ? A GLY 38  
6 1 Y 1 A ASN 324 ? A ASN 190 
7 1 Y 1 A GLU 325 ? A GLU 191 
# 
loop_
_chem_comp_atom.comp_id 
_chem_comp_atom.atom_id 
_chem_comp_atom.type_symbol 
_chem_comp_atom.pdbx_aromatic_flag 
_chem_comp_atom.pdbx_stereo_config 
_chem_comp_atom.pdbx_ordinal 
ALA N    N N N 1   
ALA CA   C N S 2   
ALA C    C N N 3   
ALA O    O N N 4   
ALA CB   C N N 5   
ALA OXT  O N N 6   
ALA H    H N N 7   
ALA H2   H N N 8   
ALA HA   H N N 9   
ALA HB1  H N N 10  
ALA HB2  H N N 11  
ALA HB3  H N N 12  
ALA HXT  H N N 13  
ARG N    N N N 14  
ARG CA   C N S 15  
ARG C    C N N 16  
ARG O    O N N 17  
ARG CB   C N N 18  
ARG CG   C N N 19  
ARG CD   C N N 20  
ARG NE   N N N 21  
ARG CZ   C N N 22  
ARG NH1  N N N 23  
ARG NH2  N N N 24  
ARG OXT  O N N 25  
ARG H    H N N 26  
ARG H2   H N N 27  
ARG HA   H N N 28  
ARG HB2  H N N 29  
ARG HB3  H N N 30  
ARG HG2  H N N 31  
ARG HG3  H N N 32  
ARG HD2  H N N 33  
ARG HD3  H N N 34  
ARG HE   H N N 35  
ARG HH11 H N N 36  
ARG HH12 H N N 37  
ARG HH21 H N N 38  
ARG HH22 H N N 39  
ARG HXT  H N N 40  
ASN N    N N N 41  
ASN CA   C N S 42  
ASN C    C N N 43  
ASN O    O N N 44  
ASN CB   C N N 45  
ASN CG   C N N 46  
ASN OD1  O N N 47  
ASN ND2  N N N 48  
ASN OXT  O N N 49  
ASN H    H N N 50  
ASN H2   H N N 51  
ASN HA   H N N 52  
ASN HB2  H N N 53  
ASN HB3  H N N 54  
ASN HD21 H N N 55  
ASN HD22 H N N 56  
ASN HXT  H N N 57  
ASP N    N N N 58  
ASP CA   C N S 59  
ASP C    C N N 60  
ASP O    O N N 61  
ASP CB   C N N 62  
ASP CG   C N N 63  
ASP OD1  O N N 64  
ASP OD2  O N N 65  
ASP OXT  O N N 66  
ASP H    H N N 67  
ASP H2   H N N 68  
ASP HA   H N N 69  
ASP HB2  H N N 70  
ASP HB3  H N N 71  
ASP HD2  H N N 72  
ASP HXT  H N N 73  
CYS N    N N N 74  
CYS CA   C N R 75  
CYS C    C N N 76  
CYS O    O N N 77  
CYS CB   C N N 78  
CYS SG   S N N 79  
CYS OXT  O N N 80  
CYS H    H N N 81  
CYS H2   H N N 82  
CYS HA   H N N 83  
CYS HB2  H N N 84  
CYS HB3  H N N 85  
CYS HG   H N N 86  
CYS HXT  H N N 87  
GLN N    N N N 88  
GLN CA   C N S 89  
GLN C    C N N 90  
GLN O    O N N 91  
GLN CB   C N N 92  
GLN CG   C N N 93  
GLN CD   C N N 94  
GLN OE1  O N N 95  
GLN NE2  N N N 96  
GLN OXT  O N N 97  
GLN H    H N N 98  
GLN H2   H N N 99  
GLN HA   H N N 100 
GLN HB2  H N N 101 
GLN HB3  H N N 102 
GLN HG2  H N N 103 
GLN HG3  H N N 104 
GLN HE21 H N N 105 
GLN HE22 H N N 106 
GLN HXT  H N N 107 
GLU N    N N N 108 
GLU CA   C N S 109 
GLU C    C N N 110 
GLU O    O N N 111 
GLU CB   C N N 112 
GLU CG   C N N 113 
GLU CD   C N N 114 
GLU OE1  O N N 115 
GLU OE2  O N N 116 
GLU OXT  O N N 117 
GLU H    H N N 118 
GLU H2   H N N 119 
GLU HA   H N N 120 
GLU HB2  H N N 121 
GLU HB3  H N N 122 
GLU HG2  H N N 123 
GLU HG3  H N N 124 
GLU HE2  H N N 125 
GLU HXT  H N N 126 
GLY N    N N N 127 
GLY CA   C N N 128 
GLY C    C N N 129 
GLY O    O N N 130 
GLY OXT  O N N 131 
GLY H    H N N 132 
GLY H2   H N N 133 
GLY HA2  H N N 134 
GLY HA3  H N N 135 
GLY HXT  H N N 136 
GOL C1   C N N 137 
GOL O1   O N N 138 
GOL C2   C N N 139 
GOL O2   O N N 140 
GOL C3   C N N 141 
GOL O3   O N N 142 
GOL H11  H N N 143 
GOL H12  H N N 144 
GOL HO1  H N N 145 
GOL H2   H N N 146 
GOL HO2  H N N 147 
GOL H31  H N N 148 
GOL H32  H N N 149 
GOL HO3  H N N 150 
HIS N    N N N 151 
HIS CA   C N S 152 
HIS C    C N N 153 
HIS O    O N N 154 
HIS CB   C N N 155 
HIS CG   C Y N 156 
HIS ND1  N Y N 157 
HIS CD2  C Y N 158 
HIS CE1  C Y N 159 
HIS NE2  N Y N 160 
HIS OXT  O N N 161 
HIS H    H N N 162 
HIS H2   H N N 163 
HIS HA   H N N 164 
HIS HB2  H N N 165 
HIS HB3  H N N 166 
HIS HD1  H N N 167 
HIS HD2  H N N 168 
HIS HE1  H N N 169 
HIS HE2  H N N 170 
HIS HXT  H N N 171 
HOH O    O N N 172 
HOH H1   H N N 173 
HOH H2   H N N 174 
ILE N    N N N 175 
ILE CA   C N S 176 
ILE C    C N N 177 
ILE O    O N N 178 
ILE CB   C N S 179 
ILE CG1  C N N 180 
ILE CG2  C N N 181 
ILE CD1  C N N 182 
ILE OXT  O N N 183 
ILE H    H N N 184 
ILE H2   H N N 185 
ILE HA   H N N 186 
ILE HB   H N N 187 
ILE HG12 H N N 188 
ILE HG13 H N N 189 
ILE HG21 H N N 190 
ILE HG22 H N N 191 
ILE HG23 H N N 192 
ILE HD11 H N N 193 
ILE HD12 H N N 194 
ILE HD13 H N N 195 
ILE HXT  H N N 196 
LEU N    N N N 197 
LEU CA   C N S 198 
LEU C    C N N 199 
LEU O    O N N 200 
LEU CB   C N N 201 
LEU CG   C N N 202 
LEU CD1  C N N 203 
LEU CD2  C N N 204 
LEU OXT  O N N 205 
LEU H    H N N 206 
LEU H2   H N N 207 
LEU HA   H N N 208 
LEU HB2  H N N 209 
LEU HB3  H N N 210 
LEU HG   H N N 211 
LEU HD11 H N N 212 
LEU HD12 H N N 213 
LEU HD13 H N N 214 
LEU HD21 H N N 215 
LEU HD22 H N N 216 
LEU HD23 H N N 217 
LEU HXT  H N N 218 
LYS N    N N N 219 
LYS CA   C N S 220 
LYS C    C N N 221 
LYS O    O N N 222 
LYS CB   C N N 223 
LYS CG   C N N 224 
LYS CD   C N N 225 
LYS CE   C N N 226 
LYS NZ   N N N 227 
LYS OXT  O N N 228 
LYS H    H N N 229 
LYS H2   H N N 230 
LYS HA   H N N 231 
LYS HB2  H N N 232 
LYS HB3  H N N 233 
LYS HG2  H N N 234 
LYS HG3  H N N 235 
LYS HD2  H N N 236 
LYS HD3  H N N 237 
LYS HE2  H N N 238 
LYS HE3  H N N 239 
LYS HZ1  H N N 240 
LYS HZ2  H N N 241 
LYS HZ3  H N N 242 
LYS HXT  H N N 243 
MET N    N N N 244 
MET CA   C N S 245 
MET C    C N N 246 
MET O    O N N 247 
MET CB   C N N 248 
MET CG   C N N 249 
MET SD   S N N 250 
MET CE   C N N 251 
MET OXT  O N N 252 
MET H    H N N 253 
MET H2   H N N 254 
MET HA   H N N 255 
MET HB2  H N N 256 
MET HB3  H N N 257 
MET HG2  H N N 258 
MET HG3  H N N 259 
MET HE1  H N N 260 
MET HE2  H N N 261 
MET HE3  H N N 262 
MET HXT  H N N 263 
PHE N    N N N 264 
PHE CA   C N S 265 
PHE C    C N N 266 
PHE O    O N N 267 
PHE CB   C N N 268 
PHE CG   C Y N 269 
PHE CD1  C Y N 270 
PHE CD2  C Y N 271 
PHE CE1  C Y N 272 
PHE CE2  C Y N 273 
PHE CZ   C Y N 274 
PHE OXT  O N N 275 
PHE H    H N N 276 
PHE H2   H N N 277 
PHE HA   H N N 278 
PHE HB2  H N N 279 
PHE HB3  H N N 280 
PHE HD1  H N N 281 
PHE HD2  H N N 282 
PHE HE1  H N N 283 
PHE HE2  H N N 284 
PHE HZ   H N N 285 
PHE HXT  H N N 286 
PRO N    N N N 287 
PRO CA   C N S 288 
PRO C    C N N 289 
PRO O    O N N 290 
PRO CB   C N N 291 
PRO CG   C N N 292 
PRO CD   C N N 293 
PRO OXT  O N N 294 
PRO H    H N N 295 
PRO HA   H N N 296 
PRO HB2  H N N 297 
PRO HB3  H N N 298 
PRO HG2  H N N 299 
PRO HG3  H N N 300 
PRO HD2  H N N 301 
PRO HD3  H N N 302 
PRO HXT  H N N 303 
SER N    N N N 304 
SER CA   C N S 305 
SER C    C N N 306 
SER O    O N N 307 
SER CB   C N N 308 
SER OG   O N N 309 
SER OXT  O N N 310 
SER H    H N N 311 
SER H2   H N N 312 
SER HA   H N N 313 
SER HB2  H N N 314 
SER HB3  H N N 315 
SER HG   H N N 316 
SER HXT  H N N 317 
THR N    N N N 318 
THR CA   C N S 319 
THR C    C N N 320 
THR O    O N N 321 
THR CB   C N R 322 
THR OG1  O N N 323 
THR CG2  C N N 324 
THR OXT  O N N 325 
THR H    H N N 326 
THR H2   H N N 327 
THR HA   H N N 328 
THR HB   H N N 329 
THR HG1  H N N 330 
THR HG21 H N N 331 
THR HG22 H N N 332 
THR HG23 H N N 333 
THR HXT  H N N 334 
TRP N    N N N 335 
TRP CA   C N S 336 
TRP C    C N N 337 
TRP O    O N N 338 
TRP CB   C N N 339 
TRP CG   C Y N 340 
TRP CD1  C Y N 341 
TRP CD2  C Y N 342 
TRP NE1  N Y N 343 
TRP CE2  C Y N 344 
TRP CE3  C Y N 345 
TRP CZ2  C Y N 346 
TRP CZ3  C Y N 347 
TRP CH2  C Y N 348 
TRP OXT  O N N 349 
TRP H    H N N 350 
TRP H2   H N N 351 
TRP HA   H N N 352 
TRP HB2  H N N 353 
TRP HB3  H N N 354 
TRP HD1  H N N 355 
TRP HE1  H N N 356 
TRP HE3  H N N 357 
TRP HZ2  H N N 358 
TRP HZ3  H N N 359 
TRP HH2  H N N 360 
TRP HXT  H N N 361 
TYR N    N N N 362 
TYR CA   C N S 363 
TYR C    C N N 364 
TYR O    O N N 365 
TYR CB   C N N 366 
TYR CG   C Y N 367 
TYR CD1  C Y N 368 
TYR CD2  C Y N 369 
TYR CE1  C Y N 370 
TYR CE2  C Y N 371 
TYR CZ   C Y N 372 
TYR OH   O N N 373 
TYR OXT  O N N 374 
TYR H    H N N 375 
TYR H2   H N N 376 
TYR HA   H N N 377 
TYR HB2  H N N 378 
TYR HB3  H N N 379 
TYR HD1  H N N 380 
TYR HD2  H N N 381 
TYR HE1  H N N 382 
TYR HE2  H N N 383 
TYR HH   H N N 384 
TYR HXT  H N N 385 
VAL N    N N N 386 
VAL CA   C N S 387 
VAL C    C N N 388 
VAL O    O N N 389 
VAL CB   C N N 390 
VAL CG1  C N N 391 
VAL CG2  C N N 392 
VAL OXT  O N N 393 
VAL H    H N N 394 
VAL H2   H N N 395 
VAL HA   H N N 396 
VAL HB   H N N 397 
VAL HG11 H N N 398 
VAL HG12 H N N 399 
VAL HG13 H N N 400 
VAL HG21 H N N 401 
VAL HG22 H N N 402 
VAL HG23 H N N 403 
VAL HXT  H N N 404 
# 
loop_
_chem_comp_bond.comp_id 
_chem_comp_bond.atom_id_1 
_chem_comp_bond.atom_id_2 
_chem_comp_bond.value_order 
_chem_comp_bond.pdbx_aromatic_flag 
_chem_comp_bond.pdbx_stereo_config 
_chem_comp_bond.pdbx_ordinal 
ALA N   CA   sing N N 1   
ALA N   H    sing N N 2   
ALA N   H2   sing N N 3   
ALA CA  C    sing N N 4   
ALA CA  CB   sing N N 5   
ALA CA  HA   sing N N 6   
ALA C   O    doub N N 7   
ALA C   OXT  sing N N 8   
ALA CB  HB1  sing N N 9   
ALA CB  HB2  sing N N 10  
ALA CB  HB3  sing N N 11  
ALA OXT HXT  sing N N 12  
ARG N   CA   sing N N 13  
ARG N   H    sing N N 14  
ARG N   H2   sing N N 15  
ARG CA  C    sing N N 16  
ARG CA  CB   sing N N 17  
ARG CA  HA   sing N N 18  
ARG C   O    doub N N 19  
ARG C   OXT  sing N N 20  
ARG CB  CG   sing N N 21  
ARG CB  HB2  sing N N 22  
ARG CB  HB3  sing N N 23  
ARG CG  CD   sing N N 24  
ARG CG  HG2  sing N N 25  
ARG CG  HG3  sing N N 26  
ARG CD  NE   sing N N 27  
ARG CD  HD2  sing N N 28  
ARG CD  HD3  sing N N 29  
ARG NE  CZ   sing N N 30  
ARG NE  HE   sing N N 31  
ARG CZ  NH1  sing N N 32  
ARG CZ  NH2  doub N N 33  
ARG NH1 HH11 sing N N 34  
ARG NH1 HH12 sing N N 35  
ARG NH2 HH21 sing N N 36  
ARG NH2 HH22 sing N N 37  
ARG OXT HXT  sing N N 38  
ASN N   CA   sing N N 39  
ASN N   H    sing N N 40  
ASN N   H2   sing N N 41  
ASN CA  C    sing N N 42  
ASN CA  CB   sing N N 43  
ASN CA  HA   sing N N 44  
ASN C   O    doub N N 45  
ASN C   OXT  sing N N 46  
ASN CB  CG   sing N N 47  
ASN CB  HB2  sing N N 48  
ASN CB  HB3  sing N N 49  
ASN CG  OD1  doub N N 50  
ASN CG  ND2  sing N N 51  
ASN ND2 HD21 sing N N 52  
ASN ND2 HD22 sing N N 53  
ASN OXT HXT  sing N N 54  
ASP N   CA   sing N N 55  
ASP N   H    sing N N 56  
ASP N   H2   sing N N 57  
ASP CA  C    sing N N 58  
ASP CA  CB   sing N N 59  
ASP CA  HA   sing N N 60  
ASP C   O    doub N N 61  
ASP C   OXT  sing N N 62  
ASP CB  CG   sing N N 63  
ASP CB  HB2  sing N N 64  
ASP CB  HB3  sing N N 65  
ASP CG  OD1  doub N N 66  
ASP CG  OD2  sing N N 67  
ASP OD2 HD2  sing N N 68  
ASP OXT HXT  sing N N 69  
CYS N   CA   sing N N 70  
CYS N   H    sing N N 71  
CYS N   H2   sing N N 72  
CYS CA  C    sing N N 73  
CYS CA  CB   sing N N 74  
CYS CA  HA   sing N N 75  
CYS C   O    doub N N 76  
CYS C   OXT  sing N N 77  
CYS CB  SG   sing N N 78  
CYS CB  HB2  sing N N 79  
CYS CB  HB3  sing N N 80  
CYS SG  HG   sing N N 81  
CYS OXT HXT  sing N N 82  
GLN N   CA   sing N N 83  
GLN N   H    sing N N 84  
GLN N   H2   sing N N 85  
GLN CA  C    sing N N 86  
GLN CA  CB   sing N N 87  
GLN CA  HA   sing N N 88  
GLN C   O    doub N N 89  
GLN C   OXT  sing N N 90  
GLN CB  CG   sing N N 91  
GLN CB  HB2  sing N N 92  
GLN CB  HB3  sing N N 93  
GLN CG  CD   sing N N 94  
GLN CG  HG2  sing N N 95  
GLN CG  HG3  sing N N 96  
GLN CD  OE1  doub N N 97  
GLN CD  NE2  sing N N 98  
GLN NE2 HE21 sing N N 99  
GLN NE2 HE22 sing N N 100 
GLN OXT HXT  sing N N 101 
GLU N   CA   sing N N 102 
GLU N   H    sing N N 103 
GLU N   H2   sing N N 104 
GLU CA  C    sing N N 105 
GLU CA  CB   sing N N 106 
GLU CA  HA   sing N N 107 
GLU C   O    doub N N 108 
GLU C   OXT  sing N N 109 
GLU CB  CG   sing N N 110 
GLU CB  HB2  sing N N 111 
GLU CB  HB3  sing N N 112 
GLU CG  CD   sing N N 113 
GLU CG  HG2  sing N N 114 
GLU CG  HG3  sing N N 115 
GLU CD  OE1  doub N N 116 
GLU CD  OE2  sing N N 117 
GLU OE2 HE2  sing N N 118 
GLU OXT HXT  sing N N 119 
GLY N   CA   sing N N 120 
GLY N   H    sing N N 121 
GLY N   H2   sing N N 122 
GLY CA  C    sing N N 123 
GLY CA  HA2  sing N N 124 
GLY CA  HA3  sing N N 125 
GLY C   O    doub N N 126 
GLY C   OXT  sing N N 127 
GLY OXT HXT  sing N N 128 
GOL C1  O1   sing N N 129 
GOL C1  C2   sing N N 130 
GOL C1  H11  sing N N 131 
GOL C1  H12  sing N N 132 
GOL O1  HO1  sing N N 133 
GOL C2  O2   sing N N 134 
GOL C2  C3   sing N N 135 
GOL C2  H2   sing N N 136 
GOL O2  HO2  sing N N 137 
GOL C3  O3   sing N N 138 
GOL C3  H31  sing N N 139 
GOL C3  H32  sing N N 140 
GOL O3  HO3  sing N N 141 
HIS N   CA   sing N N 142 
HIS N   H    sing N N 143 
HIS N   H2   sing N N 144 
HIS CA  C    sing N N 145 
HIS CA  CB   sing N N 146 
HIS CA  HA   sing N N 147 
HIS C   O    doub N N 148 
HIS C   OXT  sing N N 149 
HIS CB  CG   sing N N 150 
HIS CB  HB2  sing N N 151 
HIS CB  HB3  sing N N 152 
HIS CG  ND1  sing Y N 153 
HIS CG  CD2  doub Y N 154 
HIS ND1 CE1  doub Y N 155 
HIS ND1 HD1  sing N N 156 
HIS CD2 NE2  sing Y N 157 
HIS CD2 HD2  sing N N 158 
HIS CE1 NE2  sing Y N 159 
HIS CE1 HE1  sing N N 160 
HIS NE2 HE2  sing N N 161 
HIS OXT HXT  sing N N 162 
HOH O   H1   sing N N 163 
HOH O   H2   sing N N 164 
ILE N   CA   sing N N 165 
ILE N   H    sing N N 166 
ILE N   H2   sing N N 167 
ILE CA  C    sing N N 168 
ILE CA  CB   sing N N 169 
ILE CA  HA   sing N N 170 
ILE C   O    doub N N 171 
ILE C   OXT  sing N N 172 
ILE CB  CG1  sing N N 173 
ILE CB  CG2  sing N N 174 
ILE CB  HB   sing N N 175 
ILE CG1 CD1  sing N N 176 
ILE CG1 HG12 sing N N 177 
ILE CG1 HG13 sing N N 178 
ILE CG2 HG21 sing N N 179 
ILE CG2 HG22 sing N N 180 
ILE CG2 HG23 sing N N 181 
ILE CD1 HD11 sing N N 182 
ILE CD1 HD12 sing N N 183 
ILE CD1 HD13 sing N N 184 
ILE OXT HXT  sing N N 185 
LEU N   CA   sing N N 186 
LEU N   H    sing N N 187 
LEU N   H2   sing N N 188 
LEU CA  C    sing N N 189 
LEU CA  CB   sing N N 190 
LEU CA  HA   sing N N 191 
LEU C   O    doub N N 192 
LEU C   OXT  sing N N 193 
LEU CB  CG   sing N N 194 
LEU CB  HB2  sing N N 195 
LEU CB  HB3  sing N N 196 
LEU CG  CD1  sing N N 197 
LEU CG  CD2  sing N N 198 
LEU CG  HG   sing N N 199 
LEU CD1 HD11 sing N N 200 
LEU CD1 HD12 sing N N 201 
LEU CD1 HD13 sing N N 202 
LEU CD2 HD21 sing N N 203 
LEU CD2 HD22 sing N N 204 
LEU CD2 HD23 sing N N 205 
LEU OXT HXT  sing N N 206 
LYS N   CA   sing N N 207 
LYS N   H    sing N N 208 
LYS N   H2   sing N N 209 
LYS CA  C    sing N N 210 
LYS CA  CB   sing N N 211 
LYS CA  HA   sing N N 212 
LYS C   O    doub N N 213 
LYS C   OXT  sing N N 214 
LYS CB  CG   sing N N 215 
LYS CB  HB2  sing N N 216 
LYS CB  HB3  sing N N 217 
LYS CG  CD   sing N N 218 
LYS CG  HG2  sing N N 219 
LYS CG  HG3  sing N N 220 
LYS CD  CE   sing N N 221 
LYS CD  HD2  sing N N 222 
LYS CD  HD3  sing N N 223 
LYS CE  NZ   sing N N 224 
LYS CE  HE2  sing N N 225 
LYS CE  HE3  sing N N 226 
LYS NZ  HZ1  sing N N 227 
LYS NZ  HZ2  sing N N 228 
LYS NZ  HZ3  sing N N 229 
LYS OXT HXT  sing N N 230 
MET N   CA   sing N N 231 
MET N   H    sing N N 232 
MET N   H2   sing N N 233 
MET CA  C    sing N N 234 
MET CA  CB   sing N N 235 
MET CA  HA   sing N N 236 
MET C   O    doub N N 237 
MET C   OXT  sing N N 238 
MET CB  CG   sing N N 239 
MET CB  HB2  sing N N 240 
MET CB  HB3  sing N N 241 
MET CG  SD   sing N N 242 
MET CG  HG2  sing N N 243 
MET CG  HG3  sing N N 244 
MET SD  CE   sing N N 245 
MET CE  HE1  sing N N 246 
MET CE  HE2  sing N N 247 
MET CE  HE3  sing N N 248 
MET OXT HXT  sing N N 249 
PHE N   CA   sing N N 250 
PHE N   H    sing N N 251 
PHE N   H2   sing N N 252 
PHE CA  C    sing N N 253 
PHE CA  CB   sing N N 254 
PHE CA  HA   sing N N 255 
PHE C   O    doub N N 256 
PHE C   OXT  sing N N 257 
PHE CB  CG   sing N N 258 
PHE CB  HB2  sing N N 259 
PHE CB  HB3  sing N N 260 
PHE CG  CD1  doub Y N 261 
PHE CG  CD2  sing Y N 262 
PHE CD1 CE1  sing Y N 263 
PHE CD1 HD1  sing N N 264 
PHE CD2 CE2  doub Y N 265 
PHE CD2 HD2  sing N N 266 
PHE CE1 CZ   doub Y N 267 
PHE CE1 HE1  sing N N 268 
PHE CE2 CZ   sing Y N 269 
PHE CE2 HE2  sing N N 270 
PHE CZ  HZ   sing N N 271 
PHE OXT HXT  sing N N 272 
PRO N   CA   sing N N 273 
PRO N   CD   sing N N 274 
PRO N   H    sing N N 275 
PRO CA  C    sing N N 276 
PRO CA  CB   sing N N 277 
PRO CA  HA   sing N N 278 
PRO C   O    doub N N 279 
PRO C   OXT  sing N N 280 
PRO CB  CG   sing N N 281 
PRO CB  HB2  sing N N 282 
PRO CB  HB3  sing N N 283 
PRO CG  CD   sing N N 284 
PRO CG  HG2  sing N N 285 
PRO CG  HG3  sing N N 286 
PRO CD  HD2  sing N N 287 
PRO CD  HD3  sing N N 288 
PRO OXT HXT  sing N N 289 
SER N   CA   sing N N 290 
SER N   H    sing N N 291 
SER N   H2   sing N N 292 
SER CA  C    sing N N 293 
SER CA  CB   sing N N 294 
SER CA  HA   sing N N 295 
SER C   O    doub N N 296 
SER C   OXT  sing N N 297 
SER CB  OG   sing N N 298 
SER CB  HB2  sing N N 299 
SER CB  HB3  sing N N 300 
SER OG  HG   sing N N 301 
SER OXT HXT  sing N N 302 
THR N   CA   sing N N 303 
THR N   H    sing N N 304 
THR N   H2   sing N N 305 
THR CA  C    sing N N 306 
THR CA  CB   sing N N 307 
THR CA  HA   sing N N 308 
THR C   O    doub N N 309 
THR C   OXT  sing N N 310 
THR CB  OG1  sing N N 311 
THR CB  CG2  sing N N 312 
THR CB  HB   sing N N 313 
THR OG1 HG1  sing N N 314 
THR CG2 HG21 sing N N 315 
THR CG2 HG22 sing N N 316 
THR CG2 HG23 sing N N 317 
THR OXT HXT  sing N N 318 
TRP N   CA   sing N N 319 
TRP N   H    sing N N 320 
TRP N   H2   sing N N 321 
TRP CA  C    sing N N 322 
TRP CA  CB   sing N N 323 
TRP CA  HA   sing N N 324 
TRP C   O    doub N N 325 
TRP C   OXT  sing N N 326 
TRP CB  CG   sing N N 327 
TRP CB  HB2  sing N N 328 
TRP CB  HB3  sing N N 329 
TRP CG  CD1  doub Y N 330 
TRP CG  CD2  sing Y N 331 
TRP CD1 NE1  sing Y N 332 
TRP CD1 HD1  sing N N 333 
TRP CD2 CE2  doub Y N 334 
TRP CD2 CE3  sing Y N 335 
TRP NE1 CE2  sing Y N 336 
TRP NE1 HE1  sing N N 337 
TRP CE2 CZ2  sing Y N 338 
TRP CE3 CZ3  doub Y N 339 
TRP CE3 HE3  sing N N 340 
TRP CZ2 CH2  doub Y N 341 
TRP CZ2 HZ2  sing N N 342 
TRP CZ3 CH2  sing Y N 343 
TRP CZ3 HZ3  sing N N 344 
TRP CH2 HH2  sing N N 345 
TRP OXT HXT  sing N N 346 
TYR N   CA   sing N N 347 
TYR N   H    sing N N 348 
TYR N   H2   sing N N 349 
TYR CA  C    sing N N 350 
TYR CA  CB   sing N N 351 
TYR CA  HA   sing N N 352 
TYR C   O    doub N N 353 
TYR C   OXT  sing N N 354 
TYR CB  CG   sing N N 355 
TYR CB  HB2  sing N N 356 
TYR CB  HB3  sing N N 357 
TYR CG  CD1  doub Y N 358 
TYR CG  CD2  sing Y N 359 
TYR CD1 CE1  sing Y N 360 
TYR CD1 HD1  sing N N 361 
TYR CD2 CE2  doub Y N 362 
TYR CD2 HD2  sing N N 363 
TYR CE1 CZ   doub Y N 364 
TYR CE1 HE1  sing N N 365 
TYR CE2 CZ   sing Y N 366 
TYR CE2 HE2  sing N N 367 
TYR CZ  OH   sing N N 368 
TYR OH  HH   sing N N 369 
TYR OXT HXT  sing N N 370 
VAL N   CA   sing N N 371 
VAL N   H    sing N N 372 
VAL N   H2   sing N N 373 
VAL CA  C    sing N N 374 
VAL CA  CB   sing N N 375 
VAL CA  HA   sing N N 376 
VAL C   O    doub N N 377 
VAL C   OXT  sing N N 378 
VAL CB  CG1  sing N N 379 
VAL CB  CG2  sing N N 380 
VAL CB  HB   sing N N 381 
VAL CG1 HG11 sing N N 382 
VAL CG1 HG12 sing N N 383 
VAL CG1 HG13 sing N N 384 
VAL CG2 HG21 sing N N 385 
VAL CG2 HG22 sing N N 386 
VAL CG2 HG23 sing N N 387 
VAL OXT HXT  sing N N 388 
# 
_atom_sites.entry_id                    1ZYO 
_atom_sites.fract_transf_matrix[1][1]   -0.01495046 
_atom_sites.fract_transf_matrix[1][2]   -0.00211501 
_atom_sites.fract_transf_matrix[1][3]   0.00387388 
_atom_sites.fract_transf_matrix[2][1]   -0.00911441 
_atom_sites.fract_transf_matrix[2][2]   -0.00910201 
_atom_sites.fract_transf_matrix[2][3]   -0.00878054 
_atom_sites.fract_transf_matrix[3][1]   0.00372044 
_atom_sites.fract_transf_matrix[3][2]   -0.01151298 
_atom_sites.fract_transf_matrix[3][3]   0.00807258 
_atom_sites.fract_transf_vector[1]      0.330317 
_atom_sites.fract_transf_vector[2]      0.891264 
_atom_sites.fract_transf_vector[3]      0.094425 
# 
loop_
_atom_type.symbol 
C 
N 
O 
S 
# 
loop_
_atom_site.group_PDB 
_atom_site.id 
_atom_site.type_symbol 
_atom_site.label_atom_id 
_atom_site.label_alt_id 
_atom_site.label_comp_id 
_atom_site.label_asym_id 
_atom_site.label_entity_id 
_atom_site.label_seq_id 
_atom_site.pdbx_PDB_ins_code 
_atom_site.Cartn_x 
_atom_site.Cartn_y 
_atom_site.Cartn_z 
_atom_site.occupancy 
_atom_site.B_iso_or_equiv 
_atom_site.pdbx_formal_charge 
_atom_site.auth_seq_id 
_atom_site.auth_comp_id 
_atom_site.auth_asym_id 
_atom_site.auth_atom_id 
_atom_site.pdbx_PDB_model_num 
ATOM   1    N N   . SER A 1 4   ? 1.108   12.052  -18.302 1.00 53.64 ? 138 SER A N   1 
ATOM   2    C CA  . SER A 1 4   ? 2.129   11.530  -19.266 1.00 53.91 ? 138 SER A CA  1 
ATOM   3    C C   . SER A 1 4   ? 2.843   10.283  -18.733 1.00 53.83 ? 138 SER A C   1 
ATOM   4    O O   . SER A 1 4   ? 2.928   9.260   -19.420 1.00 54.01 ? 138 SER A O   1 
ATOM   5    C CB  . SER A 1 4   ? 3.155   12.615  -19.604 1.00 54.13 ? 138 SER A CB  1 
ATOM   6    O OG  . SER A 1 4   ? 4.378   12.041  -20.048 1.00 54.49 ? 138 SER A OG  1 
ATOM   7    N N   . PHE A 1 5   ? 3.365   10.391  -17.511 1.00 53.50 ? 139 PHE A N   1 
ATOM   8    C CA  . PHE A 1 5   ? 3.958   9.264   -16.792 1.00 52.83 ? 139 PHE A CA  1 
ATOM   9    C C   . PHE A 1 5   ? 2.858   8.402   -16.179 1.00 51.90 ? 139 PHE A C   1 
ATOM   10   O O   . PHE A 1 5   ? 3.135   7.368   -15.557 1.00 51.90 ? 139 PHE A O   1 
ATOM   11   C CB  . PHE A 1 5   ? 4.913   9.770   -15.703 1.00 53.44 ? 139 PHE A CB  1 
ATOM   12   C CG  . PHE A 1 5   ? 6.052   10.591  -16.236 1.00 54.34 ? 139 PHE A CG  1 
ATOM   13   C CD1 . PHE A 1 5   ? 5.919   11.969  -16.396 1.00 55.39 ? 139 PHE A CD1 1 
ATOM   14   C CD2 . PHE A 1 5   ? 7.257   9.985   -16.588 1.00 56.01 ? 139 PHE A CD2 1 
ATOM   15   C CE1 . PHE A 1 5   ? 6.972   12.740  -16.903 1.00 56.33 ? 139 PHE A CE1 1 
ATOM   16   C CE2 . PHE A 1 5   ? 8.324   10.742  -17.094 1.00 56.82 ? 139 PHE A CE2 1 
ATOM   17   C CZ  . PHE A 1 5   ? 8.179   12.126  -17.251 1.00 56.07 ? 139 PHE A CZ  1 
ATOM   18   N N   . TYR A 1 6   ? 1.613   8.835   -16.381 1.00 50.61 ? 140 TYR A N   1 
ATOM   19   C CA  . TYR A 1 6   ? 0.441   8.195   -15.794 1.00 49.27 ? 140 TYR A CA  1 
ATOM   20   C C   . TYR A 1 6   ? -0.586  7.803   -16.839 1.00 48.42 ? 140 TYR A C   1 
ATOM   21   O O   . TYR A 1 6   ? -0.745  8.478   -17.857 1.00 48.52 ? 140 TYR A O   1 
ATOM   22   C CB  . TYR A 1 6   ? -0.226  9.132   -14.791 1.00 49.20 ? 140 TYR A CB  1 
ATOM   23   C CG  . TYR A 1 6   ? 0.670   9.610   -13.678 1.00 48.82 ? 140 TYR A CG  1 
ATOM   24   C CD1 . TYR A 1 6   ? 1.296   10.851  -13.748 1.00 49.19 ? 140 TYR A CD1 1 
ATOM   25   C CD2 . TYR A 1 6   ? 0.883   8.826   -12.550 1.00 48.63 ? 140 TYR A CD2 1 
ATOM   26   C CE1 . TYR A 1 6   ? 2.117   11.297  -12.716 1.00 49.46 ? 140 TYR A CE1 1 
ATOM   27   C CE2 . TYR A 1 6   ? 1.696   9.260   -11.519 1.00 48.58 ? 140 TYR A CE2 1 
ATOM   28   C CZ  . TYR A 1 6   ? 2.308   10.491  -11.603 1.00 48.60 ? 140 TYR A CZ  1 
ATOM   29   O OH  . TYR A 1 6   ? 3.117   10.912  -10.578 1.00 48.82 ? 140 TYR A OH  1 
ATOM   30   N N   . SER A 1 7   ? -1.286  6.710   -16.567 1.00 47.31 ? 141 SER A N   1 
ATOM   31   C CA  . SER A 1 7   ? -2.390  6.263   -17.393 1.00 46.52 ? 141 SER A CA  1 
ATOM   32   C C   . SER A 1 7   ? -3.623  6.204   -16.521 1.00 45.90 ? 141 SER A C   1 
ATOM   33   O O   . SER A 1 7   ? -3.556  5.712   -15.399 1.00 46.31 ? 141 SER A O   1 
ATOM   34   C CB  . SER A 1 7   ? -2.119  4.868   -17.954 1.00 46.57 ? 141 SER A CB  1 
ATOM   35   O OG  . SER A 1 7   ? -0.871  4.806   -18.615 1.00 47.21 ? 141 SER A OG  1 
ATOM   36   N N   . PRO A 1 8   ? -4.769  6.683   -17.028 1.00 45.21 ? 142 PRO A N   1 
ATOM   37   C CA  . PRO A 1 8   ? -5.981  6.559   -16.229 1.00 44.53 ? 142 PRO A CA  1 
ATOM   38   C C   . PRO A 1 8   ? -6.321  5.090   -15.988 1.00 43.89 ? 142 PRO A C   1 
ATOM   39   O O   . PRO A 1 8   ? -5.890  4.230   -16.748 1.00 43.36 ? 142 PRO A O   1 
ATOM   40   C CB  . PRO A 1 8   ? -7.046  7.214   -17.114 1.00 44.69 ? 142 PRO A CB  1 
ATOM   41   C CG  . PRO A 1 8   ? -6.288  8.058   -18.079 1.00 44.46 ? 142 PRO A CG  1 
ATOM   42   C CD  . PRO A 1 8   ? -5.028  7.329   -18.327 1.00 44.91 ? 142 PRO A CD  1 
ATOM   43   N N   . VAL A 1 9   ? -7.064  4.812   -14.923 1.00 43.79 ? 143 VAL A N   1 
ATOM   44   C CA  . VAL A 1 9   ? -7.498  3.448   -14.604 1.00 43.64 ? 143 VAL A CA  1 
ATOM   45   C C   . VAL A 1 9   ? -8.984  3.450   -14.285 1.00 43.68 ? 143 VAL A C   1 
ATOM   46   O O   . VAL A 1 9   ? -9.414  4.086   -13.323 1.00 43.59 ? 143 VAL A O   1 
ATOM   47   C CB  . VAL A 1 9   ? -6.713  2.819   -13.412 1.00 43.37 ? 143 VAL A CB  1 
ATOM   48   C CG1 . VAL A 1 9   ? -7.165  1.388   -13.180 1.00 43.08 ? 143 VAL A CG1 1 
ATOM   49   C CG2 . VAL A 1 9   ? -5.206  2.850   -13.654 1.00 43.14 ? 143 VAL A CG2 1 
ATOM   50   N N   . LYS A 1 10  ? -9.761  2.740   -15.097 1.00 43.93 ? 144 LYS A N   1 
ATOM   51   C CA  . LYS A 1 10  ? -11.203 2.654   -14.893 1.00 44.30 ? 144 LYS A CA  1 
ATOM   52   C C   . LYS A 1 10  ? -11.469 1.810   -13.666 1.00 44.41 ? 144 LYS A C   1 
ATOM   53   O O   . LYS A 1 10  ? -10.805 0.800   -13.458 1.00 45.09 ? 144 LYS A O   1 
ATOM   54   C CB  . LYS A 1 10  ? -11.889 2.035   -16.115 1.00 44.41 ? 144 LYS A CB  1 
ATOM   55   N N   . ALA A 1 11  ? -12.422 2.230   -12.842 1.00 44.44 ? 145 ALA A N   1 
ATOM   56   C CA  . ALA A 1 11  ? -12.838 1.448   -11.685 1.00 44.24 ? 145 ALA A CA  1 
ATOM   57   C C   . ALA A 1 11  ? -13.133 0.027   -12.138 1.00 44.35 ? 145 ALA A C   1 
ATOM   58   O O   . ALA A 1 11  ? -13.697 -0.186  -13.217 1.00 44.69 ? 145 ALA A O   1 
ATOM   59   C CB  . ALA A 1 11  ? -14.065 2.066   -11.041 1.00 44.40 ? 145 ALA A CB  1 
ATOM   60   N N   . GLY A 1 12  ? -12.729 -0.945  -11.326 1.00 44.27 ? 146 GLY A N   1 
ATOM   61   C CA  . GLY A 1 12  ? -12.858 -2.354  -11.695 1.00 43.62 ? 146 GLY A CA  1 
ATOM   62   C C   . GLY A 1 12  ? -11.627 -2.904  -12.392 1.00 43.19 ? 146 GLY A C   1 
ATOM   63   O O   . GLY A 1 12  ? -11.490 -4.115  -12.525 1.00 43.49 ? 146 GLY A O   1 
ATOM   64   N N   . ASP A 1 13  ? -10.727 -2.026  -12.830 1.00 42.58 ? 147 ASP A N   1 
ATOM   65   C CA  . ASP A 1 13  ? -9.515  -2.459  -13.528 1.00 42.25 ? 147 ASP A CA  1 
ATOM   66   C C   . ASP A 1 13  ? -8.226  -2.420  -12.698 1.00 41.68 ? 147 ASP A C   1 
ATOM   67   O O   . ASP A 1 13  ? -7.169  -2.864  -13.162 1.00 42.09 ? 147 ASP A O   1 
ATOM   68   C CB  . ASP A 1 13  ? -9.333  -1.690  -14.835 1.00 42.39 ? 147 ASP A CB  1 
ATOM   69   C CG  . ASP A 1 13  ? -10.239 -2.200  -15.940 1.00 43.68 ? 147 ASP A CG  1 
ATOM   70   O OD1 . ASP A 1 13  ? -10.583 -3.406  -15.930 1.00 44.45 ? 147 ASP A OD1 1 
ATOM   71   O OD2 . ASP A 1 13  ? -10.609 -1.394  -16.820 1.00 45.25 ? 147 ASP A OD2 1 
ATOM   72   N N   . GLU A 1 14  ? -8.305  -1.897  -11.480 1.00 40.56 ? 148 GLU A N   1 
ATOM   73   C CA  . GLU A 1 14  ? -7.174  -1.950  -10.569 1.00 39.45 ? 148 GLU A CA  1 
ATOM   74   C C   . GLU A 1 14  ? -7.058  -3.367  -10.006 1.00 38.95 ? 148 GLU A C   1 
ATOM   75   O O   . GLU A 1 14  ? -8.021  -4.138  -10.082 1.00 38.93 ? 148 GLU A O   1 
ATOM   76   C CB  . GLU A 1 14  ? -7.338  -0.918  -9.447  1.00 39.55 ? 148 GLU A CB  1 
ATOM   77   C CG  . GLU A 1 14  ? -8.346  -1.258  -8.349  1.00 38.87 ? 148 GLU A CG  1 
ATOM   78   C CD  . GLU A 1 14  ? -9.773  -0.943  -8.719  1.00 38.37 ? 148 GLU A CD  1 
ATOM   79   O OE1 . GLU A 1 14  ? -10.024 -0.543  -9.866  1.00 39.48 ? 148 GLU A OE1 1 
ATOM   80   O OE2 . GLU A 1 14  ? -10.656 -1.091  -7.854  1.00 39.07 ? 148 GLU A OE2 1 
ATOM   81   N N   . PRO A 1 15  ? -5.886  -3.725  -9.442  1.00 38.14 ? 149 PRO A N   1 
ATOM   82   C CA  . PRO A 1 15  ? -5.798  -5.039  -8.817  1.00 37.39 ? 149 PRO A CA  1 
ATOM   83   C C   . PRO A 1 15  ? -6.868  -5.239  -7.744  1.00 36.69 ? 149 PRO A C   1 
ATOM   84   O O   . PRO A 1 15  ? -7.331  -4.273  -7.132  1.00 36.58 ? 149 PRO A O   1 
ATOM   85   C CB  . PRO A 1 15  ? -4.396  -5.040  -8.192  1.00 37.37 ? 149 PRO A CB  1 
ATOM   86   C CG  . PRO A 1 15  ? -3.625  -4.075  -8.996  1.00 37.37 ? 149 PRO A CG  1 
ATOM   87   C CD  . PRO A 1 15  ? -4.605  -3.000  -9.359  1.00 38.30 ? 149 PRO A CD  1 
ATOM   88   N N   . ALA A 1 16  ? -7.245  -6.497  -7.538  1.00 35.94 ? 150 ALA A N   1 
ATOM   89   C CA  . ALA A 1 16  ? -8.307  -6.887  -6.610  1.00 34.87 ? 150 ALA A CA  1 
ATOM   90   C C   . ALA A 1 16  ? -7.946  -6.655  -5.149  1.00 34.23 ? 150 ALA A C   1 
ATOM   91   O O   . ALA A 1 16  ? -8.834  -6.589  -4.296  1.00 33.71 ? 150 ALA A O   1 
ATOM   92   C CB  . ALA A 1 16  ? -8.680  -8.363  -6.836  1.00 35.04 ? 150 ALA A CB  1 
ATOM   93   N N   . SER A 1 17  ? -6.643  -6.558  -4.866  1.00 33.60 ? 151 SER A N   1 
ATOM   94   C CA  . SER A 1 17  ? -6.145  -6.318  -3.502  1.00 33.09 ? 151 SER A CA  1 
ATOM   95   C C   . SER A 1 17  ? -6.164  -4.843  -3.097  1.00 32.72 ? 151 SER A C   1 
ATOM   96   O O   . SER A 1 17  ? -6.329  -4.530  -1.922  1.00 33.08 ? 151 SER A O   1 
ATOM   97   C CB  . SER A 1 17  ? -4.742  -6.905  -3.306  1.00 32.86 ? 151 SER A CB  1 
ATOM   98   O OG  . SER A 1 17  ? -3.882  -6.562  -4.375  1.00 32.78 ? 151 SER A OG  1 
ATOM   99   N N   . LEU A 1 18  ? -6.017  -3.952  -4.076  1.00 32.43 ? 152 LEU A N   1 
ATOM   100  C CA  . LEU A 1 18  ? -5.927  -2.510  -3.834  1.00 31.84 ? 152 LEU A CA  1 
ATOM   101  C C   . LEU A 1 18  ? -7.159  -1.883  -3.196  1.00 31.80 ? 152 LEU A C   1 
ATOM   102  O O   . LEU A 1 18  ? -8.293  -2.066  -3.652  1.00 31.79 ? 152 LEU A O   1 
ATOM   103  C CB  . LEU A 1 18  ? -5.589  -1.756  -5.119  1.00 31.73 ? 152 LEU A CB  1 
ATOM   104  C CG  . LEU A 1 18  ? -5.190  -0.296  -4.895  1.00 31.33 ? 152 LEU A CG  1 
ATOM   105  C CD1 . LEU A 1 18  ? -3.864  -0.193  -4.145  1.00 30.60 ? 152 LEU A CD1 1 
ATOM   106  C CD2 . LEU A 1 18  ? -5.131  0.444   -6.205  1.00 30.58 ? 152 LEU A CD2 1 
ATOM   107  N N   . VAL A 1 19  ? -6.911  -1.117  -2.142  1.00 31.74 ? 153 VAL A N   1 
ATOM   108  C CA  . VAL A 1 19  ? -7.960  -0.424  -1.421  1.00 31.42 ? 153 VAL A CA  1 
ATOM   109  C C   . VAL A 1 19  ? -7.503  1.015   -1.088  1.00 31.61 ? 153 VAL A C   1 
ATOM   110  O O   . VAL A 1 19  ? -6.325  1.266   -0.820  1.00 31.73 ? 153 VAL A O   1 
ATOM   111  C CB  . VAL A 1 19  ? -8.362  -1.240  -0.176  1.00 31.14 ? 153 VAL A CB  1 
ATOM   112  C CG1 . VAL A 1 19  ? -7.523  -0.861  1.023   1.00 30.81 ? 153 VAL A CG1 1 
ATOM   113  C CG2 . VAL A 1 19  ? -9.826  -1.075  0.118   1.00 31.67 ? 153 VAL A CG2 1 
ATOM   114  N N   . ALA A 1 20  ? -8.433  1.962   -1.148  1.00 31.54 ? 154 ALA A N   1 
ATOM   115  C CA  . ALA A 1 20  ? -8.144  3.339   -0.785  1.00 31.35 ? 154 ALA A CA  1 
ATOM   116  C C   . ALA A 1 20  ? -8.549  3.576   0.659   1.00 31.39 ? 154 ALA A C   1 
ATOM   117  O O   . ALA A 1 20  ? -9.553  3.039   1.128   1.00 31.29 ? 154 ALA A O   1 
ATOM   118  C CB  . ALA A 1 20  ? -8.883  4.295   -1.702  1.00 31.61 ? 154 ALA A CB  1 
ATOM   119  N N   . ILE A 1 21  ? -7.760  4.385   1.355   1.00 31.28 ? 155 ILE A N   1 
ATOM   120  C CA  . ILE A 1 21  ? -8.021  4.724   2.743   1.00 31.40 ? 155 ILE A CA  1 
ATOM   121  C C   . ILE A 1 21  ? -8.524  6.165   2.860   1.00 31.16 ? 155 ILE A C   1 
ATOM   122  O O   . ILE A 1 21  ? -7.809  7.120   2.561   1.00 31.05 ? 155 ILE A O   1 
ATOM   123  C CB  . ILE A 1 21  ? -6.766  4.457   3.601   1.00 31.72 ? 155 ILE A CB  1 
ATOM   124  C CG1 . ILE A 1 21  ? -6.521  2.945   3.654   1.00 32.62 ? 155 ILE A CG1 1 
ATOM   125  C CG2 . ILE A 1 21  ? -6.930  5.016   5.016   1.00 31.88 ? 155 ILE A CG2 1 
ATOM   126  C CD1 . ILE A 1 21  ? -5.077  2.539   3.588   1.00 33.84 ? 155 ILE A CD1 1 
ATOM   127  N N   . LYS A 1 22  ? -9.775  6.302   3.275   1.00 31.07 ? 156 LYS A N   1 
ATOM   128  C CA  . LYS A 1 22  ? -10.432 7.603   3.352   1.00 31.19 ? 156 LYS A CA  1 
ATOM   129  C C   . LYS A 1 22  ? -10.500 8.181   4.765   1.00 30.85 ? 156 LYS A C   1 
ATOM   130  O O   . LYS A 1 22  ? -10.602 7.455   5.753   1.00 31.09 ? 156 LYS A O   1 
ATOM   131  C CB  . LYS A 1 22  ? -11.837 7.519   2.754   1.00 31.41 ? 156 LYS A CB  1 
ATOM   132  C CG  . LYS A 1 22  ? -11.883 7.531   1.221   1.00 32.81 ? 156 LYS A CG  1 
ATOM   133  C CD  . LYS A 1 22  ? -11.633 8.927   0.668   1.00 35.13 ? 156 LYS A CD  1 
ATOM   134  C CE  . LYS A 1 22  ? -12.424 9.175   -0.611  1.00 37.02 ? 156 LYS A CE  1 
ATOM   135  N NZ  . LYS A 1 22  ? -11.728 10.104  -1.576  1.00 37.17 ? 156 LYS A NZ  1 
ATOM   136  N N   . SER A 1 23  ? -10.412 9.500   4.844   1.00 30.43 ? 157 SER A N   1 
ATOM   137  C CA  . SER A 1 23  ? -10.686 10.228  6.068   1.00 30.21 ? 157 SER A CA  1 
ATOM   138  C C   . SER A 1 23  ? -11.709 11.294  5.721   1.00 30.29 ? 157 SER A C   1 
ATOM   139  O O   . SER A 1 23  ? -11.362 12.352  5.205   1.00 30.38 ? 157 SER A O   1 
ATOM   140  C CB  . SER A 1 23  ? -9.419  10.873  6.610   1.00 29.99 ? 157 SER A CB  1 
ATOM   141  O OG  . SER A 1 23  ? -9.717  11.618  7.779   1.00 30.13 ? 157 SER A OG  1 
ATOM   142  N N   . GLY A 1 24  ? -12.978 11.009  5.984   1.00 30.40 ? 158 GLY A N   1 
ATOM   143  C CA  . GLY A 1 24  ? -14.046 11.864  5.488   1.00 30.51 ? 158 GLY A CA  1 
ATOM   144  C C   . GLY A 1 24  ? -13.937 11.868  3.977   1.00 30.50 ? 158 GLY A C   1 
ATOM   145  O O   . GLY A 1 24  ? -13.863 10.797  3.363   1.00 30.73 ? 158 GLY A O   1 
ATOM   146  N N   . PRO A 1 25  ? -13.886 13.063  3.359   1.00 30.46 ? 159 PRO A N   1 
ATOM   147  C CA  . PRO A 1 25  ? -13.802 13.116  1.889   1.00 30.33 ? 159 PRO A CA  1 
ATOM   148  C C   . PRO A 1 25  ? -12.408 12.795  1.340   1.00 30.35 ? 159 PRO A C   1 
ATOM   149  O O   . PRO A 1 25  ? -12.278 12.457  0.169   1.00 30.50 ? 159 PRO A O   1 
ATOM   150  C CB  . PRO A 1 25  ? -14.171 14.562  1.577   1.00 30.12 ? 159 PRO A CB  1 
ATOM   151  C CG  . PRO A 1 25  ? -13.727 15.316  2.778   1.00 30.12 ? 159 PRO A CG  1 
ATOM   152  C CD  . PRO A 1 25  ? -13.905 14.409  3.962   1.00 30.14 ? 159 PRO A CD  1 
ATOM   153  N N   . THR A 1 26  ? -11.387 12.879  2.189   1.00 30.52 ? 160 THR A N   1 
ATOM   154  C CA  . THR A 1 26  ? -9.997  12.842  1.752   1.00 30.77 ? 160 THR A CA  1 
ATOM   155  C C   . THR A 1 26  ? -9.420  11.437  1.668   1.00 30.97 ? 160 THR A C   1 
ATOM   156  O O   . THR A 1 26  ? -9.497  10.678  2.630   1.00 31.54 ? 160 THR A O   1 
ATOM   157  C CB  . THR A 1 26  ? -9.127  13.649  2.704   1.00 30.61 ? 160 THR A CB  1 
ATOM   158  O OG1 . THR A 1 26  ? -9.772  14.896  2.983   1.00 31.68 ? 160 THR A OG1 1 
ATOM   159  C CG2 . THR A 1 26  ? -7.769  13.911  2.094   1.00 31.34 ? 160 THR A CG2 1 
ATOM   160  N N   . THR A 1 27  ? -8.845  11.096  0.517   1.00 30.86 ? 161 THR A N   1 
ATOM   161  C CA  . THR A 1 27  ? -8.031  9.899   0.388   1.00 30.85 ? 161 THR A CA  1 
ATOM   162  C C   . THR A 1 27  ? -6.678  10.185  1.032   1.00 30.94 ? 161 THR A C   1 
ATOM   163  O O   . THR A 1 27  ? -5.904  11.011  0.528   1.00 30.95 ? 161 THR A O   1 
ATOM   164  C CB  . THR A 1 27  ? -7.823  9.508   -1.081  1.00 30.83 ? 161 THR A CB  1 
ATOM   165  O OG1 . THR A 1 27  ? -9.095  9.319   -1.703  1.00 31.39 ? 161 THR A OG1 1 
ATOM   166  C CG2 . THR A 1 27  ? -7.028  8.218   -1.189  1.00 31.58 ? 161 THR A CG2 1 
ATOM   167  N N   . ILE A 1 28  ? -6.398  9.513   2.149   1.00 30.64 ? 162 ILE A N   1 
ATOM   168  C CA  . ILE A 1 28  ? -5.159  9.771   2.878   1.00 30.52 ? 162 ILE A CA  1 
ATOM   169  C C   . ILE A 1 28  ? -4.038  8.805   2.477   1.00 30.61 ? 162 ILE A C   1 
ATOM   170  O O   . ILE A 1 28  ? -2.889  8.940   2.898   1.00 30.45 ? 162 ILE A O   1 
ATOM   171  C CB  . ILE A 1 28  ? -5.373  9.873   4.421   1.00 30.43 ? 162 ILE A CB  1 
ATOM   172  C CG1 . ILE A 1 28  ? -6.143  8.666   4.961   1.00 30.67 ? 162 ILE A CG1 1 
ATOM   173  C CG2 . ILE A 1 28  ? -6.069  11.187  4.770   1.00 29.88 ? 162 ILE A CG2 1 
ATOM   174  C CD1 . ILE A 1 28  ? -6.284  8.623   6.487   1.00 30.22 ? 162 ILE A CD1 1 
ATOM   175  N N   . GLY A 1 29  ? -4.381  7.854   1.619   1.00 30.91 ? 163 GLY A N   1 
ATOM   176  C CA  . GLY A 1 29  ? -3.407  6.891   1.124   1.00 31.41 ? 163 GLY A CA  1 
ATOM   177  C C   . GLY A 1 29  ? -4.061  5.605   0.671   1.00 31.76 ? 163 GLY A C   1 
ATOM   178  O O   . GLY A 1 29  ? -5.280  5.538   0.524   1.00 31.87 ? 163 GLY A O   1 
ATOM   179  N N   . PHE A 1 30  ? -3.241  4.580   0.468   1.00 32.03 ? 164 PHE A N   1 
ATOM   180  C CA  . PHE A 1 30  ? -3.703  3.317   -0.063  1.00 32.50 ? 164 PHE A CA  1 
ATOM   181  C C   . PHE A 1 30  ? -3.176  2.135   0.736   1.00 33.47 ? 164 PHE A C   1 
ATOM   182  O O   . PHE A 1 30  ? -2.349  2.296   1.647   1.00 34.01 ? 164 PHE A O   1 
ATOM   183  C CB  . PHE A 1 30  ? -3.315  3.203   -1.535  1.00 32.26 ? 164 PHE A CB  1 
ATOM   184  C CG  . PHE A 1 30  ? -4.044  4.168   -2.411  1.00 32.53 ? 164 PHE A CG  1 
ATOM   185  C CD1 . PHE A 1 30  ? -3.599  5.485   -2.546  1.00 32.77 ? 164 PHE A CD1 1 
ATOM   186  C CD2 . PHE A 1 30  ? -5.197  3.778   -3.079  1.00 32.25 ? 164 PHE A CD2 1 
ATOM   187  C CE1 . PHE A 1 30  ? -4.290  6.394   -3.335  1.00 31.72 ? 164 PHE A CE1 1 
ATOM   188  C CE2 . PHE A 1 30  ? -5.888  4.681   -3.879  1.00 32.57 ? 164 PHE A CE2 1 
ATOM   189  C CZ  . PHE A 1 30  ? -5.435  5.987   -4.004  1.00 32.11 ? 164 PHE A CZ  1 
ATOM   190  N N   . GLY A 1 31  ? -3.675  0.950   0.409   1.00 33.77 ? 165 GLY A N   1 
ATOM   191  C CA  . GLY A 1 31  ? -3.267  -0.260  1.086   1.00 34.36 ? 165 GLY A CA  1 
ATOM   192  C C   . GLY A 1 31  ? -3.649  -1.462  0.265   1.00 34.76 ? 165 GLY A C   1 
ATOM   193  O O   . GLY A 1 31  ? -4.254  -1.330  -0.795  1.00 34.80 ? 165 GLY A O   1 
ATOM   194  N N   . CYS A 1 32  ? -3.275  -2.637  0.745   1.00 35.24 ? 166 CYS A N   1 
ATOM   195  C CA  . CYS A 1 32  ? -3.675  -3.876  0.093   1.00 36.00 ? 166 CYS A CA  1 
ATOM   196  C C   . CYS A 1 32  ? -4.120  -4.883  1.126   1.00 36.37 ? 166 CYS A C   1 
ATOM   197  O O   . CYS A 1 32  ? -3.787  -4.762  2.302   1.00 36.42 ? 166 CYS A O   1 
ATOM   198  C CB  . CYS A 1 32  ? -2.533  -4.445  -0.739  1.00 35.90 ? 166 CYS A CB  1 
ATOM   199  S SG  . CYS A 1 32  ? -1.179  -5.104  0.240   1.00 35.90 ? 166 CYS A SG  1 
ATOM   200  N N   . ARG A 1 33  ? -4.900  -5.861  0.683   1.00 37.39 ? 167 ARG A N   1 
ATOM   201  C CA  . ARG A 1 33  ? -5.253  -7.012  1.517   1.00 37.90 ? 167 ARG A CA  1 
ATOM   202  C C   . ARG A 1 33  ? -4.167  -8.037  1.323   1.00 37.75 ? 167 ARG A C   1 
ATOM   203  O O   . ARG A 1 33  ? -3.772  -8.314  0.182   1.00 37.56 ? 167 ARG A O   1 
ATOM   204  C CB  . ARG A 1 33  ? -6.587  -7.599  1.089   1.00 38.24 ? 167 ARG A CB  1 
ATOM   205  C CG  . ARG A 1 33  ? -7.245  -8.465  2.135   1.00 40.22 ? 167 ARG A CG  1 
ATOM   206  C CD  . ARG A 1 33  ? -8.365  -9.290  1.523   1.00 42.52 ? 167 ARG A CD  1 
ATOM   207  N NE  . ARG A 1 33  ? -8.975  -10.182 2.507   1.00 44.32 ? 167 ARG A NE  1 
ATOM   208  C CZ  . ARG A 1 33  ? -9.900  -11.093 2.223   1.00 44.75 ? 167 ARG A CZ  1 
ATOM   209  N NH1 . ARG A 1 33  ? -10.330 -11.252 0.978   1.00 44.77 ? 167 ARG A NH1 1 
ATOM   210  N NH2 . ARG A 1 33  ? -10.390 -11.852 3.188   1.00 45.41 ? 167 ARG A NH2 1 
ATOM   211  N N   . THR A 1 34  ? -3.665  -8.577  2.429   1.00 37.84 ? 168 THR A N   1 
ATOM   212  C CA  . THR A 1 34  ? -2.589  -9.574  2.377   1.00 38.13 ? 168 THR A CA  1 
ATOM   213  C C   . THR A 1 34  ? -2.572  -10.482 3.618   1.00 38.74 ? 168 THR A C   1 
ATOM   214  O O   . THR A 1 34  ? -3.467  -10.420 4.467   1.00 38.47 ? 168 THR A O   1 
ATOM   215  C CB  . THR A 1 34  ? -1.194  -8.898  2.101   1.00 38.10 ? 168 THR A CB  1 
ATOM   216  O OG1 . THR A 1 34  ? -0.194  -9.894  1.863   1.00 37.31 ? 168 THR A OG1 1 
ATOM   217  C CG2 . THR A 1 34  ? -0.763  -7.985  3.240   1.00 37.97 ? 168 THR A CG2 1 
ATOM   218  N N   . LYS A 1 35  ? -1.561  -11.341 3.698   1.00 39.79 ? 169 LYS A N   1 
ATOM   219  C CA  . LYS A 1 35  ? -1.368  -12.230 4.840   1.00 40.56 ? 169 LYS A CA  1 
ATOM   220  C C   . LYS A 1 35  ? -0.032  -11.917 5.488   1.00 41.20 ? 169 LYS A C   1 
ATOM   221  O O   . LYS A 1 35  ? 1.003   -11.842 4.812   1.00 41.27 ? 169 LYS A O   1 
ATOM   222  C CB  . LYS A 1 35  ? -1.408  -13.696 4.395   1.00 40.59 ? 169 LYS A CB  1 
ATOM   223  N N   . ILE A 1 36  ? -0.053  -11.717 6.799   1.00 42.13 ? 170 ILE A N   1 
ATOM   224  C CA  . ILE A 1 36  ? 1.176   -11.431 7.540   1.00 42.68 ? 170 ILE A CA  1 
ATOM   225  C C   . ILE A 1 36  ? 1.266   -12.273 8.808   1.00 42.83 ? 170 ILE A C   1 
ATOM   226  O O   . ILE A 1 36  ? 2.041   -13.232 8.852   1.00 43.30 ? 170 ILE A O   1 
ATOM   227  C CB  . ILE A 1 36  ? 1.332   -9.905  7.826   1.00 42.87 ? 170 ILE A CB  1 
ATOM   228  C CG1 . ILE A 1 36  ? 1.917   -9.212  6.584   1.00 42.89 ? 170 ILE A CG1 1 
ATOM   229  C CG2 . ILE A 1 36  ? 2.196   -9.649  9.080   1.00 42.83 ? 170 ILE A CG2 1 
ATOM   230  C CD1 . ILE A 1 36  ? 1.745   -7.706  6.533   1.00 43.05 ? 170 ILE A CD1 1 
ATOM   231  N N   . GLU A 1 39  ? -2.028  -14.612 9.866   1.00 45.45 ? 173 GLU A N   1 
ATOM   232  C CA  . GLU A 1 39  ? -3.376  -14.091 9.642   1.00 45.49 ? 173 GLU A CA  1 
ATOM   233  C C   . GLU A 1 39  ? -3.517  -13.159 8.410   1.00 45.32 ? 173 GLU A C   1 
ATOM   234  O O   . GLU A 1 39  ? -2.526  -12.818 7.738   1.00 45.80 ? 173 GLU A O   1 
ATOM   235  C CB  . GLU A 1 39  ? -3.909  -13.410 10.914  1.00 45.71 ? 173 GLU A CB  1 
ATOM   236  N N   . ASP A 1 40  ? -4.763  -12.760 8.141   1.00 44.49 ? 174 ASP A N   1 
ATOM   237  C CA  . ASP A 1 40  ? -5.158  -11.933 6.993   1.00 43.27 ? 174 ASP A CA  1 
ATOM   238  C C   . ASP A 1 40  ? -5.274  -10.468 7.435   1.00 42.46 ? 174 ASP A C   1 
ATOM   239  O O   . ASP A 1 40  ? -5.798  -10.182 8.521   1.00 42.65 ? 174 ASP A O   1 
ATOM   240  C CB  . ASP A 1 40  ? -6.496  -12.472 6.471   1.00 43.31 ? 174 ASP A CB  1 
ATOM   241  C CG  . ASP A 1 40  ? -7.131  -11.604 5.415   1.00 43.40 ? 174 ASP A CG  1 
ATOM   242  O OD1 . ASP A 1 40  ? -6.604  -11.539 4.284   1.00 44.77 ? 174 ASP A OD1 1 
ATOM   243  O OD2 . ASP A 1 40  ? -8.195  -11.022 5.706   1.00 43.01 ? 174 ASP A OD2 1 
ATOM   244  N N   . CYS A 1 41  ? -4.782  -9.543  6.609   1.00 41.10 ? 175 CYS A N   1 
ATOM   245  C CA  . CYS A 1 41  ? -4.697  -8.126  7.006   1.00 39.80 ? 175 CYS A CA  1 
ATOM   246  C C   . CYS A 1 41  ? -4.787  -7.103  5.863   1.00 38.50 ? 175 CYS A C   1 
ATOM   247  O O   . CYS A 1 41  ? -4.576  -7.433  4.693   1.00 38.14 ? 175 CYS A O   1 
ATOM   248  C CB  . CYS A 1 41  ? -3.380  -7.891  7.741   1.00 39.71 ? 175 CYS A CB  1 
ATOM   249  S SG  . CYS A 1 41  ? -1.957  -8.003  6.625   1.00 41.59 ? 175 CYS A SG  1 
ATOM   250  N N   . LEU A 1 42  ? -5.106  -5.862  6.238   1.00 37.30 ? 176 LEU A N   1 
ATOM   251  C CA  . LEU A 1 42  ? -4.786  -4.663  5.455   1.00 35.85 ? 176 LEU A CA  1 
ATOM   252  C C   . LEU A 1 42  ? -3.377  -4.199  5.797   1.00 35.08 ? 176 LEU A C   1 
ATOM   253  O O   . LEU A 1 42  ? -3.045  -4.041  6.968   1.00 35.01 ? 176 LEU A O   1 
ATOM   254  C CB  . LEU A 1 42  ? -5.753  -3.532  5.804   1.00 35.99 ? 176 LEU A CB  1 
ATOM   255  C CG  . LEU A 1 42  ? -5.381  -2.069  5.519   1.00 35.20 ? 176 LEU A CG  1 
ATOM   256  C CD1 . LEU A 1 42  ? -5.533  -1.749  4.047   1.00 34.58 ? 176 LEU A CD1 1 
ATOM   257  C CD2 . LEU A 1 42  ? -6.244  -1.133  6.354   1.00 35.46 ? 176 LEU A CD2 1 
ATOM   258  N N   . LEU A 1 43  ? -2.550  -3.979  4.786   1.00 34.13 ? 177 LEU A N   1 
ATOM   259  C CA  . LEU A 1 43  ? -1.242  -3.378  5.012   1.00 33.41 ? 177 LEU A CA  1 
ATOM   260  C C   . LEU A 1 43  ? -1.199  -2.004  4.360   1.00 33.25 ? 177 LEU A C   1 
ATOM   261  O O   . LEU A 1 43  ? -1.473  -1.857  3.169   1.00 32.79 ? 177 LEU A O   1 
ATOM   262  C CB  . LEU A 1 43  ? -0.098  -4.261  4.499   1.00 33.22 ? 177 LEU A CB  1 
ATOM   263  C CG  . LEU A 1 43  ? 1.274   -3.601  4.284   1.00 33.17 ? 177 LEU A CG  1 
ATOM   264  C CD1 . LEU A 1 43  ? 1.973   -3.286  5.603   1.00 32.83 ? 177 LEU A CD1 1 
ATOM   265  C CD2 . LEU A 1 43  ? 2.182   -4.447  3.399   1.00 33.24 ? 177 LEU A CD2 1 
ATOM   266  N N   . THR A 1 44  ? -0.867  -1.002  5.172   1.00 32.96 ? 178 THR A N   1 
ATOM   267  C CA  . THR A 1 44  ? -0.676  0.356   4.709   1.00 32.39 ? 178 THR A CA  1 
ATOM   268  C C   . THR A 1 44  ? 0.478   1.031   5.456   1.00 32.23 ? 178 THR A C   1 
ATOM   269  O O   . THR A 1 44  ? 1.147   0.403   6.272   1.00 32.53 ? 178 THR A O   1 
ATOM   270  C CB  . THR A 1 44  ? -1.973  1.156   4.815   1.00 32.28 ? 178 THR A CB  1 
ATOM   271  O OG1 . THR A 1 44  ? -1.805  2.416   4.158   1.00 32.45 ? 178 THR A OG1 1 
ATOM   272  C CG2 . THR A 1 44  ? -2.387  1.362   6.273   1.00 32.33 ? 178 THR A CG2 1 
ATOM   273  N N   . ALA A 1 45  ? 0.729   2.299   5.154   1.00 32.14 ? 179 ALA A N   1 
ATOM   274  C CA  . ALA A 1 45  ? 1.803   3.047   5.801   1.00 31.72 ? 179 ALA A CA  1 
ATOM   275  C C   . ALA A 1 45  ? 1.357   3.485   7.191   1.00 31.51 ? 179 ALA A C   1 
ATOM   276  O O   . ALA A 1 45  ? 0.168   3.732   7.398   1.00 31.39 ? 179 ALA A O   1 
ATOM   277  C CB  . ALA A 1 45  ? 2.189   4.247   4.956   1.00 31.42 ? 179 ALA A CB  1 
ATOM   278  N N   . HIS A 1 46  ? 2.302   3.567   8.135   1.00 31.15 ? 180 HIS A N   1 
ATOM   279  C CA  . HIS A 1 46  ? 2.010   4.064   9.483   1.00 30.92 ? 180 HIS A CA  1 
ATOM   280  C C   . HIS A 1 46  ? 1.472   5.487   9.426   1.00 31.13 ? 180 HIS A C   1 
ATOM   281  O O   . HIS A 1 46  ? 0.601   5.857   10.203  1.00 30.55 ? 180 HIS A O   1 
ATOM   282  C CB  . HIS A 1 46  ? 3.245   4.022   10.392  1.00 30.71 ? 180 HIS A CB  1 
ATOM   283  C CG  . HIS A 1 46  ? 3.039   4.682   11.723  1.00 30.35 ? 180 HIS A CG  1 
ATOM   284  N ND1 . HIS A 1 46  ? 3.132   6.047   11.900  1.00 31.02 ? 180 HIS A ND1 1 
ATOM   285  C CD2 . HIS A 1 46  ? 2.717   4.170   12.933  1.00 30.01 ? 180 HIS A CD2 1 
ATOM   286  C CE1 . HIS A 1 46  ? 2.874   6.346   13.161  1.00 29.96 ? 180 HIS A CE1 1 
ATOM   287  N NE2 . HIS A 1 46  ? 2.618   5.224   13.809  1.00 29.26 ? 180 HIS A NE2 1 
ATOM   288  N N   . HIS A 1 47  ? 1.984   6.292   8.506   1.00 31.77 ? 181 HIS A N   1 
ATOM   289  C CA  . HIS A 1 47  ? 1.574   7.685   8.497   1.00 32.51 ? 181 HIS A CA  1 
ATOM   290  C C   . HIS A 1 47  ? 0.194   7.901   7.899   1.00 32.39 ? 181 HIS A C   1 
ATOM   291  O O   . HIS A 1 47  ? -0.472  8.874   8.220   1.00 32.93 ? 181 HIS A O   1 
ATOM   292  C CB  . HIS A 1 47  ? 2.662   8.610   7.936   1.00 32.91 ? 181 HIS A CB  1 
ATOM   293  C CG  . HIS A 1 47  ? 2.638   8.780   6.454   1.00 34.41 ? 181 HIS A CG  1 
ATOM   294  N ND1 . HIS A 1 47  ? 3.491   8.088   5.617   1.00 37.02 ? 181 HIS A ND1 1 
ATOM   295  C CD2 . HIS A 1 47  ? 1.916   9.608   5.661   1.00 35.70 ? 181 HIS A CD2 1 
ATOM   296  C CE1 . HIS A 1 47  ? 3.276   8.463   4.368   1.00 37.36 ? 181 HIS A CE1 1 
ATOM   297  N NE2 . HIS A 1 47  ? 2.323   9.382   4.366   1.00 37.76 ? 181 HIS A NE2 1 
ATOM   298  N N   . VAL A 1 48  ? -0.244  6.963   7.069   1.00 32.47 ? 182 VAL A N   1 
ATOM   299  C CA  . VAL A 1 48  ? -1.607  6.947   6.560   1.00 32.22 ? 182 VAL A CA  1 
ATOM   300  C C   . VAL A 1 48  ? -2.577  6.529   7.670   1.00 32.68 ? 182 VAL A C   1 
ATOM   301  O O   . VAL A 1 48  ? -3.563  7.220   7.923   1.00 32.39 ? 182 VAL A O   1 
ATOM   302  C CB  . VAL A 1 48  ? -1.746  6.008   5.327   1.00 32.10 ? 182 VAL A CB  1 
ATOM   303  C CG1 . VAL A 1 48  ? -3.188  5.935   4.837   1.00 31.89 ? 182 VAL A CG1 1 
ATOM   304  C CG2 . VAL A 1 48  ? -0.854  6.472   4.212   1.00 31.50 ? 182 VAL A CG2 1 
ATOM   305  N N   . TRP A 1 49  ? -2.286  5.409   8.339   1.00 33.48 ? 183 TRP A N   1 
ATOM   306  C CA  . TRP A 1 49  ? -3.211  4.848   9.325   1.00 33.96 ? 183 TRP A CA  1 
ATOM   307  C C   . TRP A 1 49  ? -3.153  5.524   10.685  1.00 34.50 ? 183 TRP A C   1 
ATOM   308  O O   . TRP A 1 49  ? -4.155  5.572   11.382  1.00 34.44 ? 183 TRP A O   1 
ATOM   309  C CB  . TRP A 1 49  ? -3.043  3.330   9.476   1.00 34.10 ? 183 TRP A CB  1 
ATOM   310  C CG  . TRP A 1 49  ? -4.258  2.687   10.115  1.00 34.18 ? 183 TRP A CG  1 
ATOM   311  C CD1 . TRP A 1 49  ? -4.407  2.336   11.426  1.00 34.22 ? 183 TRP A CD1 1 
ATOM   312  C CD2 . TRP A 1 49  ? -5.505  2.377   9.476   1.00 34.19 ? 183 TRP A CD2 1 
ATOM   313  N NE1 . TRP A 1 49  ? -5.656  1.812   11.638  1.00 34.01 ? 183 TRP A NE1 1 
ATOM   314  C CE2 . TRP A 1 49  ? -6.354  1.831   10.459  1.00 34.36 ? 183 TRP A CE2 1 
ATOM   315  C CE3 . TRP A 1 49  ? -5.985  2.503   8.164   1.00 34.03 ? 183 TRP A CE3 1 
ATOM   316  C CZ2 . TRP A 1 49  ? -7.659  1.404   10.173  1.00 34.59 ? 183 TRP A CZ2 1 
ATOM   317  C CZ3 . TRP A 1 49  ? -7.282  2.078   7.883   1.00 34.23 ? 183 TRP A CZ3 1 
ATOM   318  C CH2 . TRP A 1 49  ? -8.101  1.533   8.882   1.00 34.13 ? 183 TRP A CH2 1 
ATOM   319  N N   . CYS A 1 50  ? -1.997  6.062   11.053  1.00 35.47 ? 184 CYS A N   1 
ATOM   320  C CA  . CYS A 1 50  ? -1.792  6.567   12.412  1.00 36.77 ? 184 CYS A CA  1 
ATOM   321  C C   . CYS A 1 50  ? -1.363  8.033   12.541  1.00 37.41 ? 184 CYS A C   1 
ATOM   322  O O   . CYS A 1 50  ? -1.548  8.628   13.597  1.00 37.99 ? 184 CYS A O   1 
ATOM   323  C CB  . CYS A 1 50  ? -0.811  5.663   13.173  1.00 36.73 ? 184 CYS A CB  1 
ATOM   324  S SG  . CYS A 1 50  ? -1.411  3.956   13.468  1.00 39.03 ? 184 CYS A SG  1 
ATOM   325  N N   . ASN A 1 51  ? -0.796  8.625   11.495  1.00 38.35 ? 185 ASN A N   1 
ATOM   326  C CA  . ASN A 1 51  ? -0.264  9.991   11.620  1.00 39.28 ? 185 ASN A CA  1 
ATOM   327  C C   . ASN A 1 51  ? -0.997  11.024  10.766  1.00 39.88 ? 185 ASN A C   1 
ATOM   328  O O   . ASN A 1 51  ? -0.592  12.198  10.702  1.00 40.43 ? 185 ASN A O   1 
ATOM   329  C CB  . ASN A 1 51  ? 1.251   10.036  11.347  1.00 39.21 ? 185 ASN A CB  1 
ATOM   330  N N   . SER A 1 52  ? -2.062  10.587  10.102  1.00 40.19 ? 186 SER A N   1 
ATOM   331  C CA  . SER A 1 52  ? -2.945  11.506  9.393   1.00 40.48 ? 186 SER A CA  1 
ATOM   332  C C   . SER A 1 52  ? -4.214  11.695  10.219  1.00 40.68 ? 186 SER A C   1 
ATOM   333  O O   . SER A 1 52  ? -4.263  11.288  11.395  1.00 40.41 ? 186 SER A O   1 
ATOM   334  C CB  . SER A 1 52  ? -3.282  10.975  7.995   1.00 40.54 ? 186 SER A CB  1 
ATOM   335  O OG  . SER A 1 52  ? -2.118  10.810  7.204   1.00 40.50 ? 186 SER A OG  1 
ATOM   336  N N   . MET A 1 53  ? -5.217  12.337  9.611   1.00 40.56 ? 187 MET A N   1 
ATOM   337  C CA  . MET A 1 53  ? -6.556  12.415  10.165  1.00 40.77 ? 187 MET A CA  1 
ATOM   338  C C   . MET A 1 53  ? -7.165  11.013  10.222  1.00 40.30 ? 187 MET A C   1 
ATOM   339  O O   . MET A 1 53  ? -6.851  10.159  9.394   1.00 40.41 ? 187 MET A O   1 
ATOM   340  C CB  . MET A 1 53  ? -7.409  13.336  9.316   1.00 40.61 ? 187 MET A CB  1 
ATOM   341  C CG  . MET A 1 53  ? -7.258  14.796  9.685   1.00 41.74 ? 187 MET A CG  1 
ATOM   342  S SD  . MET A 1 53  ? -8.647  15.811  9.125   1.00 42.64 ? 187 MET A SD  1 
ATOM   343  C CE  . MET A 1 53  ? -8.145  16.191  7.444   1.00 43.84 ? 187 MET A CE  1 
ATOM   344  N N   . ARG A 1 54  ? -8.021  10.768  11.207  1.00 39.92 ? 188 ARG A N   1 
ATOM   345  C CA  . ARG A 1 54  ? -8.489  9.407   11.476  1.00 39.67 ? 188 ARG A CA  1 
ATOM   346  C C   . ARG A 1 54  ? -9.081  8.751   10.241  1.00 38.85 ? 188 ARG A C   1 
ATOM   347  O O   . ARG A 1 54  ? -9.841  9.391   9.522   1.00 38.86 ? 188 ARG A O   1 
ATOM   348  C CB  . ARG A 1 54  ? -9.510  9.390   12.615  1.00 39.95 ? 188 ARG A CB  1 
ATOM   349  C CG  . ARG A 1 54  ? -8.966  9.890   13.927  1.00 41.72 ? 188 ARG A CG  1 
ATOM   350  C CD  . ARG A 1 54  ? -10.071 10.059  14.932  1.00 45.49 ? 188 ARG A CD  1 
ATOM   351  N NE  . ARG A 1 54  ? -9.540  10.556  16.195  1.00 49.84 ? 188 ARG A NE  1 
ATOM   352  C CZ  . ARG A 1 54  ? -9.423  9.832   17.305  1.00 51.68 ? 188 ARG A CZ  1 
ATOM   353  N NH1 . ARG A 1 54  ? -9.821  8.560   17.320  1.00 52.25 ? 188 ARG A NH1 1 
ATOM   354  N NH2 . ARG A 1 54  ? -8.919  10.385  18.408  1.00 51.59 ? 188 ARG A NH2 1 
ATOM   355  N N   . PRO A 1 55  ? -8.715  7.478   9.985   1.00 38.14 ? 189 PRO A N   1 
ATOM   356  C CA  . PRO A 1 55  ? -9.330  6.686   8.931   1.00 37.66 ? 189 PRO A CA  1 
ATOM   357  C C   . PRO A 1 55  ? -10.777 6.455   9.282   1.00 37.23 ? 189 PRO A C   1 
ATOM   358  O O   . PRO A 1 55  ? -11.077 6.016   10.384  1.00 37.16 ? 189 PRO A O   1 
ATOM   359  C CB  . PRO A 1 55  ? -8.573  5.354   8.998   1.00 37.74 ? 189 PRO A CB  1 
ATOM   360  C CG  . PRO A 1 55  ? -7.335  5.634   9.733   1.00 37.74 ? 189 PRO A CG  1 
ATOM   361  C CD  . PRO A 1 55  ? -7.671  6.719   10.691  1.00 38.23 ? 189 PRO A CD  1 
ATOM   362  N N   . THR A 1 56  ? -11.672 6.770   8.357   1.00 36.95 ? 190 THR A N   1 
ATOM   363  C CA  . THR A 1 56  ? -13.097 6.607   8.610   1.00 36.59 ? 190 THR A CA  1 
ATOM   364  C C   . THR A 1 56  ? -13.729 5.602   7.650   1.00 36.15 ? 190 THR A C   1 
ATOM   365  O O   . THR A 1 56  ? -14.846 5.147   7.871   1.00 36.23 ? 190 THR A O   1 
ATOM   366  C CB  . THR A 1 56  ? -13.846 7.957   8.540   1.00 36.42 ? 190 THR A CB  1 
ATOM   367  O OG1 . THR A 1 56  ? -13.452 8.653   7.360   1.00 37.52 ? 190 THR A OG1 1 
ATOM   368  C CG2 . THR A 1 56  ? -13.517 8.817   9.732   1.00 36.52 ? 190 THR A CG2 1 
ATOM   369  N N   . GLY A 1 57  ? -13.015 5.248   6.591   1.00 35.74 ? 191 GLY A N   1 
ATOM   370  C CA  . GLY A 1 57  ? -13.579 4.370   5.588   1.00 35.53 ? 191 GLY A CA  1 
ATOM   371  C C   . GLY A 1 57  ? -12.576 3.726   4.666   1.00 35.43 ? 191 GLY A C   1 
ATOM   372  O O   . GLY A 1 57  ? -11.480 4.229   4.483   1.00 34.78 ? 191 GLY A O   1 
ATOM   373  N N   . LEU A 1 58  ? -12.963 2.590   4.098   1.00 35.87 ? 192 LEU A N   1 
ATOM   374  C CA  . LEU A 1 58  ? -12.170 1.937   3.068   1.00 36.50 ? 192 LEU A CA  1 
ATOM   375  C C   . LEU A 1 58  ? -12.961 2.005   1.791   1.00 36.80 ? 192 LEU A C   1 
ATOM   376  O O   . LEU A 1 58  ? -14.166 1.750   1.797   1.00 37.26 ? 192 LEU A O   1 
ATOM   377  C CB  . LEU A 1 58  ? -11.897 0.470   3.405   1.00 36.64 ? 192 LEU A CB  1 
ATOM   378  C CG  . LEU A 1 58  ? -10.974 0.124   4.562   1.00 36.54 ? 192 LEU A CG  1 
ATOM   379  C CD1 . LEU A 1 58  ? -10.639 -1.347  4.453   1.00 37.93 ? 192 LEU A CD1 1 
ATOM   380  C CD2 . LEU A 1 58  ? -9.707  0.977   4.530   1.00 36.54 ? 192 LEU A CD2 1 
ATOM   381  N N   . ALA A 1 59  ? -12.287 2.346   0.702   1.00 36.84 ? 193 ALA A N   1 
ATOM   382  C CA  . ALA A 1 59  ? -12.953 2.527   -0.560  1.00 36.97 ? 193 ALA A CA  1 
ATOM   383  C C   . ALA A 1 59  ? -12.290 1.711   -1.651  1.00 37.44 ? 193 ALA A C   1 
ATOM   384  O O   . ALA A 1 59  ? -11.070 1.621   -1.714  1.00 37.29 ? 193 ALA A O   1 
ATOM   385  C CB  . ALA A 1 59  ? -12.968 3.992   -0.923  1.00 37.08 ? 193 ALA A CB  1 
ATOM   386  N N   . LYS A 1 60  ? -13.109 1.101   -2.497  1.00 38.19 ? 194 LYS A N   1 
ATOM   387  C CA  . LYS A 1 60  ? -12.631 0.439   -3.700  1.00 39.10 ? 194 LYS A CA  1 
ATOM   388  C C   . LYS A 1 60  ? -13.655 0.653   -4.801  1.00 40.01 ? 194 LYS A C   1 
ATOM   389  O O   . LYS A 1 60  ? -14.819 0.253   -4.660  1.00 40.48 ? 194 LYS A O   1 
ATOM   390  C CB  . LYS A 1 60  ? -12.411 -1.055  -3.466  1.00 39.09 ? 194 LYS A CB  1 
ATOM   391  C CG  . LYS A 1 60  ? -11.761 -1.781  -4.642  1.00 39.01 ? 194 LYS A CG  1 
ATOM   392  C CD  . LYS A 1 60  ? -11.215 -3.141  -4.231  1.00 38.16 ? 194 LYS A CD  1 
ATOM   393  C CE  . LYS A 1 60  ? -10.667 -3.910  -5.429  1.00 38.25 ? 194 LYS A CE  1 
ATOM   394  N NZ  . LYS A 1 60  ? -9.371  -3.383  -5.925  1.00 37.25 ? 194 LYS A NZ  1 
ATOM   395  N N   . ALA A 1 61  ? -13.218 1.297   -5.882  1.00 40.68 ? 195 ALA A N   1 
ATOM   396  C CA  . ALA A 1 61  ? -14.036 1.497   -7.071  1.00 41.29 ? 195 ALA A CA  1 
ATOM   397  C C   . ALA A 1 61  ? -15.423 2.048   -6.740  1.00 41.97 ? 195 ALA A C   1 
ATOM   398  O O   . ALA A 1 61  ? -16.442 1.520   -7.190  1.00 42.23 ? 195 ALA A O   1 
ATOM   399  C CB  . ALA A 1 61  ? -14.138 0.200   -7.867  1.00 41.15 ? 195 ALA A CB  1 
ATOM   400  N N   . GLY A 1 62  ? -15.459 3.106   -5.941  1.00 42.60 ? 196 GLY A N   1 
ATOM   401  C CA  . GLY A 1 62  ? -16.713 3.785   -5.651  1.00 43.42 ? 196 GLY A CA  1 
ATOM   402  C C   . GLY A 1 62  ? -17.503 3.144   -4.537  1.00 44.11 ? 196 GLY A C   1 
ATOM   403  O O   . GLY A 1 62  ? -18.425 3.764   -4.000  1.00 44.55 ? 196 GLY A O   1 
ATOM   404  N N   . LYS A 1 63  ? -17.155 1.902   -4.197  1.00 44.57 ? 197 LYS A N   1 
ATOM   405  C CA  . LYS A 1 63  ? -17.735 1.209   -3.044  1.00 44.87 ? 197 LYS A CA  1 
ATOM   406  C C   . LYS A 1 63  ? -17.019 1.678   -1.778  1.00 44.83 ? 197 LYS A C   1 
ATOM   407  O O   . LYS A 1 63  ? -15.815 1.916   -1.795  1.00 44.57 ? 197 LYS A O   1 
ATOM   408  C CB  . LYS A 1 63  ? -17.620 -0.314  -3.197  1.00 45.04 ? 197 LYS A CB  1 
ATOM   409  C CG  . LYS A 1 63  ? -18.296 -0.878  -4.443  1.00 46.26 ? 197 LYS A CG  1 
ATOM   410  C CD  . LYS A 1 63  ? -17.713 -2.231  -4.857  1.00 48.62 ? 197 LYS A CD  1 
ATOM   411  C CE  . LYS A 1 63  ? -18.377 -3.390  -4.115  1.00 50.29 ? 197 LYS A CE  1 
ATOM   412  N NZ  . LYS A 1 63  ? -18.069 -4.716  -4.736  1.00 51.25 ? 197 LYS A NZ  1 
ATOM   413  N N   . GLN A 1 64  ? -17.775 1.798   -0.690  1.00 45.15 ? 198 GLN A N   1 
ATOM   414  C CA  . GLN A 1 64  ? -17.290 2.349   0.570   1.00 45.59 ? 198 GLN A CA  1 
ATOM   415  C C   . GLN A 1 64  ? -17.727 1.447   1.719   1.00 45.46 ? 198 GLN A C   1 
ATOM   416  O O   . GLN A 1 64  ? -18.815 0.882   1.675   1.00 45.65 ? 198 GLN A O   1 
ATOM   417  C CB  . GLN A 1 64  ? -17.880 3.751   0.766   1.00 45.71 ? 198 GLN A CB  1 
ATOM   418  C CG  . GLN A 1 64  ? -17.445 4.495   2.040   1.00 47.59 ? 198 GLN A CG  1 
ATOM   419  C CD  . GLN A 1 64  ? -16.186 5.367   1.872   1.00 49.40 ? 198 GLN A CD  1 
ATOM   420  O OE1 . GLN A 1 64  ? -15.367 5.459   2.785   1.00 50.30 ? 198 GLN A OE1 1 
ATOM   421  N NE2 . GLN A 1 64  ? -16.045 6.021   0.715   1.00 49.64 ? 198 GLN A NE2 1 
ATOM   422  N N   . VAL A 1 65  ? -16.869 1.305   2.730   1.00 45.37 ? 199 VAL A N   1 
ATOM   423  C CA  . VAL A 1 65  ? -17.239 0.718   4.034   1.00 45.32 ? 199 VAL A CA  1 
ATOM   424  C C   . VAL A 1 65  ? -16.600 1.537   5.141   1.00 45.02 ? 199 VAL A C   1 
ATOM   425  O O   . VAL A 1 65  ? -15.446 1.947   5.016   1.00 45.06 ? 199 VAL A O   1 
ATOM   426  C CB  . VAL A 1 65  ? -16.761 -0.748  4.220   1.00 45.40 ? 199 VAL A CB  1 
ATOM   427  C CG1 . VAL A 1 65  ? -17.683 -1.732  3.516   1.00 45.30 ? 199 VAL A CG1 1 
ATOM   428  C CG2 . VAL A 1 65  ? -15.320 -0.909  3.764   1.00 45.64 ? 199 VAL A CG2 1 
ATOM   429  N N   . SER A 1 66  ? -17.333 1.758   6.226   1.00 44.74 ? 200 SER A N   1 
ATOM   430  C CA  . SER A 1 66  ? -16.807 2.547   7.327   1.00 44.82 ? 200 SER A CA  1 
ATOM   431  C C   . SER A 1 66  ? -15.800 1.751   8.147   1.00 45.08 ? 200 SER A C   1 
ATOM   432  O O   . SER A 1 66  ? -15.778 0.518   8.104   1.00 45.23 ? 200 SER A O   1 
ATOM   433  C CB  . SER A 1 66  ? -17.930 3.094   8.204   1.00 44.66 ? 200 SER A CB  1 
ATOM   434  O OG  . SER A 1 66  ? -18.800 2.064   8.621   1.00 45.35 ? 200 SER A OG  1 
ATOM   435  N N   . VAL A 1 67  ? -14.949 2.472   8.867   1.00 45.30 ? 201 VAL A N   1 
ATOM   436  C CA  . VAL A 1 67  ? -13.932 1.870   9.709   1.00 45.56 ? 201 VAL A CA  1 
ATOM   437  C C   . VAL A 1 67  ? -14.437 1.932   11.142  1.00 46.16 ? 201 VAL A C   1 
ATOM   438  O O   . VAL A 1 67  ? -14.870 2.988   11.604  1.00 46.08 ? 201 VAL A O   1 
ATOM   439  C CB  . VAL A 1 67  ? -12.560 2.592   9.551   1.00 45.43 ? 201 VAL A CB  1 
ATOM   440  C CG1 . VAL A 1 67  ? -11.545 2.116   10.589  1.00 45.58 ? 201 VAL A CG1 1 
ATOM   441  C CG2 . VAL A 1 67  ? -12.003 2.383   8.154   1.00 44.86 ? 201 VAL A CG2 1 
ATOM   442  N N   . GLU A 1 68  ? -14.414 0.779   11.810  1.00 46.88 ? 202 GLU A N   1 
ATOM   443  C CA  . GLU A 1 68  ? -14.731 0.656   13.236  1.00 47.75 ? 202 GLU A CA  1 
ATOM   444  C C   . GLU A 1 68  ? -13.428 0.433   14.031  1.00 47.99 ? 202 GLU A C   1 
ATOM   445  O O   . GLU A 1 68  ? -12.333 0.456   13.458  1.00 47.83 ? 202 GLU A O   1 
ATOM   446  C CB  . GLU A 1 68  ? -15.699 -0.511  13.469  1.00 47.96 ? 202 GLU A CB  1 
ATOM   447  C CG  . GLU A 1 68  ? -16.725 -0.752  12.359  1.00 49.10 ? 202 GLU A CG  1 
ATOM   448  C CD  . GLU A 1 68  ? -17.912 0.199   12.413  1.00 51.44 ? 202 GLU A CD  1 
ATOM   449  O OE1 . GLU A 1 68  ? -18.295 0.636   13.523  1.00 52.59 ? 202 GLU A OE1 1 
ATOM   450  O OE2 . GLU A 1 68  ? -18.474 0.507   11.336  1.00 52.54 ? 202 GLU A OE2 1 
ATOM   451  N N   . ASP A 1 69  ? -13.536 0.206   15.339  1.00 48.42 ? 203 ASP A N   1 
ATOM   452  C CA  . ASP A 1 69  ? -12.340 0.005   16.180  1.00 48.98 ? 203 ASP A CA  1 
ATOM   453  C C   . ASP A 1 69  ? -11.578 -1.295  15.853  1.00 48.93 ? 203 ASP A C   1 
ATOM   454  O O   . ASP A 1 69  ? -11.634 -2.267  16.612  1.00 49.18 ? 203 ASP A O   1 
ATOM   455  C CB  . ASP A 1 69  ? -12.688 0.085   17.679  1.00 49.04 ? 203 ASP A CB  1 
ATOM   456  C CG  . ASP A 1 69  ? -13.634 -1.027  18.129  0.50 49.59 ? 203 ASP A CG  1 
ATOM   457  O OD1 . ASP A 1 69  ? -14.462 -1.493  17.313  0.50 49.75 ? 203 ASP A OD1 1 
ATOM   458  O OD2 . ASP A 1 69  ? -13.539 -1.436  19.308  0.50 50.33 ? 203 ASP A OD2 1 
ATOM   459  N N   . TRP A 1 70  ? -10.876 -1.303  14.717  1.00 48.71 ? 204 TRP A N   1 
ATOM   460  C CA  . TRP A 1 70  ? -10.118 -2.477  14.279  1.00 48.24 ? 204 TRP A CA  1 
ATOM   461  C C   . TRP A 1 70  ? -8.726  -2.497  14.884  1.00 47.80 ? 204 TRP A C   1 
ATOM   462  O O   . TRP A 1 70  ? -8.097  -1.454  15.049  1.00 47.80 ? 204 TRP A O   1 
ATOM   463  C CB  . TRP A 1 70  ? -10.016 -2.537  12.760  1.00 48.48 ? 204 TRP A CB  1 
ATOM   464  C CG  . TRP A 1 70  ? -11.324 -2.498  12.051  1.00 49.08 ? 204 TRP A CG  1 
ATOM   465  C CD1 . TRP A 1 70  ? -12.537 -2.913  12.530  1.00 49.34 ? 204 TRP A CD1 1 
ATOM   466  C CD2 . TRP A 1 70  ? -11.557 -2.035  10.714  1.00 49.70 ? 204 TRP A CD2 1 
ATOM   467  N NE1 . TRP A 1 70  ? -13.511 -2.722  11.578  1.00 49.67 ? 204 TRP A NE1 1 
ATOM   468  C CE2 . TRP A 1 70  ? -12.936 -2.189  10.452  1.00 49.49 ? 204 TRP A CE2 1 
ATOM   469  C CE3 . TRP A 1 70  ? -10.734 -1.504  9.712   1.00 49.49 ? 204 TRP A CE3 1 
ATOM   470  C CZ2 . TRP A 1 70  ? -13.511 -1.832  9.231   1.00 49.00 ? 204 TRP A CZ2 1 
ATOM   471  C CZ3 . TRP A 1 70  ? -11.307 -1.149  8.500   1.00 49.02 ? 204 TRP A CZ3 1 
ATOM   472  C CH2 . TRP A 1 70  ? -12.681 -1.314  8.271   1.00 48.89 ? 204 TRP A CH2 1 
ATOM   473  N N   . GLU A 1 71  ? -8.251  -3.696  15.204  1.00 47.27 ? 205 GLU A N   1 
ATOM   474  C CA  . GLU A 1 71  ? -6.998  -3.857  15.924  1.00 46.70 ? 205 GLU A CA  1 
ATOM   475  C C   . GLU A 1 71  ? -5.812  -3.631  15.008  1.00 46.24 ? 205 GLU A C   1 
ATOM   476  O O   . GLU A 1 71  ? -5.754  -4.191  13.905  1.00 46.25 ? 205 GLU A O   1 
ATOM   477  C CB  . GLU A 1 71  ? -6.911  -5.247  16.574  1.00 46.81 ? 205 GLU A CB  1 
ATOM   478  N N   . ILE A 1 72  ? -4.879  -2.802  15.467  1.00 45.56 ? 206 ILE A N   1 
ATOM   479  C CA  . ILE A 1 72  ? -3.595  -2.646  14.801  1.00 44.98 ? 206 ILE A CA  1 
ATOM   480  C C   . ILE A 1 72  ? -2.662  -3.732  15.347  1.00 44.91 ? 206 ILE A C   1 
ATOM   481  O O   . ILE A 1 72  ? -2.081  -3.602  16.430  1.00 44.72 ? 206 ILE A O   1 
ATOM   482  C CB  . ILE A 1 72  ? -2.997  -1.214  14.963  1.00 44.89 ? 206 ILE A CB  1 
ATOM   483  C CG1 . ILE A 1 72  ? -3.967  -0.151  14.433  1.00 44.82 ? 206 ILE A CG1 1 
ATOM   484  C CG2 . ILE A 1 72  ? -1.651  -1.093  14.249  1.00 44.05 ? 206 ILE A CG2 1 
ATOM   485  C CD1 . ILE A 1 72  ? -4.825  0.520   15.505  1.00 45.18 ? 206 ILE A CD1 1 
ATOM   486  N N   . SER A 1 73  ? -2.564  -4.822  14.593  1.00 44.60 ? 207 SER A N   1 
ATOM   487  C CA  . SER A 1 73  ? -1.696  -5.932  14.934  1.00 44.38 ? 207 SER A CA  1 
ATOM   488  C C   . SER A 1 73  ? -0.280  -5.430  15.209  1.00 44.17 ? 207 SER A C   1 
ATOM   489  O O   . SER A 1 73  ? 0.280   -5.700  16.273  1.00 44.57 ? 207 SER A O   1 
ATOM   490  C CB  . SER A 1 73  ? -1.715  -6.968  13.811  1.00 44.40 ? 207 SER A CB  1 
ATOM   491  O OG  . SER A 1 73  ? -0.613  -7.851  13.901  1.00 45.54 ? 207 SER A OG  1 
ATOM   492  N N   . MET A 1 74  ? 0.287   -4.691  14.257  1.00 43.65 ? 208 MET A N   1 
ATOM   493  C CA  . MET A 1 74  ? 1.604   -4.068  14.427  1.00 43.00 ? 208 MET A CA  1 
ATOM   494  C C   . MET A 1 74  ? 1.808   -2.795  13.613  1.00 42.04 ? 208 MET A C   1 
ATOM   495  O O   . MET A 1 74  ? 1.084   -2.532  12.649  1.00 42.14 ? 208 MET A O   1 
ATOM   496  C CB  . MET A 1 74  ? 2.737   -5.059  14.154  1.00 43.31 ? 208 MET A CB  1 
ATOM   497  C CG  . MET A 1 74  ? 3.501   -5.430  15.415  1.00 45.55 ? 208 MET A CG  1 
ATOM   498  S SD  . MET A 1 74  ? 4.239   -3.982  16.240  1.00 48.52 ? 208 MET A SD  1 
ATOM   499  C CE  . MET A 1 74  ? 5.827   -3.893  15.419  1.00 47.52 ? 208 MET A CE  1 
ATOM   500  N N   . SER A 1 75  ? 2.804   -2.012  14.022  1.00 40.78 ? 209 SER A N   1 
ATOM   501  C CA  . SER A 1 75  ? 3.121   -0.738  13.394  1.00 39.39 ? 209 SER A CA  1 
ATOM   502  C C   . SER A 1 75  ? 4.529   -0.286  13.757  1.00 38.72 ? 209 SER A C   1 
ATOM   503  O O   . SER A 1 75  ? 5.061   -0.653  14.798  1.00 38.75 ? 209 SER A O   1 
ATOM   504  C CB  . SER A 1 75  ? 2.131   0.331   13.845  1.00 39.30 ? 209 SER A CB  1 
ATOM   505  O OG  . SER A 1 75  ? 2.275   0.577   15.229  1.00 38.19 ? 209 SER A OG  1 
ATOM   506  N N   . SER A 1 76  ? 5.124   0.515   12.883  1.00 37.93 ? 210 SER A N   1 
ATOM   507  C CA  . SER A 1 76  ? 6.358   1.224   13.190  1.00 36.68 ? 210 SER A CA  1 
ATOM   508  C C   . SER A 1 76  ? 6.261   2.617   12.627  1.00 36.14 ? 210 SER A C   1 
ATOM   509  O O   . SER A 1 76  ? 5.894   2.795   11.472  1.00 35.20 ? 210 SER A O   1 
ATOM   510  C CB  . SER A 1 76  ? 7.566   0.522   12.589  1.00 36.62 ? 210 SER A CB  1 
ATOM   511  O OG  . SER A 1 76  ? 8.665   1.409   12.526  1.00 36.15 ? 210 SER A OG  1 
ATOM   512  N N   . SER A 1 77  ? 6.594   3.597   13.463  1.00 36.04 ? 211 SER A N   1 
ATOM   513  C CA  . SER A 1 77  ? 6.653   4.998   13.064  1.00 35.97 ? 211 SER A CA  1 
ATOM   514  C C   . SER A 1 77  ? 8.080   5.402   12.717  1.00 35.72 ? 211 SER A C   1 
ATOM   515  O O   . SER A 1 77  ? 8.422   6.577   12.746  1.00 36.01 ? 211 SER A O   1 
ATOM   516  C CB  . SER A 1 77  ? 6.139   5.887   14.189  1.00 35.94 ? 211 SER A CB  1 
ATOM   517  O OG  . SER A 1 77  ? 7.000   5.796   15.303  1.00 36.88 ? 211 SER A OG  1 
ATOM   518  N N   . ASP A 1 78  ? 8.921   4.421   12.413  1.00 35.43 ? 212 ASP A N   1 
ATOM   519  C CA  . ASP A 1 78  ? 10.256  4.702   11.927  1.00 34.89 ? 212 ASP A CA  1 
ATOM   520  C C   . ASP A 1 78  ? 10.120  5.062   10.463  1.00 34.60 ? 212 ASP A C   1 
ATOM   521  O O   . ASP A 1 78  ? 9.604   4.269   9.667   1.00 34.26 ? 212 ASP A O   1 
ATOM   522  C CB  . ASP A 1 78  ? 11.169  3.480   12.106  1.00 35.11 ? 212 ASP A CB  1 
ATOM   523  C CG  . ASP A 1 78  ? 12.645  3.798   11.879  1.00 35.11 ? 212 ASP A CG  1 
ATOM   524  O OD1 . ASP A 1 78  ? 13.006  4.329   10.812  1.00 34.64 ? 212 ASP A OD1 1 
ATOM   525  O OD2 . ASP A 1 78  ? 13.457  3.497   12.771  1.00 36.23 ? 212 ASP A OD2 1 
ATOM   526  N N   . LYS A 1 79  ? 10.574  6.272   10.128  1.00 34.34 ? 213 LYS A N   1 
ATOM   527  C CA  . LYS A 1 79  ? 10.667  6.766   8.750   1.00 33.90 ? 213 LYS A CA  1 
ATOM   528  C C   . LYS A 1 79  ? 10.976  5.667   7.729   1.00 33.47 ? 213 LYS A C   1 
ATOM   529  O O   . LYS A 1 79  ? 10.462  5.687   6.617   1.00 33.46 ? 213 LYS A O   1 
ATOM   530  C CB  . LYS A 1 79  ? 11.732  7.863   8.671   1.00 34.06 ? 213 LYS A CB  1 
ATOM   531  C CG  . LYS A 1 79  ? 12.122  8.312   7.251   1.00 34.63 ? 213 LYS A CG  1 
ATOM   532  N N   . MET A 1 80  ? 11.797  4.702   8.131   1.00 33.11 ? 214 MET A N   1 
ATOM   533  C CA  . MET A 1 80  ? 12.324  3.703   7.214   1.00 32.40 ? 214 MET A CA  1 
ATOM   534  C C   . MET A 1 80  ? 11.428  2.477   7.120   1.00 31.65 ? 214 MET A C   1 
ATOM   535  O O   . MET A 1 80  ? 11.518  1.716   6.161   1.00 31.53 ? 214 MET A O   1 
ATOM   536  C CB  . MET A 1 80  ? 13.774  3.342   7.566   1.00 32.41 ? 214 MET A CB  1 
ATOM   537  C CG  . MET A 1 80  ? 14.760  4.524   7.463   1.00 33.24 ? 214 MET A CG  1 
ATOM   538  S SD  . MET A 1 80  ? 14.615  5.541   5.950   1.00 36.66 ? 214 MET A SD  1 
ATOM   539  C CE  . MET A 1 80  ? 15.395  4.500   4.716   1.00 36.60 ? 214 MET A CE  1 
ATOM   540  N N   . LEU A 1 81  ? 10.536  2.316   8.090   1.00 31.08 ? 215 LEU A N   1 
ATOM   541  C CA  . LEU A 1 81  ? 9.631   1.166   8.107   1.00 30.70 ? 215 LEU A CA  1 
ATOM   542  C C   . LEU A 1 81  ? 8.198   1.588   7.786   1.00 30.85 ? 215 LEU A C   1 
ATOM   543  O O   . LEU A 1 81  ? 7.594   1.076   6.835   1.00 31.12 ? 215 LEU A O   1 
ATOM   544  C CB  . LEU A 1 81  ? 9.726   0.388   9.435   1.00 30.05 ? 215 LEU A CB  1 
ATOM   545  C CG  . LEU A 1 81  ? 11.115  -0.198  9.728   1.00 28.76 ? 215 LEU A CG  1 
ATOM   546  C CD1 . LEU A 1 81  ? 11.200  -0.829  11.109  1.00 27.11 ? 215 LEU A CD1 1 
ATOM   547  C CD2 . LEU A 1 81  ? 11.575  -1.180  8.653   1.00 26.47 ? 215 LEU A CD2 1 
ATOM   548  N N   . ASP A 1 82  ? 7.670   2.522   8.577   1.00 30.53 ? 216 ASP A N   1 
ATOM   549  C CA  . ASP A 1 82  ? 6.420   3.219   8.262   1.00 30.32 ? 216 ASP A CA  1 
ATOM   550  C C   . ASP A 1 82  ? 5.355   2.254   7.765   1.00 29.98 ? 216 ASP A C   1 
ATOM   551  O O   . ASP A 1 82  ? 4.976   2.274   6.602   1.00 29.72 ? 216 ASP A O   1 
ATOM   552  C CB  . ASP A 1 82  ? 6.679   4.337   7.237   1.00 30.12 ? 216 ASP A CB  1 
ATOM   553  C CG  . ASP A 1 82  ? 5.535   5.336   7.137   1.00 30.16 ? 216 ASP A CG  1 
ATOM   554  O OD1 . ASP A 1 82  ? 4.539   5.214   7.870   1.00 29.10 ? 216 ASP A OD1 1 
ATOM   555  O OD2 . ASP A 1 82  ? 5.641   6.269   6.309   1.00 32.10 ? 216 ASP A OD2 1 
ATOM   556  N N   . PHE A 1 83  ? 4.890   1.397   8.661   1.00 30.20 ? 217 PHE A N   1 
ATOM   557  C CA  . PHE A 1 83  ? 3.870   0.420   8.313   1.00 30.63 ? 217 PHE A CA  1 
ATOM   558  C C   . PHE A 1 83  ? 2.807   0.317   9.385   1.00 31.04 ? 217 PHE A C   1 
ATOM   559  O O   . PHE A 1 83  ? 3.049   0.646   10.546  1.00 31.36 ? 217 PHE A O   1 
ATOM   560  C CB  . PHE A 1 83  ? 4.488   -0.956  8.004   1.00 30.37 ? 217 PHE A CB  1 
ATOM   561  C CG  . PHE A 1 83  ? 5.044   -1.657  9.197   1.00 29.77 ? 217 PHE A CG  1 
ATOM   562  C CD1 . PHE A 1 83  ? 4.209   -2.313  10.093  1.00 30.06 ? 217 PHE A CD1 1 
ATOM   563  C CD2 . PHE A 1 83  ? 6.405   -1.686  9.417   1.00 29.51 ? 217 PHE A CD2 1 
ATOM   564  C CE1 . PHE A 1 83  ? 4.736   -2.966  11.207  1.00 30.62 ? 217 PHE A CE1 1 
ATOM   565  C CE2 . PHE A 1 83  ? 6.935   -2.336  10.517  1.00 29.52 ? 217 PHE A CE2 1 
ATOM   566  C CZ  . PHE A 1 83  ? 6.104   -2.970  11.418  1.00 29.71 ? 217 PHE A CZ  1 
ATOM   567  N N   . ALA A 1 84  ? 1.622   -0.113  8.975   1.00 31.61 ? 218 ALA A N   1 
ATOM   568  C CA  . ALA A 1 84  ? 0.546   -0.421  9.900   1.00 32.71 ? 218 ALA A CA  1 
ATOM   569  C C   . ALA A 1 84  ? -0.201  -1.635  9.362   1.00 33.59 ? 218 ALA A C   1 
ATOM   570  O O   . ALA A 1 84  ? -0.613  -1.666  8.198   1.00 33.50 ? 218 ALA A O   1 
ATOM   571  C CB  . ALA A 1 84  ? -0.385  0.756   10.074  1.00 32.65 ? 218 ALA A CB  1 
ATOM   572  N N   . ILE A 1 85  ? -0.332  -2.640  10.222  1.00 34.69 ? 219 ILE A N   1 
ATOM   573  C CA  . ILE A 1 85  ? -0.945  -3.918  9.874   1.00 35.64 ? 219 ILE A CA  1 
ATOM   574  C C   . ILE A 1 85  ? -2.253  -3.980  10.642  1.00 36.23 ? 219 ILE A C   1 
ATOM   575  O O   . ILE A 1 85  ? -2.251  -4.014  11.864  1.00 36.41 ? 219 ILE A O   1 
ATOM   576  C CB  . ILE A 1 85  ? 0.021   -5.090  10.211  1.00 35.27 ? 219 ILE A CB  1 
ATOM   577  C CG1 . ILE A 1 85  ? 1.294   -4.951  9.374   1.00 35.24 ? 219 ILE A CG1 1 
ATOM   578  C CG2 . ILE A 1 85  ? -0.613  -6.425  9.907   1.00 35.79 ? 219 ILE A CG2 1 
ATOM   579  C CD1 . ILE A 1 85  ? 2.500   -5.642  9.927   1.00 35.67 ? 219 ILE A CD1 1 
ATOM   580  N N   . VAL A 1 86  ? -3.370  -3.938  9.922   1.00 37.42 ? 220 VAL A N   1 
ATOM   581  C CA  . VAL A 1 86  ? -4.685  -3.802  10.560  1.00 38.89 ? 220 VAL A CA  1 
ATOM   582  C C   . VAL A 1 86  ? -5.564  -5.028  10.305  1.00 40.12 ? 220 VAL A C   1 
ATOM   583  O O   . VAL A 1 86  ? -5.625  -5.543  9.183   1.00 40.25 ? 220 VAL A O   1 
ATOM   584  C CB  . VAL A 1 86  ? -5.421  -2.515  10.105  1.00 38.74 ? 220 VAL A CB  1 
ATOM   585  C CG1 . VAL A 1 86  ? -6.776  -2.396  10.769  1.00 39.00 ? 220 VAL A CG1 1 
ATOM   586  C CG2 . VAL A 1 86  ? -4.596  -1.274  10.425  1.00 39.23 ? 220 VAL A CG2 1 
ATOM   587  N N   . ARG A 1 87  ? -6.236  -5.489  11.357  1.00 41.43 ? 221 ARG A N   1 
ATOM   588  C CA  . ARG A 1 87  ? -7.159  -6.603  11.231  1.00 43.00 ? 221 ARG A CA  1 
ATOM   589  C C   . ARG A 1 87  ? -8.579  -6.133  10.921  1.00 43.25 ? 221 ARG A C   1 
ATOM   590  O O   . ARG A 1 87  ? -9.337  -5.726  11.801  1.00 43.14 ? 221 ARG A O   1 
ATOM   591  C CB  . ARG A 1 87  ? -7.102  -7.506  12.467  1.00 43.56 ? 221 ARG A CB  1 
ATOM   592  C CG  . ARG A 1 87  ? -5.884  -8.425  12.476  1.00 46.52 ? 221 ARG A CG  1 
ATOM   593  C CD  . ARG A 1 87  ? -5.817  -9.252  13.750  1.00 51.65 ? 221 ARG A CD  1 
ATOM   594  N NE  . ARG A 1 87  ? -4.837  -10.333 13.636  1.00 55.31 ? 221 ARG A NE  1 
ATOM   595  C CZ  . ARG A 1 87  ? -4.615  -11.255 14.571  1.00 57.60 ? 221 ARG A CZ  1 
ATOM   596  N NH1 . ARG A 1 87  ? -5.304  -11.243 15.711  1.00 58.46 ? 221 ARG A NH1 1 
ATOM   597  N NH2 . ARG A 1 87  ? -3.699  -12.199 14.367  1.00 58.65 ? 221 ARG A NH2 1 
ATOM   598  N N   . VAL A 1 88  ? -8.904  -6.187  9.636   1.00 43.97 ? 222 VAL A N   1 
ATOM   599  C CA  . VAL A 1 88  ? -10.212 -5.822  9.109   1.00 44.53 ? 222 VAL A CA  1 
ATOM   600  C C   . VAL A 1 88  ? -11.110 -7.066  9.120   1.00 45.06 ? 222 VAL A C   1 
ATOM   601  O O   . VAL A 1 88  ? -10.714 -8.124  8.607   1.00 45.00 ? 222 VAL A O   1 
ATOM   602  C CB  . VAL A 1 88  ? -10.076 -5.308  7.645   1.00 44.55 ? 222 VAL A CB  1 
ATOM   603  C CG1 . VAL A 1 88  ? -11.429 -4.929  7.064   1.00 44.22 ? 222 VAL A CG1 1 
ATOM   604  C CG2 . VAL A 1 88  ? -9.093  -4.135  7.562   1.00 44.46 ? 222 VAL A CG2 1 
ATOM   605  N N   . PRO A 1 89  ? -12.314 -6.959  9.713   1.00 45.54 ? 223 PRO A N   1 
ATOM   606  C CA  . PRO A 1 89  ? -13.231 -8.095  9.637   1.00 46.09 ? 223 PRO A CA  1 
ATOM   607  C C   . PRO A 1 89  ? -13.364 -8.591  8.199   1.00 46.77 ? 223 PRO A C   1 
ATOM   608  O O   . PRO A 1 89  ? -13.350 -7.790  7.271   1.00 47.05 ? 223 PRO A O   1 
ATOM   609  C CB  . PRO A 1 89  ? -14.543 -7.511  10.150  1.00 45.91 ? 223 PRO A CB  1 
ATOM   610  C CG  . PRO A 1 89  ? -14.120 -6.442  11.094  1.00 45.57 ? 223 PRO A CG  1 
ATOM   611  C CD  . PRO A 1 89  ? -12.885 -5.843  10.486  1.00 45.49 ? 223 PRO A CD  1 
ATOM   612  N N   . THR A 1 90  ? -13.464 -9.901  8.017   1.00 47.71 ? 224 THR A N   1 
ATOM   613  C CA  . THR A 1 90  ? -13.420 -10.500 6.680   1.00 48.41 ? 224 THR A CA  1 
ATOM   614  C C   . THR A 1 90  ? -14.648 -10.201 5.817   1.00 48.67 ? 224 THR A C   1 
ATOM   615  O O   . THR A 1 90  ? -14.584 -10.298 4.590   1.00 48.71 ? 224 THR A O   1 
ATOM   616  C CB  . THR A 1 90  ? -13.152 -12.027 6.737   1.00 48.70 ? 224 THR A CB  1 
ATOM   617  O OG1 . THR A 1 90  ? -13.351 -12.602 5.435   1.00 49.37 ? 224 THR A OG1 1 
ATOM   618  C CG2 . THR A 1 90  ? -14.073 -12.722 7.760   1.00 49.21 ? 224 THR A CG2 1 
ATOM   619  N N   . HIS A 1 91  ? -15.758 -9.838  6.454   1.00 49.05 ? 225 HIS A N   1 
ATOM   620  C CA  . HIS A 1 91  ? -16.965 -9.491  5.717   1.00 49.54 ? 225 HIS A CA  1 
ATOM   621  C C   . HIS A 1 91  ? -16.786 -8.153  5.002   1.00 49.94 ? 225 HIS A C   1 
ATOM   622  O O   . HIS A 1 91  ? -17.272 -7.972  3.875   1.00 50.26 ? 225 HIS A O   1 
ATOM   623  C CB  . HIS A 1 91  ? -18.194 -9.474  6.634   1.00 49.79 ? 225 HIS A CB  1 
ATOM   624  C CG  . HIS A 1 91  ? -18.200 -8.356  7.632   1.00 50.52 ? 225 HIS A CG  1 
ATOM   625  N ND1 . HIS A 1 91  ? -17.800 -8.525  8.940   1.00 51.15 ? 225 HIS A ND1 1 
ATOM   626  C CD2 . HIS A 1 91  ? -18.574 -7.060  7.518   1.00 51.07 ? 225 HIS A CD2 1 
ATOM   627  C CE1 . HIS A 1 91  ? -17.926 -7.381  9.589   1.00 51.29 ? 225 HIS A CE1 1 
ATOM   628  N NE2 . HIS A 1 91  ? -18.392 -6.475  8.748   1.00 51.43 ? 225 HIS A NE2 1 
ATOM   629  N N   . VAL A 1 92  ? -16.074 -7.232  5.660   1.00 49.81 ? 226 VAL A N   1 
ATOM   630  C CA  . VAL A 1 92  ? -15.730 -5.931  5.090   1.00 49.27 ? 226 VAL A CA  1 
ATOM   631  C C   . VAL A 1 92  ? -14.959 -6.094  3.785   1.00 49.02 ? 226 VAL A C   1 
ATOM   632  O O   . VAL A 1 92  ? -15.254 -5.418  2.809   1.00 49.14 ? 226 VAL A O   1 
ATOM   633  C CB  . VAL A 1 92  ? -14.900 -5.089  6.065   1.00 49.27 ? 226 VAL A CB  1 
ATOM   634  C CG1 . VAL A 1 92  ? -14.573 -3.736  5.455   1.00 49.61 ? 226 VAL A CG1 1 
ATOM   635  C CG2 . VAL A 1 92  ? -15.631 -4.907  7.391   1.00 49.33 ? 226 VAL A CG2 1 
ATOM   636  N N   . TRP A 1 93  ? -13.981 -6.993  3.767   1.00 48.94 ? 227 TRP A N   1 
ATOM   637  C CA  . TRP A 1 93  ? -13.242 -7.308  2.547   1.00 49.11 ? 227 TRP A CA  1 
ATOM   638  C C   . TRP A 1 93  ? -14.144 -7.787  1.399   1.00 49.17 ? 227 TRP A C   1 
ATOM   639  O O   . TRP A 1 93  ? -13.902 -7.468  0.232   1.00 49.43 ? 227 TRP A O   1 
ATOM   640  C CB  . TRP A 1 93  ? -12.192 -8.381  2.816   1.00 49.44 ? 227 TRP A CB  1 
ATOM   641  C CG  . TRP A 1 93  ? -10.971 -7.954  3.604   1.00 50.26 ? 227 TRP A CG  1 
ATOM   642  C CD1 . TRP A 1 93  ? -10.375 -8.651  4.622   1.00 50.36 ? 227 TRP A CD1 1 
ATOM   643  C CD2 . TRP A 1 93  ? -10.180 -6.766  3.420   1.00 51.03 ? 227 TRP A CD2 1 
ATOM   644  N NE1 . TRP A 1 93  ? -9.274  -7.972  5.082   1.00 50.55 ? 227 TRP A NE1 1 
ATOM   645  C CE2 . TRP A 1 93  ? -9.131  -6.813  4.368   1.00 50.75 ? 227 TRP A CE2 1 
ATOM   646  C CE3 . TRP A 1 93  ? -10.260 -5.662  2.553   1.00 50.68 ? 227 TRP A CE3 1 
ATOM   647  C CZ2 . TRP A 1 93  ? -8.169  -5.802  4.471   1.00 50.61 ? 227 TRP A CZ2 1 
ATOM   648  C CZ3 . TRP A 1 93  ? -9.301  -4.658  2.657   1.00 50.24 ? 227 TRP A CZ3 1 
ATOM   649  C CH2 . TRP A 1 93  ? -8.272  -4.734  3.607   1.00 50.32 ? 227 TRP A CH2 1 
ATOM   650  N N   . SER A 1 94  ? -15.168 -8.568  1.731   1.00 49.08 ? 228 SER A N   1 
ATOM   651  C CA  . SER A 1 94  ? -16.078 -9.126  0.735   1.00 48.89 ? 228 SER A CA  1 
ATOM   652  C C   . SER A 1 94  ? -17.158 -8.126  0.341   1.00 48.50 ? 228 SER A C   1 
ATOM   653  O O   . SER A 1 94  ? -17.563 -8.087  -0.822  1.00 48.59 ? 228 SER A O   1 
ATOM   654  C CB  . SER A 1 94  ? -16.697 -10.436 1.229   1.00 49.15 ? 228 SER A CB  1 
ATOM   655  O OG  . SER A 1 94  ? -17.123 -10.320 2.574   1.00 50.37 ? 228 SER A OG  1 
ATOM   656  N N   . LYS A 1 95  ? -17.616 -7.321  1.303   1.00 47.77 ? 229 LYS A N   1 
ATOM   657  C CA  . LYS A 1 95  ? -18.428 -6.136  1.007   1.00 47.23 ? 229 LYS A CA  1 
ATOM   658  C C   . LYS A 1 95  ? -17.783 -5.237  -0.056  1.00 46.91 ? 229 LYS A C   1 
ATOM   659  O O   . LYS A 1 95  ? -18.487 -4.632  -0.870  1.00 47.17 ? 229 LYS A O   1 
ATOM   660  C CB  . LYS A 1 95  ? -18.699 -5.325  2.273   1.00 47.08 ? 229 LYS A CB  1 
ATOM   661  C CG  . LYS A 1 95  ? -19.800 -5.893  3.137   1.00 47.47 ? 229 LYS A CG  1 
ATOM   662  C CD  . LYS A 1 95  ? -19.821 -5.259  4.521   1.00 48.16 ? 229 LYS A CD  1 
ATOM   663  N N   . LEU A 1 96  ? -16.452 -5.163  -0.051  1.00 46.29 ? 230 LEU A N   1 
ATOM   664  C CA  . LEU A 1 96  ? -15.705 -4.328  -0.989  1.00 45.93 ? 230 LEU A CA  1 
ATOM   665  C C   . LEU A 1 96  ? -15.308 -5.064  -2.243  1.00 45.80 ? 230 LEU A C   1 
ATOM   666  O O   . LEU A 1 96  ? -15.076 -4.451  -3.285  1.00 45.85 ? 230 LEU A O   1 
ATOM   667  C CB  . LEU A 1 96  ? -14.440 -3.772  -0.341  1.00 45.80 ? 230 LEU A CB  1 
ATOM   668  C CG  . LEU A 1 96  ? -14.489 -2.373  0.266   1.00 46.38 ? 230 LEU A CG  1 
ATOM   669  C CD1 . LEU A 1 96  ? -14.869 -1.302  -0.763  1.00 46.10 ? 230 LEU A CD1 1 
ATOM   670  C CD2 . LEU A 1 96  ? -15.477 -2.385  1.385   1.00 46.32 ? 230 LEU A CD2 1 
ATOM   671  N N   . GLY A 1 97  ? -15.211 -6.382  -2.133  1.00 45.69 ? 231 GLY A N   1 
ATOM   672  C CA  . GLY A 1 97  ? -14.773 -7.210  -3.244  1.00 45.45 ? 231 GLY A CA  1 
ATOM   673  C C   . GLY A 1 97  ? -13.264 -7.243  -3.314  1.00 45.29 ? 231 GLY A C   1 
ATOM   674  O O   . GLY A 1 97  ? -12.692 -7.403  -4.395  1.00 45.35 ? 231 GLY A O   1 
ATOM   675  N N   . VAL A 1 98  ? -12.623 -7.090  -2.155  1.00 45.10 ? 232 VAL A N   1 
ATOM   676  C CA  . VAL A 1 98  ? -11.160 -7.127  -2.059  1.00 44.74 ? 232 VAL A CA  1 
ATOM   677  C C   . VAL A 1 98  ? -10.655 -8.563  -1.896  1.00 44.58 ? 232 VAL A C   1 
ATOM   678  O O   . VAL A 1 98  ? -11.075 -9.278  -0.994  1.00 44.35 ? 232 VAL A O   1 
ATOM   679  C CB  . VAL A 1 98  ? -10.630 -6.251  -0.896  1.00 44.64 ? 232 VAL A CB  1 
ATOM   680  C CG1 . VAL A 1 98  ? -9.102  -6.168  -0.933  1.00 44.65 ? 232 VAL A CG1 1 
ATOM   681  C CG2 . VAL A 1 98  ? -11.225 -4.868  -0.954  1.00 44.17 ? 232 VAL A CG2 1 
ATOM   682  N N   . LYS A 1 99  ? -9.753  -8.963  -2.782  1.00 44.56 ? 233 LYS A N   1 
ATOM   683  C CA  . LYS A 1 99  ? -9.119  -10.269 -2.716  1.00 44.94 ? 233 LYS A CA  1 
ATOM   684  C C   . LYS A 1 99  ? -7.656  -10.152 -2.268  1.00 45.00 ? 233 LYS A C   1 
ATOM   685  O O   . LYS A 1 99  ? -6.894  -9.348  -2.805  1.00 44.76 ? 233 LYS A O   1 
ATOM   686  C CB  . LYS A 1 99  ? -9.193  -10.972 -4.080  1.00 45.13 ? 233 LYS A CB  1 
ATOM   687  C CG  . LYS A 1 99  ? -10.592 -11.393 -4.525  1.00 45.47 ? 233 LYS A CG  1 
ATOM   688  C CD  . LYS A 1 99  ? -10.557 -12.006 -5.922  1.00 45.25 ? 233 LYS A CD  1 
ATOM   689  N N   . SER A 1 100 ? -7.281  -10.975 -1.291  1.00 45.15 ? 234 SER A N   1 
ATOM   690  C CA  . SER A 1 100 ? -5.915  -11.058 -0.779  1.00 45.32 ? 234 SER A CA  1 
ATOM   691  C C   . SER A 1 100 ? -4.850  -11.238 -1.868  1.00 45.43 ? 234 SER A C   1 
ATOM   692  O O   . SER A 1 100 ? -5.156  -11.658 -2.985  1.00 45.52 ? 234 SER A O   1 
ATOM   693  C CB  . SER A 1 100 ? -5.825  -12.205 0.227   1.00 45.40 ? 234 SER A CB  1 
ATOM   694  O OG  . SER A 1 100 ? -4.754  -12.013 1.129   1.00 45.79 ? 234 SER A OG  1 
ATOM   695  N N   . THR A 1 101 ? -3.606  -10.890 -1.532  1.00 45.63 ? 235 THR A N   1 
ATOM   696  C CA  . THR A 1 101 ? -2.434  -11.079 -2.397  1.00 45.92 ? 235 THR A CA  1 
ATOM   697  C C   . THR A 1 101 ? -1.218  -11.281 -1.512  1.00 46.01 ? 235 THR A C   1 
ATOM   698  O O   . THR A 1 101 ? -1.003  -10.508 -0.592  1.00 46.15 ? 235 THR A O   1 
ATOM   699  C CB  . THR A 1 101 ? -2.207  -9.881  -3.344  1.00 45.78 ? 235 THR A CB  1 
ATOM   700  O OG1 . THR A 1 101 ? -3.275  -9.832  -4.289  1.00 47.07 ? 235 THR A OG1 1 
ATOM   701  C CG2 . THR A 1 101 ? -0.915  -10.024 -4.122  1.00 45.77 ? 235 THR A CG2 1 
ATOM   702  N N   . PRO A 1 102 ? -0.419  -12.329 -1.773  1.00 46.38 ? 236 PRO A N   1 
ATOM   703  C CA  . PRO A 1 102 ? 0.707   -12.578 -0.873  1.00 46.44 ? 236 PRO A CA  1 
ATOM   704  C C   . PRO A 1 102 ? 1.881   -11.605 -1.074  1.00 46.14 ? 236 PRO A C   1 
ATOM   705  O O   . PRO A 1 102 ? 2.115   -11.121 -2.190  1.00 46.11 ? 236 PRO A O   1 
ATOM   706  C CB  . PRO A 1 102 ? 1.125   -14.014 -1.223  1.00 46.45 ? 236 PRO A CB  1 
ATOM   707  C CG  . PRO A 1 102 ? 0.755   -14.168 -2.659  1.00 46.87 ? 236 PRO A CG  1 
ATOM   708  C CD  . PRO A 1 102 ? -0.486  -13.324 -2.863  1.00 46.67 ? 236 PRO A CD  1 
ATOM   709  N N   . LEU A 1 103 ? 2.584   -11.318 0.018   1.00 45.77 ? 237 LEU A N   1 
ATOM   710  C CA  . LEU A 1 103 ? 3.846   -10.602 -0.039  1.00 45.66 ? 237 LEU A CA  1 
ATOM   711  C C   . LEU A 1 103 ? 4.908   -11.532 -0.594  1.00 45.56 ? 237 LEU A C   1 
ATOM   712  O O   . LEU A 1 103 ? 5.209   -12.558 -0.002  1.00 45.88 ? 237 LEU A O   1 
ATOM   713  C CB  . LEU A 1 103 ? 4.248   -10.119 1.353   1.00 45.53 ? 237 LEU A CB  1 
ATOM   714  C CG  . LEU A 1 103 ? 3.934   -8.708  1.866   1.00 45.52 ? 237 LEU A CG  1 
ATOM   715  C CD1 . LEU A 1 103 ? 2.948   -7.935  1.011   1.00 45.13 ? 237 LEU A CD1 1 
ATOM   716  C CD2 . LEU A 1 103 ? 3.398   -8.842  3.280   1.00 45.57 ? 237 LEU A CD2 1 
ATOM   717  N N   . VAL A 1 104 ? 5.456   -11.165 -1.740  1.00 45.65 ? 238 VAL A N   1 
ATOM   718  C CA  . VAL A 1 104 ? 6.474   -11.939 -2.423  1.00 45.90 ? 238 VAL A CA  1 
ATOM   719  C C   . VAL A 1 104 ? 7.827   -11.298 -2.111  1.00 46.14 ? 238 VAL A C   1 
ATOM   720  O O   . VAL A 1 104 ? 7.885   -10.141 -1.704  1.00 46.38 ? 238 VAL A O   1 
ATOM   721  C CB  . VAL A 1 104 ? 6.186   -11.983 -3.961  1.00 45.95 ? 238 VAL A CB  1 
ATOM   722  C CG1 . VAL A 1 104 ? 7.318   -12.643 -4.731  1.00 46.55 ? 238 VAL A CG1 1 
ATOM   723  C CG2 . VAL A 1 104 ? 4.878   -12.720 -4.245  1.00 45.84 ? 238 VAL A CG2 1 
ATOM   724  N N   . CYS A 1 105 ? 8.902   -12.058 -2.287  1.00 46.52 ? 239 CYS A N   1 
ATOM   725  C CA  . CYS A 1 105 ? 10.254  -11.588 -2.040  1.00 46.74 ? 239 CYS A CA  1 
ATOM   726  C C   . CYS A 1 105 ? 10.763  -10.637 -3.133  1.00 47.11 ? 239 CYS A C   1 
ATOM   727  O O   . CYS A 1 105 ? 10.763  -10.989 -4.313  1.00 47.13 ? 239 CYS A O   1 
ATOM   728  C CB  . CYS A 1 105 ? 11.189  -12.789 -1.921  1.00 46.98 ? 239 CYS A CB  1 
ATOM   729  S SG  . CYS A 1 105 ? 12.833  -12.388 -1.325  1.00 47.20 ? 239 CYS A SG  1 
ATOM   730  N N   . PRO A 1 106 ? 11.195  -9.421  -2.747  1.00 47.34 ? 240 PRO A N   1 
ATOM   731  C CA  . PRO A 1 106 ? 11.764  -8.481  -3.721  1.00 47.63 ? 240 PRO A CA  1 
ATOM   732  C C   . PRO A 1 106 ? 13.141  -8.902  -4.245  1.00 48.01 ? 240 PRO A C   1 
ATOM   733  O O   . PRO A 1 106 ? 13.810  -9.730  -3.631  1.00 48.28 ? 240 PRO A O   1 
ATOM   734  C CB  . PRO A 1 106 ? 11.874  -7.179  -2.924  1.00 47.75 ? 240 PRO A CB  1 
ATOM   735  C CG  . PRO A 1 106 ? 11.951  -7.607  -1.509  1.00 47.20 ? 240 PRO A CG  1 
ATOM   736  C CD  . PRO A 1 106 ? 11.141  -8.846  -1.390  1.00 47.17 ? 240 PRO A CD  1 
ATOM   737  N N   . SER A 1 107 ? 13.560  -8.320  -5.366  1.00 48.43 ? 241 SER A N   1 
ATOM   738  C CA  . SER A 1 107 ? 14.839  -8.666  -5.982  1.00 48.89 ? 241 SER A CA  1 
ATOM   739  C C   . SER A 1 107 ? 15.696  -7.429  -6.240  1.00 49.16 ? 241 SER A C   1 
ATOM   740  O O   . SER A 1 107 ? 15.397  -6.344  -5.748  1.00 49.42 ? 241 SER A O   1 
ATOM   741  C CB  . SER A 1 107 ? 14.606  -9.431  -7.289  1.00 49.01 ? 241 SER A CB  1 
ATOM   742  O OG  . SER A 1 107 ? 14.137  -8.561  -8.307  1.00 49.18 ? 241 SER A OG  1 
ATOM   743  N N   . SER A 1 108 ? 16.764  -7.602  -7.011  1.00 49.48 ? 242 SER A N   1 
ATOM   744  C CA  . SER A 1 108 ? 17.631  -6.493  -7.401  1.00 49.82 ? 242 SER A CA  1 
ATOM   745  C C   . SER A 1 108 ? 16.933  -5.579  -8.410  1.00 49.80 ? 242 SER A C   1 
ATOM   746  O O   . SER A 1 108 ? 17.258  -4.396  -8.515  1.00 49.89 ? 242 SER A O   1 
ATOM   747  C CB  . SER A 1 108 ? 18.938  -7.021  -8.008  1.00 50.02 ? 242 SER A CB  1 
ATOM   748  O OG  . SER A 1 108 ? 19.361  -8.220  -7.371  1.00 50.92 ? 242 SER A OG  1 
ATOM   749  N N   . LYS A 1 109 ? 15.988  -6.136  -9.163  1.00 49.71 ? 243 LYS A N   1 
ATOM   750  C CA  . LYS A 1 109 ? 15.253  -5.382  -10.166 1.00 49.66 ? 243 LYS A CA  1 
ATOM   751  C C   . LYS A 1 109 ? 13.920  -6.050  -10.451 1.00 49.63 ? 243 LYS A C   1 
ATOM   752  O O   . LYS A 1 109 ? 13.867  -7.137  -11.030 1.00 50.10 ? 243 LYS A O   1 
ATOM   753  C CB  . LYS A 1 109 ? 16.065  -5.244  -11.459 1.00 49.83 ? 243 LYS A CB  1 
ATOM   754  C CG  . LYS A 1 109 ? 15.688  -4.034  -12.316 1.00 50.09 ? 243 LYS A CG  1 
ATOM   755  N N   . ASP A 1 110 ? 12.845  -5.401  -10.020 1.00 49.26 ? 244 ASP A N   1 
ATOM   756  C CA  . ASP A 1 110 ? 11.497  -5.853  -10.320 1.00 48.90 ? 244 ASP A CA  1 
ATOM   757  C C   . ASP A 1 110 ? 10.802  -4.777  -11.142 1.00 48.51 ? 244 ASP A C   1 
ATOM   758  O O   . ASP A 1 110 ? 10.903  -3.597  -10.822 1.00 48.74 ? 244 ASP A O   1 
ATOM   759  C CB  . ASP A 1 110 ? 10.720  -6.110  -9.027  1.00 49.04 ? 244 ASP A CB  1 
ATOM   760  C CG  . ASP A 1 110 ? 11.225  -7.326  -8.265  1.00 49.47 ? 244 ASP A CG  1 
ATOM   761  O OD1 . ASP A 1 110 ? 11.496  -8.368  -8.905  1.00 50.49 ? 244 ASP A OD1 1 
ATOM   762  O OD2 . ASP A 1 110 ? 11.333  -7.243  -7.021  1.00 48.75 ? 244 ASP A OD2 1 
ATOM   763  N N   . VAL A 1 111 ? 10.119  -5.173  -12.211 1.00 47.88 ? 245 VAL A N   1 
ATOM   764  C CA  . VAL A 1 111 ? 9.317   -4.233  -12.980 1.00 47.34 ? 245 VAL A CA  1 
ATOM   765  C C   . VAL A 1 111 ? 8.010   -4.042  -12.220 1.00 46.67 ? 245 VAL A C   1 
ATOM   766  O O   . VAL A 1 111 ? 7.338   -5.015  -11.876 1.00 46.80 ? 245 VAL A O   1 
ATOM   767  C CB  . VAL A 1 111 ? 9.054   -4.731  -14.430 1.00 47.67 ? 245 VAL A CB  1 
ATOM   768  C CG1 . VAL A 1 111 ? 8.279   -3.678  -15.242 1.00 47.76 ? 245 VAL A CG1 1 
ATOM   769  C CG2 . VAL A 1 111 ? 10.371  -5.081  -15.134 1.00 47.94 ? 245 VAL A CG2 1 
ATOM   770  N N   . ILE A 1 112 ? 7.659   -2.797  -11.931 1.00 45.77 ? 246 ILE A N   1 
ATOM   771  C CA  . ILE A 1 112 ? 6.513   -2.540  -11.066 1.00 45.25 ? 246 ILE A CA  1 
ATOM   772  C C   . ILE A 1 112 ? 5.485   -1.563  -11.626 1.00 44.95 ? 246 ILE A C   1 
ATOM   773  O O   . ILE A 1 112 ? 5.811   -0.646  -12.374 1.00 45.21 ? 246 ILE A O   1 
ATOM   774  C CB  . ILE A 1 112 ? 6.944   -2.060  -9.648  1.00 45.15 ? 246 ILE A CB  1 
ATOM   775  C CG1 . ILE A 1 112 ? 7.942   -0.907  -9.743  1.00 45.01 ? 246 ILE A CG1 1 
ATOM   776  C CG2 . ILE A 1 112 ? 7.512   -3.218  -8.835  1.00 45.20 ? 246 ILE A CG2 1 
ATOM   777  C CD1 . ILE A 1 112 ? 7.945   0.000   -8.537  1.00 45.46 ? 246 ILE A CD1 1 
ATOM   778  N N   . THR A 1 113 ? 4.234   -1.781  -11.251 1.00 44.52 ? 247 THR A N   1 
ATOM   779  C CA  . THR A 1 113 ? 3.190   -0.805  -11.475 1.00 44.33 ? 247 THR A CA  1 
ATOM   780  C C   . THR A 1 113 ? 2.757   -0.300  -10.115 1.00 44.10 ? 247 THR A C   1 
ATOM   781  O O   . THR A 1 113 ? 2.700   -1.072  -9.147  1.00 44.01 ? 247 THR A O   1 
ATOM   782  C CB  . THR A 1 113 ? 1.973   -1.429  -12.174 1.00 44.61 ? 247 THR A CB  1 
ATOM   783  O OG1 . THR A 1 113 ? 2.411   -2.264  -13.256 1.00 45.07 ? 247 THR A OG1 1 
ATOM   784  C CG2 . THR A 1 113 ? 1.029   -0.349  -12.705 1.00 44.22 ? 247 THR A CG2 1 
ATOM   785  N N   . CYS A 1 114 ? 2.467   0.996   -10.039 1.00 43.76 ? 248 CYS A N   1 
ATOM   786  C CA  . CYS A 1 114 ? 1.911   1.597   -8.830  1.00 43.42 ? 248 CYS A CA  1 
ATOM   787  C C   . CYS A 1 114 ? 0.642   2.368   -9.137  1.00 43.30 ? 248 CYS A C   1 
ATOM   788  O O   . CYS A 1 114 ? 0.552   3.054   -10.145 1.00 43.01 ? 248 CYS A O   1 
ATOM   789  C CB  . CYS A 1 114 ? 2.938   2.494   -8.146  1.00 43.21 ? 248 CYS A CB  1 
ATOM   790  S SG  . CYS A 1 114 ? 3.678   3.675   -9.233  1.00 42.89 ? 248 CYS A SG  1 
ATOM   791  N N   . TYR A 1 115 ? -0.341  2.233   -8.259  1.00 43.76 ? 249 TYR A N   1 
ATOM   792  C CA  . TYR A 1 115 ? -1.645  2.836   -8.461  1.00 44.25 ? 249 TYR A CA  1 
ATOM   793  C C   . TYR A 1 115 ? -1.953  3.847   -7.377  1.00 44.43 ? 249 TYR A C   1 
ATOM   794  O O   . TYR A 1 115 ? -1.690  3.608   -6.203  1.00 44.17 ? 249 TYR A O   1 
ATOM   795  C CB  . TYR A 1 115 ? -2.743  1.769   -8.466  1.00 44.48 ? 249 TYR A CB  1 
ATOM   796  C CG  . TYR A 1 115 ? -2.624  0.730   -9.555  1.00 44.68 ? 249 TYR A CG  1 
ATOM   797  C CD1 . TYR A 1 115 ? -1.730  -0.336  -9.432  1.00 44.92 ? 249 TYR A CD1 1 
ATOM   798  C CD2 . TYR A 1 115 ? -3.421  0.797   -10.692 1.00 44.70 ? 249 TYR A CD2 1 
ATOM   799  C CE1 . TYR A 1 115 ? -1.620  -1.293  -10.424 1.00 45.57 ? 249 TYR A CE1 1 
ATOM   800  C CE2 . TYR A 1 115 ? -3.323  -0.158  -11.690 1.00 45.18 ? 249 TYR A CE2 1 
ATOM   801  C CZ  . TYR A 1 115 ? -2.420  -1.200  -11.553 1.00 45.23 ? 249 TYR A CZ  1 
ATOM   802  O OH  . TYR A 1 115 ? -2.315  -2.151  -12.540 1.00 45.26 ? 249 TYR A OH  1 
ATOM   803  N N   . GLY A 1 116 ? -2.533  4.969   -7.783  1.00 44.90 ? 250 GLY A N   1 
ATOM   804  C CA  . GLY A 1 116 ? -2.999  5.979   -6.848  1.00 45.67 ? 250 GLY A CA  1 
ATOM   805  C C   . GLY A 1 116 ? -3.966  6.934   -7.506  1.00 46.20 ? 250 GLY A C   1 
ATOM   806  O O   . GLY A 1 116 ? -4.265  6.811   -8.686  1.00 46.35 ? 250 GLY A O   1 
ATOM   807  N N   . GLY A 1 117 ? -4.458  7.888   -6.735  1.00 46.76 ? 251 GLY A N   1 
ATOM   808  C CA  . GLY A 1 117 ? -5.394  8.876   -7.236  1.00 47.81 ? 251 GLY A CA  1 
ATOM   809  C C   . GLY A 1 117 ? -5.774  9.762   -6.083  1.00 48.72 ? 251 GLY A C   1 
ATOM   810  O O   . GLY A 1 117 ? -5.100  9.753   -5.051  1.00 49.09 ? 251 GLY A O   1 
ATOM   811  N N   . SER A 1 118 ? -6.841  10.533  -6.252  1.00 49.48 ? 252 SER A N   1 
ATOM   812  C CA  . SER A 1 118 ? -7.348  11.369  -5.172  1.00 50.16 ? 252 SER A CA  1 
ATOM   813  C C   . SER A 1 118 ? -8.776  10.982  -4.854  1.00 50.53 ? 252 SER A C   1 
ATOM   814  O O   . SER A 1 118 ? -9.418  11.597  -4.004  1.00 50.89 ? 252 SER A O   1 
ATOM   815  C CB  . SER A 1 118 ? -7.225  12.862  -5.504  1.00 50.32 ? 252 SER A CB  1 
ATOM   816  O OG  . SER A 1 118 ? -7.792  13.165  -6.770  1.00 51.11 ? 252 SER A OG  1 
ATOM   817  N N   . SER A 1 119 ? -9.269  9.963   -5.551  1.00 51.02 ? 253 SER A N   1 
ATOM   818  C CA  . SER A 1 119 ? -10.531 9.307   -5.195  1.00 51.75 ? 253 SER A CA  1 
ATOM   819  C C   . SER A 1 119 ? -10.549 7.850   -5.679  1.00 51.88 ? 253 SER A C   1 
ATOM   820  O O   . SER A 1 119 ? -9.852  7.490   -6.637  1.00 51.75 ? 253 SER A O   1 
ATOM   821  C CB  . SER A 1 119 ? -11.762 10.107  -5.682  1.00 51.92 ? 253 SER A CB  1 
ATOM   822  O OG  . SER A 1 119 ? -12.040 9.915   -7.061  1.00 52.49 ? 253 SER A OG  1 
ATOM   823  N N   . SER A 1 120 ? -11.334 7.021   -4.992  1.00 52.19 ? 254 SER A N   1 
ATOM   824  C CA  . SER A 1 120 ? -11.408 5.574   -5.263  1.00 52.40 ? 254 SER A CA  1 
ATOM   825  C C   . SER A 1 120 ? -11.703 5.242   -6.734  1.00 52.27 ? 254 SER A C   1 
ATOM   826  O O   . SER A 1 120 ? -11.121 4.302   -7.296  1.00 52.49 ? 254 SER A O   1 
ATOM   827  C CB  . SER A 1 120 ? -12.456 4.910   -4.354  1.00 52.33 ? 254 SER A CB  1 
ATOM   828  O OG  . SER A 1 120 ? -13.751 5.449   -4.577  1.00 52.42 ? 254 SER A OG  1 
ATOM   829  N N   . ASP A 1 121 ? -12.603 6.026   -7.335  1.00 51.74 ? 255 ASP A N   1 
ATOM   830  C CA  . ASP A 1 121 ? -13.053 5.832   -8.715  1.00 50.84 ? 255 ASP A CA  1 
ATOM   831  C C   . ASP A 1 121 ? -12.225 6.625   -9.738  1.00 50.18 ? 255 ASP A C   1 
ATOM   832  O O   . ASP A 1 121 ? -12.404 6.450   -10.949 1.00 50.39 ? 255 ASP A O   1 
ATOM   833  C CB  . ASP A 1 121 ? -14.543 6.188   -8.840  1.00 51.07 ? 255 ASP A CB  1 
ATOM   834  C CG  . ASP A 1 121 ? -14.890 7.521   -8.183  0.50 51.01 ? 255 ASP A CG  1 
ATOM   835  O OD1 . ASP A 1 121 ? -14.096 8.482   -8.295  0.50 51.08 ? 255 ASP A OD1 1 
ATOM   836  O OD2 . ASP A 1 121 ? -15.966 7.609   -7.553  0.50 51.05 ? 255 ASP A OD2 1 
ATOM   837  N N   . CYS A 1 122 ? -11.324 7.485   -9.255  1.00 48.85 ? 256 CYS A N   1 
ATOM   838  C CA  . CYS A 1 122 ? -10.465 8.278   -10.140 1.00 47.67 ? 256 CYS A CA  1 
ATOM   839  C C   . CYS A 1 122 ? -8.991  7.884   -10.067 1.00 46.57 ? 256 CYS A C   1 
ATOM   840  O O   . CYS A 1 122 ? -8.126  8.701   -9.746  1.00 46.23 ? 256 CYS A O   1 
ATOM   841  C CB  . CYS A 1 122 ? -10.625 9.768   -9.855  1.00 47.94 ? 256 CYS A CB  1 
ATOM   842  S SG  . CYS A 1 122 ? -9.962  10.790  -11.175 1.00 48.82 ? 256 CYS A SG  1 
ATOM   843  N N   . LEU A 1 123 ? -8.709  6.634   -10.402 1.00 45.45 ? 257 LEU A N   1 
ATOM   844  C CA  . LEU A 1 123 ? -7.382  6.069   -10.201 1.00 44.32 ? 257 LEU A CA  1 
ATOM   845  C C   . LEU A 1 123 ? -6.507  6.236   -11.433 1.00 43.51 ? 257 LEU A C   1 
ATOM   846  O O   . LEU A 1 123 ? -7.015  6.276   -12.547 1.00 43.67 ? 257 LEU A O   1 
ATOM   847  C CB  . LEU A 1 123 ? -7.524  4.590   -9.849  1.00 44.10 ? 257 LEU A CB  1 
ATOM   848  C CG  . LEU A 1 123 ? -6.484  3.942   -8.945  1.00 44.12 ? 257 LEU A CG  1 
ATOM   849  C CD1 . LEU A 1 123 ? -6.547  4.499   -7.522  1.00 44.50 ? 257 LEU A CD1 1 
ATOM   850  C CD2 . LEU A 1 123 ? -6.703  2.444   -8.942  1.00 43.44 ? 257 LEU A CD2 1 
ATOM   851  N N   . MET A 1 124 ? -5.198  6.347   -11.226 1.00 42.55 ? 258 MET A N   1 
ATOM   852  C CA  . MET A 1 124 ? -4.224  6.303   -12.319 1.00 41.78 ? 258 MET A CA  1 
ATOM   853  C C   . MET A 1 124 ? -3.037  5.391   -11.987 1.00 41.50 ? 258 MET A C   1 
ATOM   854  O O   . MET A 1 124 ? -2.837  5.008   -10.829 1.00 41.37 ? 258 MET A O   1 
ATOM   855  C CB  . MET A 1 124 ? -3.764  7.708   -12.728 1.00 41.84 ? 258 MET A CB  1 
ATOM   856  C CG  . MET A 1 124 ? -3.125  8.542   -11.619 1.00 42.61 ? 258 MET A CG  1 
ATOM   857  S SD  . MET A 1 124 ? -2.702  10.232  -12.132 1.00 41.84 ? 258 MET A SD  1 
ATOM   858  C CE  . MET A 1 124 ? -2.590  11.051  -10.541 1.00 42.57 ? 258 MET A CE  1 
ATOM   859  N N   . SER A 1 125 ? -2.257  5.038   -13.006 1.00 41.04 ? 259 SER A N   1 
ATOM   860  C CA  . SER A 1 125 ? -1.176  4.069   -12.849 1.00 40.59 ? 259 SER A CA  1 
ATOM   861  C C   . SER A 1 125 ? 0.181   4.594   -13.289 1.00 40.38 ? 259 SER A C   1 
ATOM   862  O O   . SER A 1 125 ? 0.291   5.327   -14.263 1.00 40.29 ? 259 SER A O   1 
ATOM   863  C CB  . SER A 1 125 ? -1.480  2.804   -13.646 1.00 40.55 ? 259 SER A CB  1 
ATOM   864  O OG  . SER A 1 125 ? -1.079  2.981   -14.993 1.00 40.44 ? 259 SER A OG  1 
ATOM   865  N N   . GLY A 1 126 ? 1.215   4.185   -12.564 1.00 40.27 ? 260 GLY A N   1 
ATOM   866  C CA  . GLY A 1 126 ? 2.590   4.470   -12.937 1.00 40.07 ? 260 GLY A CA  1 
ATOM   867  C C   . GLY A 1 126 ? 3.327   3.167   -13.159 1.00 39.79 ? 260 GLY A C   1 
ATOM   868  O O   . GLY A 1 126 ? 2.839   2.111   -12.783 1.00 39.71 ? 260 GLY A O   1 
ATOM   869  N N   . VAL A 1 127 ? 4.491   3.245   -13.796 1.00 39.82 ? 261 VAL A N   1 
ATOM   870  C CA  . VAL A 1 127 ? 5.346   2.084   -14.019 1.00 39.83 ? 261 VAL A CA  1 
ATOM   871  C C   . VAL A 1 127 ? 6.770   2.497   -13.677 1.00 39.64 ? 261 VAL A C   1 
ATOM   872  O O   . VAL A 1 127 ? 7.170   3.635   -13.911 1.00 39.39 ? 261 VAL A O   1 
ATOM   873  C CB  . VAL A 1 127 ? 5.284   1.552   -15.495 1.00 40.09 ? 261 VAL A CB  1 
ATOM   874  C CG1 . VAL A 1 127 ? 5.979   0.198   -15.617 1.00 40.34 ? 261 VAL A CG1 1 
ATOM   875  C CG2 . VAL A 1 127 ? 3.851   1.426   -15.987 1.00 40.03 ? 261 VAL A CG2 1 
ATOM   876  N N   . GLY A 1 128 ? 7.525   1.574   -13.106 1.00 39.84 ? 262 GLY A N   1 
ATOM   877  C CA  . GLY A 1 128 ? 8.931   1.815   -12.809 1.00 40.42 ? 262 GLY A CA  1 
ATOM   878  C C   . GLY A 1 128 ? 9.623   0.506   -12.533 1.00 40.65 ? 262 GLY A C   1 
ATOM   879  O O   . GLY A 1 128 ? 9.139   -0.554  -12.925 1.00 41.08 ? 262 GLY A O   1 
ATOM   880  N N   . SER A 1 129 ? 10.760  0.570   -11.856 1.00 40.99 ? 263 SER A N   1 
ATOM   881  C CA  . SER A 1 129 ? 11.395  -0.651  -11.349 1.00 41.24 ? 263 SER A CA  1 
ATOM   882  C C   . SER A 1 129 ? 11.723  -0.503  -9.874  1.00 41.11 ? 263 SER A C   1 
ATOM   883  O O   . SER A 1 129 ? 11.938  0.606   -9.392  1.00 41.22 ? 263 SER A O   1 
ATOM   884  C CB  . SER A 1 129 ? 12.644  -0.983  -12.145 1.00 41.12 ? 263 SER A CB  1 
ATOM   885  O OG  . SER A 1 129 ? 13.439  0.174   -12.278 1.00 42.47 ? 263 SER A OG  1 
ATOM   886  N N   . SER A 1 130 ? 11.740  -1.623  -9.162  1.00 41.10 ? 264 SER A N   1 
ATOM   887  C CA  . SER A 1 130 ? 12.070  -1.635  -7.743  1.00 41.20 ? 264 SER A CA  1 
ATOM   888  C C   . SER A 1 130 ? 13.329  -2.457  -7.457  1.00 41.11 ? 264 SER A C   1 
ATOM   889  O O   . SER A 1 130 ? 13.590  -3.462  -8.114  1.00 40.89 ? 264 SER A O   1 
ATOM   890  C CB  . SER A 1 130 ? 10.896  -2.162  -6.921  1.00 41.18 ? 264 SER A CB  1 
ATOM   891  O OG  . SER A 1 130 ? 11.175  -2.037  -5.538  1.00 41.88 ? 264 SER A OG  1 
ATOM   892  N N   . SER A 1 131 ? 14.100  -2.019  -6.466  1.00 41.10 ? 265 SER A N   1 
ATOM   893  C CA  . SER A 1 131 ? 15.371  -2.654  -6.145  1.00 41.06 ? 265 SER A CA  1 
ATOM   894  C C   . SER A 1 131 ? 15.570  -2.740  -4.651  1.00 40.66 ? 265 SER A C   1 
ATOM   895  O O   . SER A 1 131 ? 15.272  -1.805  -3.922  1.00 40.61 ? 265 SER A O   1 
ATOM   896  C CB  . SER A 1 131 ? 16.537  -1.878  -6.761  1.00 41.39 ? 265 SER A CB  1 
ATOM   897  O OG  . SER A 1 131 ? 16.348  -1.684  -8.159  1.00 43.21 ? 265 SER A OG  1 
ATOM   898  N N   . THR A 1 132 ? 16.095  -3.874  -4.212  1.00 40.25 ? 266 THR A N   1 
ATOM   899  C CA  . THR A 1 132 ? 16.439  -4.095  -2.821  1.00 40.09 ? 266 THR A CA  1 
ATOM   900  C C   . THR A 1 132 ? 17.695  -3.310  -2.405  1.00 39.75 ? 266 THR A C   1 
ATOM   901  O O   . THR A 1 132 ? 18.430  -2.805  -3.249  1.00 39.41 ? 266 THR A O   1 
ATOM   902  C CB  . THR A 1 132 ? 16.687  -5.582  -2.591  1.00 40.14 ? 266 THR A CB  1 
ATOM   903  O OG1 . THR A 1 132 ? 17.377  -6.114  -3.724  1.00 40.90 ? 266 THR A OG1 1 
ATOM   904  C CG2 . THR A 1 132 ? 15.378  -6.322  -2.428  1.00 40.34 ? 266 THR A CG2 1 
ATOM   905  N N   . SER A 1 133 ? 17.933  -3.214  -1.099  1.00 39.36 ? 267 SER A N   1 
ATOM   906  C CA  . SER A 1 133 ? 19.151  -2.596  -0.584  1.00 39.36 ? 267 SER A CA  1 
ATOM   907  C C   . SER A 1 133 ? 19.950  -3.583  0.243   1.00 38.99 ? 267 SER A C   1 
ATOM   908  O O   . SER A 1 133 ? 19.441  -4.640  0.618   1.00 38.77 ? 267 SER A O   1 
ATOM   909  C CB  . SER A 1 133 ? 18.819  -1.386  0.291   1.00 39.36 ? 267 SER A CB  1 
ATOM   910  O OG  . SER A 1 133 ? 18.755  -0.200  -0.472  1.00 40.85 ? 267 SER A OG  1 
ATOM   911  N N   . GLU A 1 134 ? 21.201  -3.227  0.529   1.00 38.72 ? 268 GLU A N   1 
ATOM   912  C CA  . GLU A 1 134 ? 21.977  -3.923  1.559   1.00 38.65 ? 268 GLU A CA  1 
ATOM   913  C C   . GLU A 1 134 ? 21.418  -3.580  2.951   1.00 38.64 ? 268 GLU A C   1 
ATOM   914  O O   . GLU A 1 134 ? 21.766  -4.222  3.945   1.00 38.50 ? 268 GLU A O   1 
ATOM   915  C CB  . GLU A 1 134 ? 23.476  -3.604  1.456   1.00 38.50 ? 268 GLU A CB  1 
ATOM   916  C CG  . GLU A 1 134 ? 23.873  -2.175  1.827   1.00 38.15 ? 268 GLU A CG  1 
ATOM   917  C CD  . GLU A 1 134 ? 23.648  -1.183  0.707   1.00 37.89 ? 268 GLU A CD  1 
ATOM   918  O OE1 . GLU A 1 134 ? 23.411  -1.616  -0.444  1.00 37.73 ? 268 GLU A OE1 1 
ATOM   919  O OE2 . GLU A 1 134 ? 23.714  0.035   0.974   1.00 37.78 ? 268 GLU A OE2 1 
ATOM   920  N N   . PHE A 1 135 ? 20.571  -2.547  2.998   1.00 38.60 ? 269 PHE A N   1 
ATOM   921  C CA  . PHE A 1 135 ? 19.682  -2.280  4.125   1.00 38.39 ? 269 PHE A CA  1 
ATOM   922  C C   . PHE A 1 135 ? 18.372  -2.978  3.808   1.00 38.17 ? 269 PHE A C   1 
ATOM   923  O O   . PHE A 1 135 ? 17.515  -2.417  3.141   1.00 38.21 ? 269 PHE A O   1 
ATOM   924  C CB  . PHE A 1 135 ? 19.480  -0.774  4.311   1.00 38.69 ? 269 PHE A CB  1 
ATOM   925  C CG  . PHE A 1 135 ? 20.761  -0.022  4.554   1.00 39.21 ? 269 PHE A CG  1 
ATOM   926  C CD1 . PHE A 1 135 ? 21.374  0.683   3.523   1.00 39.38 ? 269 PHE A CD1 1 
ATOM   927  C CD2 . PHE A 1 135 ? 21.374  -0.050  5.804   1.00 40.23 ? 269 PHE A CD2 1 
ATOM   928  C CE1 . PHE A 1 135 ? 22.568  1.369   3.731   1.00 40.25 ? 269 PHE A CE1 1 
ATOM   929  C CE2 . PHE A 1 135 ? 22.580  0.632   6.026   1.00 41.77 ? 269 PHE A CE2 1 
ATOM   930  C CZ  . PHE A 1 135 ? 23.177  1.347   4.986   1.00 40.51 ? 269 PHE A CZ  1 
ATOM   931  N N   . THR A 1 136 ? 18.233  -4.210  4.294   1.00 38.18 ? 270 THR A N   1 
ATOM   932  C CA  . THR A 1 136 ? 17.227  -5.160  3.804   1.00 38.21 ? 270 THR A CA  1 
ATOM   933  C C   . THR A 1 136 ? 15.774  -4.676  3.882   1.00 38.07 ? 270 THR A C   1 
ATOM   934  O O   . THR A 1 136 ? 14.953  -5.031  3.031   1.00 38.28 ? 270 THR A O   1 
ATOM   935  C CB  . THR A 1 136 ? 17.362  -6.529  4.498   1.00 38.24 ? 270 THR A CB  1 
ATOM   936  O OG1 . THR A 1 136 ? 18.727  -6.742  4.886   1.00 39.31 ? 270 THR A OG1 1 
ATOM   937  C CG2 . THR A 1 136 ? 16.941  -7.645  3.563   1.00 38.28 ? 270 THR A CG2 1 
ATOM   938  N N   . TRP A 1 137 ? 15.469  -3.867  4.893   1.00 37.79 ? 271 TRP A N   1 
ATOM   939  C CA  . TRP A 1 137 ? 14.132  -3.289  5.086   1.00 37.24 ? 271 TRP A CA  1 
ATOM   940  C C   . TRP A 1 137 ? 13.776  -2.249  4.020   1.00 37.26 ? 271 TRP A C   1 
ATOM   941  O O   . TRP A 1 137 ? 12.606  -1.926  3.815   1.00 37.23 ? 271 TRP A O   1 
ATOM   942  C CB  . TRP A 1 137 ? 14.062  -2.642  6.459   1.00 37.11 ? 271 TRP A CB  1 
ATOM   943  C CG  . TRP A 1 137 ? 15.143  -1.625  6.667   1.00 36.65 ? 271 TRP A CG  1 
ATOM   944  C CD1 . TRP A 1 137 ? 15.100  -0.304  6.337   1.00 36.59 ? 271 TRP A CD1 1 
ATOM   945  C CD2 . TRP A 1 137 ? 16.434  -1.856  7.231   1.00 36.13 ? 271 TRP A CD2 1 
ATOM   946  N NE1 . TRP A 1 137 ? 16.283  0.307   6.665   1.00 36.85 ? 271 TRP A NE1 1 
ATOM   947  C CE2 . TRP A 1 137 ? 17.122  -0.624  7.219   1.00 36.56 ? 271 TRP A CE2 1 
ATOM   948  C CE3 . TRP A 1 137 ? 17.078  -2.984  7.749   1.00 36.95 ? 271 TRP A CE3 1 
ATOM   949  C CZ2 . TRP A 1 137 ? 18.426  -0.483  7.714   1.00 36.89 ? 271 TRP A CZ2 1 
ATOM   950  C CZ3 . TRP A 1 137 ? 18.380  -2.844  8.246   1.00 37.45 ? 271 TRP A CZ3 1 
ATOM   951  C CH2 . TRP A 1 137 ? 19.037  -1.601  8.220   1.00 36.84 ? 271 TRP A CH2 1 
ATOM   952  N N   . LYS A 1 138 ? 14.794  -1.734  3.344   1.00 37.18 ? 272 LYS A N   1 
ATOM   953  C CA  . LYS A 1 138 ? 14.625  -0.647  2.402   1.00 37.40 ? 272 LYS A CA  1 
ATOM   954  C C   . LYS A 1 138 ? 14.496  -1.122  0.943   1.00 37.42 ? 272 LYS A C   1 
ATOM   955  O O   . LYS A 1 138 ? 15.253  -1.982  0.486   1.00 37.35 ? 272 LYS A O   1 
ATOM   956  C CB  . LYS A 1 138 ? 15.799  0.315   2.556   1.00 37.56 ? 272 LYS A CB  1 
ATOM   957  C CG  . LYS A 1 138 ? 15.759  1.564   1.703   1.00 38.36 ? 272 LYS A CG  1 
ATOM   958  C CD  . LYS A 1 138 ? 16.906  2.455   2.114   1.00 40.71 ? 272 LYS A CD  1 
ATOM   959  C CE  . LYS A 1 138 ? 17.390  3.322   0.975   1.00 42.59 ? 272 LYS A CE  1 
ATOM   960  N NZ  . LYS A 1 138 ? 18.726  3.935   1.303   1.00 43.48 ? 272 LYS A NZ  1 
ATOM   961  N N   . LEU A 1 139 ? 13.510  -0.565  0.236   1.00 37.21 ? 273 LEU A N   1 
ATOM   962  C CA  . LEU A 1 139 ? 13.422  -0.680  -1.209  1.00 36.93 ? 273 LEU A CA  1 
ATOM   963  C C   . LEU A 1 139 ? 13.522  0.724   -1.750  1.00 37.07 ? 273 LEU A C   1 
ATOM   964  O O   . LEU A 1 139 ? 13.096  1.671   -1.092  1.00 37.26 ? 273 LEU A O   1 
ATOM   965  C CB  . LEU A 1 139 ? 12.092  -1.280  -1.645  1.00 36.81 ? 273 LEU A CB  1 
ATOM   966  C CG  . LEU A 1 139 ? 11.651  -2.669  -1.176  1.00 37.42 ? 273 LEU A CG  1 
ATOM   967  C CD1 . LEU A 1 139 ? 10.267  -2.971  -1.719  1.00 36.91 ? 273 LEU A CD1 1 
ATOM   968  C CD2 . LEU A 1 139 ? 12.634  -3.779  -1.574  1.00 37.74 ? 273 LEU A CD2 1 
ATOM   969  N N   . THR A 1 140 ? 14.109  0.861   -2.935  1.00 37.06 ? 274 THR A N   1 
ATOM   970  C CA  . THR A 1 140 ? 14.061  2.107   -3.691  1.00 37.17 ? 274 THR A CA  1 
ATOM   971  C C   . THR A 1 140 ? 13.443  1.780   -5.047  1.00 37.20 ? 274 THR A C   1 
ATOM   972  O O   . THR A 1 140 ? 13.689  0.709   -5.598  1.00 37.58 ? 274 THR A O   1 
ATOM   973  C CB  . THR A 1 140 ? 15.458  2.726   -3.879  1.00 37.15 ? 274 THR A CB  1 
ATOM   974  O OG1 . THR A 1 140 ? 16.327  1.763   -4.483  1.00 38.49 ? 274 THR A OG1 1 
ATOM   975  C CG2 . THR A 1 140 ? 16.053  3.153   -2.546  1.00 37.02 ? 274 THR A CG2 1 
ATOM   976  N N   . HIS A 1 141 ? 12.637  2.684   -5.585  1.00 37.06 ? 275 HIS A N   1 
ATOM   977  C CA  . HIS A 1 141 ? 11.936  2.409   -6.829  1.00 37.22 ? 275 HIS A CA  1 
ATOM   978  C C   . HIS A 1 141 ? 11.729  3.673   -7.664  1.00 37.87 ? 275 HIS A C   1 
ATOM   979  O O   . HIS A 1 141 ? 11.846  4.792   -7.151  1.00 38.03 ? 275 HIS A O   1 
ATOM   980  C CB  . HIS A 1 141 ? 10.597  1.714   -6.549  1.00 36.87 ? 275 HIS A CB  1 
ATOM   981  C CG  . HIS A 1 141 ? 9.543   2.624   -5.993  1.00 35.98 ? 275 HIS A CG  1 
ATOM   982  N ND1 . HIS A 1 141 ? 8.712   3.375   -6.793  1.00 34.29 ? 275 HIS A ND1 1 
ATOM   983  C CD2 . HIS A 1 141 ? 9.185   2.903   -4.718  1.00 35.16 ? 275 HIS A CD2 1 
ATOM   984  C CE1 . HIS A 1 141 ? 7.884   4.072   -6.040  1.00 33.04 ? 275 HIS A CE1 1 
ATOM   985  N NE2 . HIS A 1 141 ? 8.151   3.804   -4.778  1.00 34.80 ? 275 HIS A NE2 1 
ATOM   986  N N   . THR A 1 142 ? 11.410  3.484   -8.943  1.00 38.34 ? 276 THR A N   1 
ATOM   987  C CA  . THR A 1 142 ? 11.262  4.588   -9.885  1.00 39.01 ? 276 THR A CA  1 
ATOM   988  C C   . THR A 1 142 ? 9.822   4.816   -10.336 1.00 39.22 ? 276 THR A C   1 
ATOM   989  O O   . THR A 1 142 ? 9.557   5.665   -11.191 1.00 39.66 ? 276 THR A O   1 
ATOM   990  C CB  . THR A 1 142 ? 12.140  4.385   -11.121 1.00 39.05 ? 276 THR A CB  1 
ATOM   991  O OG1 . THR A 1 142 ? 11.877  3.094   -11.678 1.00 40.66 ? 276 THR A OG1 1 
ATOM   992  C CG2 . THR A 1 142 ? 13.618  4.489   -10.758 1.00 39.46 ? 276 THR A CG2 1 
ATOM   993  N N   . CYS A 1 143 ? 8.891   4.064   -9.764  1.00 39.58 ? 277 CYS A N   1 
ATOM   994  C CA  . CYS A 1 143 ? 7.474   4.238   -10.066 1.00 39.73 ? 277 CYS A CA  1 
ATOM   995  C C   . CYS A 1 143 ? 7.035   5.646   -9.667  1.00 39.62 ? 277 CYS A C   1 
ATOM   996  O O   . CYS A 1 143 ? 7.247   6.055   -8.529  1.00 39.71 ? 277 CYS A O   1 
ATOM   997  C CB  . CYS A 1 143 ? 6.649   3.193   -9.316  1.00 39.87 ? 277 CYS A CB  1 
ATOM   998  S SG  . CYS A 1 143 ? 5.168   2.650   -10.154 1.00 40.37 ? 277 CYS A SG  1 
ATOM   999  N N   . PRO A 1 144 ? 6.432   6.398   -10.606 1.00 39.57 ? 278 PRO A N   1 
ATOM   1000 C CA  . PRO A 1 144 ? 6.017   7.758   -10.304 1.00 39.45 ? 278 PRO A CA  1 
ATOM   1001 C C   . PRO A 1 144 ? 4.779   7.764   -9.415  1.00 39.61 ? 278 PRO A C   1 
ATOM   1002 O O   . PRO A 1 144 ? 3.762   7.145   -9.741  1.00 40.09 ? 278 PRO A O   1 
ATOM   1003 C CB  . PRO A 1 144 ? 5.702   8.336   -11.688 1.00 39.56 ? 278 PRO A CB  1 
ATOM   1004 C CG  . PRO A 1 144 ? 5.268   7.175   -12.484 1.00 39.31 ? 278 PRO A CG  1 
ATOM   1005 C CD  . PRO A 1 144 ? 6.092   6.020   -11.991 1.00 39.74 ? 278 PRO A CD  1 
ATOM   1006 N N   . THR A 1 145 ? 4.877   8.434   -8.280  1.00 39.51 ? 279 THR A N   1 
ATOM   1007 C CA  . THR A 1 145 ? 3.778   8.473   -7.334  1.00 39.20 ? 279 THR A CA  1 
ATOM   1008 C C   . THR A 1 145 ? 3.421   9.926   -7.097  1.00 39.12 ? 279 THR A C   1 
ATOM   1009 O O   . THR A 1 145 ? 3.900   10.797  -7.813  1.00 39.70 ? 279 THR A O   1 
ATOM   1010 C CB  . THR A 1 145 ? 4.131   7.755   -6.015  1.00 39.01 ? 279 THR A CB  1 
ATOM   1011 O OG1 . THR A 1 145 ? 5.330   8.308   -5.476  1.00 39.05 ? 279 THR A OG1 1 
ATOM   1012 C CG2 . THR A 1 145 ? 4.350   6.274   -6.253  1.00 38.87 ? 279 THR A CG2 1 
ATOM   1013 N N   . ALA A 1 146 ? 2.563   10.192  -6.121  1.00 38.85 ? 280 ALA A N   1 
ATOM   1014 C CA  . ALA A 1 146 ? 2.185   11.556  -5.800  1.00 38.55 ? 280 ALA A CA  1 
ATOM   1015 C C   . ALA A 1 146 ? 1.795   11.657  -4.343  1.00 38.31 ? 280 ALA A C   1 
ATOM   1016 O O   . ALA A 1 146 ? 1.891   10.673  -3.598  1.00 38.18 ? 280 ALA A O   1 
ATOM   1017 C CB  . ALA A 1 146 ? 1.029   12.023  -6.702  1.00 38.88 ? 280 ALA A CB  1 
ATOM   1018 N N   . ALA A 1 147 ? 1.367   12.855  -3.945  1.00 37.99 ? 281 ALA A N   1 
ATOM   1019 C CA  . ALA A 1 147 ? 0.788   13.080  -2.626  1.00 37.69 ? 281 ALA A CA  1 
ATOM   1020 C C   . ALA A 1 147 ? -0.486  12.248  -2.513  1.00 37.23 ? 281 ALA A C   1 
ATOM   1021 O O   . ALA A 1 147 ? -1.299  12.221  -3.438  1.00 37.32 ? 281 ALA A O   1 
ATOM   1022 C CB  . ALA A 1 147 ? 0.487   14.562  -2.420  1.00 37.95 ? 281 ALA A CB  1 
ATOM   1023 N N   . GLY A 1 148 ? -0.633  11.549  -1.389  1.00 36.61 ? 282 GLY A N   1 
ATOM   1024 C CA  . GLY A 1 148 ? -1.731  10.608  -1.198  1.00 35.92 ? 282 GLY A CA  1 
ATOM   1025 C C   . GLY A 1 148 ? -1.497  9.170   -1.657  1.00 35.46 ? 282 GLY A C   1 
ATOM   1026 O O   . GLY A 1 148 ? -2.360  8.323   -1.455  1.00 35.64 ? 282 GLY A O   1 
ATOM   1027 N N   . TRP A 1 149 ? -0.353  8.873   -2.270  1.00 34.72 ? 283 TRP A N   1 
ATOM   1028 C CA  . TRP A 1 149 ? -0.099  7.504   -2.753  1.00 34.33 ? 283 TRP A CA  1 
ATOM   1029 C C   . TRP A 1 149 ? 0.624   6.621   -1.734  1.00 33.94 ? 283 TRP A C   1 
ATOM   1030 O O   . TRP A 1 149 ? 1.149   5.567   -2.086  1.00 33.86 ? 283 TRP A O   1 
ATOM   1031 C CB  . TRP A 1 149 ? 0.730   7.507   -4.040  1.00 34.46 ? 283 TRP A CB  1 
ATOM   1032 C CG  . TRP A 1 149 ? 0.073   8.025   -5.285  1.00 34.14 ? 283 TRP A CG  1 
ATOM   1033 C CD1 . TRP A 1 149 ? -0.671  9.159   -5.416  1.00 33.89 ? 283 TRP A CD1 1 
ATOM   1034 C CD2 . TRP A 1 149 ? 0.175   7.458   -6.595  1.00 33.64 ? 283 TRP A CD2 1 
ATOM   1035 N NE1 . TRP A 1 149 ? -1.057  9.324   -6.723  1.00 33.96 ? 283 TRP A NE1 1 
ATOM   1036 C CE2 . TRP A 1 149 ? -0.551  8.295   -7.470  1.00 33.74 ? 283 TRP A CE2 1 
ATOM   1037 C CE3 . TRP A 1 149 ? 0.800   6.318   -7.110  1.00 33.67 ? 283 TRP A CE3 1 
ATOM   1038 C CZ2 . TRP A 1 149 ? -0.675  8.027   -8.840  1.00 33.80 ? 283 TRP A CZ2 1 
ATOM   1039 C CZ3 . TRP A 1 149 ? 0.679   6.053   -8.483  1.00 34.46 ? 283 TRP A CZ3 1 
ATOM   1040 C CH2 . TRP A 1 149 ? -0.054  6.907   -9.327  1.00 34.05 ? 283 TRP A CH2 1 
ATOM   1041 N N   . SER A 1 150 ? 0.672   7.056   -0.479  1.00 33.42 ? 284 SER A N   1 
ATOM   1042 C CA  . SER A 1 150 ? 1.326   6.277   0.561   1.00 32.56 ? 284 SER A CA  1 
ATOM   1043 C C   . SER A 1 150 ? 0.561   5.021   0.930   1.00 32.05 ? 284 SER A C   1 
ATOM   1044 O O   . SER A 1 150 ? -0.646  5.054   1.114   1.00 31.58 ? 284 SER A O   1 
ATOM   1045 C CB  . SER A 1 150 ? 1.552   7.119   1.804   1.00 32.48 ? 284 SER A CB  1 
ATOM   1046 O OG  . SER A 1 150 ? 2.772   7.812   1.690   1.00 32.88 ? 284 SER A OG  1 
ATOM   1047 N N   . GLY A 1 151 ? 1.292   3.915   1.028   1.00 31.85 ? 285 GLY A N   1 
ATOM   1048 C CA  . GLY A 1 151 ? 0.725   2.633   1.407   1.00 31.52 ? 285 GLY A CA  1 
ATOM   1049 C C   . GLY A 1 151 ? 0.356   1.818   0.195   1.00 31.35 ? 285 GLY A C   1 
ATOM   1050 O O   . GLY A 1 151 ? -0.097  0.688   0.318   1.00 31.79 ? 285 GLY A O   1 
ATOM   1051 N N   . THR A 1 152 ? 0.542   2.401   -0.979  1.00 31.24 ? 286 THR A N   1 
ATOM   1052 C CA  . THR A 1 152 ? 0.195   1.746   -2.219  1.00 31.09 ? 286 THR A CA  1 
ATOM   1053 C C   . THR A 1 152 ? 1.249   0.683   -2.524  1.00 31.53 ? 286 THR A C   1 
ATOM   1054 O O   . THR A 1 152 ? 2.452   0.958   -2.442  1.00 31.44 ? 286 THR A O   1 
ATOM   1055 C CB  . THR A 1 152 ? 0.003   2.770   -3.385  1.00 30.77 ? 286 THR A CB  1 
ATOM   1056 O OG1 . THR A 1 152 ? -0.912  2.239   -4.348  1.00 31.05 ? 286 THR A OG1 1 
ATOM   1057 C CG2 . THR A 1 152 ? 1.305   3.121   -4.079  1.00 30.44 ? 286 THR A CG2 1 
ATOM   1058 N N   . PRO A 1 153 ? 0.800   -0.547  -2.826  1.00 31.84 ? 287 PRO A N   1 
ATOM   1059 C CA  . PRO A 1 153 ? 1.703   -1.660  -3.092  1.00 32.38 ? 287 PRO A CA  1 
ATOM   1060 C C   . PRO A 1 153 ? 2.553   -1.492  -4.340  1.00 33.20 ? 287 PRO A C   1 
ATOM   1061 O O   . PRO A 1 153 ? 2.134   -0.866  -5.317  1.00 33.08 ? 287 PRO A O   1 
ATOM   1062 C CB  . PRO A 1 153 ? 0.755   -2.857  -3.261  1.00 32.22 ? 287 PRO A CB  1 
ATOM   1063 C CG  . PRO A 1 153 ? -0.529  -2.435  -2.637  1.00 31.78 ? 287 PRO A CG  1 
ATOM   1064 C CD  . PRO A 1 153 ? -0.612  -0.967  -2.880  1.00 31.84 ? 287 PRO A CD  1 
ATOM   1065 N N   . LEU A 1 154 ? 3.760   -2.044  -4.272  1.00 34.37 ? 288 LEU A N   1 
ATOM   1066 C CA  . LEU A 1 154 ? 4.629   -2.199  -5.425  1.00 35.55 ? 288 LEU A CA  1 
ATOM   1067 C C   . LEU A 1 154 ? 4.300   -3.543  -6.081  1.00 36.30 ? 288 LEU A C   1 
ATOM   1068 O O   . LEU A 1 154 ? 4.801   -4.581  -5.656  1.00 36.77 ? 288 LEU A O   1 
ATOM   1069 C CB  . LEU A 1 154 ? 6.090   -2.146  -4.978  1.00 35.37 ? 288 LEU A CB  1 
ATOM   1070 C CG  . LEU A 1 154 ? 6.840   -0.803  -4.939  1.00 35.64 ? 288 LEU A CG  1 
ATOM   1071 C CD1 . LEU A 1 154 ? 5.943   0.434   -4.816  1.00 35.14 ? 288 LEU A CD1 1 
ATOM   1072 C CD2 . LEU A 1 154 ? 7.910   -0.824  -3.855  1.00 34.39 ? 288 LEU A CD2 1 
ATOM   1073 N N   . TYR A 1 155 ? 3.427   -3.513  -7.088  1.00 37.14 ? 289 TYR A N   1 
ATOM   1074 C CA  . TYR A 1 155 ? 2.942   -4.722  -7.752  1.00 37.91 ? 289 TYR A CA  1 
ATOM   1075 C C   . TYR A 1 155 ? 3.891   -5.107  -8.862  1.00 39.17 ? 289 TYR A C   1 
ATOM   1076 O O   . TYR A 1 155 ? 4.272   -4.269  -9.682  1.00 39.49 ? 289 TYR A O   1 
ATOM   1077 C CB  . TYR A 1 155 ? 1.563   -4.496  -8.387  1.00 37.30 ? 289 TYR A CB  1 
ATOM   1078 C CG  . TYR A 1 155 ? 0.387   -4.374  -7.443  1.00 36.16 ? 289 TYR A CG  1 
ATOM   1079 C CD1 . TYR A 1 155 ? -0.162  -3.126  -7.137  1.00 36.03 ? 289 TYR A CD1 1 
ATOM   1080 C CD2 . TYR A 1 155 ? -0.204  -5.497  -6.893  1.00 35.01 ? 289 TYR A CD2 1 
ATOM   1081 C CE1 . TYR A 1 155 ? -1.262  -3.007  -6.284  1.00 34.49 ? 289 TYR A CE1 1 
ATOM   1082 C CE2 . TYR A 1 155 ? -1.301  -5.389  -6.043  1.00 35.06 ? 289 TYR A CE2 1 
ATOM   1083 C CZ  . TYR A 1 155 ? -1.820  -4.143  -5.742  1.00 35.02 ? 289 TYR A CZ  1 
ATOM   1084 O OH  . TYR A 1 155 ? -2.897  -4.048  -4.897  1.00 35.44 ? 289 TYR A OH  1 
ATOM   1085 N N   . SER A 1 156 ? 4.271   -6.377  -8.897  1.00 40.64 ? 290 SER A N   1 
ATOM   1086 C CA  . SER A 1 156 ? 4.950   -6.932  -10.063 1.00 41.94 ? 290 SER A CA  1 
ATOM   1087 C C   . SER A 1 156 ? 4.075   -8.037  -10.633 1.00 42.44 ? 290 SER A C   1 
ATOM   1088 O O   . SER A 1 156 ? 3.040   -8.373  -10.043 1.00 42.24 ? 290 SER A O   1 
ATOM   1089 C CB  . SER A 1 156 ? 6.331   -7.460  -9.681  1.00 42.15 ? 290 SER A CB  1 
ATOM   1090 O OG  . SER A 1 156 ? 7.144   -6.397  -9.209  1.00 43.54 ? 290 SER A OG  1 
ATOM   1091 N N   . SER A 1 157 ? 4.479   -8.590  -11.776 1.00 43.33 ? 291 SER A N   1 
ATOM   1092 C CA  . SER A 1 157 ? 3.780   -9.736  -12.355 1.00 44.25 ? 291 SER A CA  1 
ATOM   1093 C C   . SER A 1 157 ? 3.802   -10.902 -11.378 1.00 44.62 ? 291 SER A C   1 
ATOM   1094 O O   . SER A 1 157 ? 2.839   -11.666 -11.278 1.00 45.20 ? 291 SER A O   1 
ATOM   1095 C CB  . SER A 1 157 ? 4.407   -10.148 -13.687 1.00 44.47 ? 291 SER A CB  1 
ATOM   1096 O OG  . SER A 1 157 ? 5.806   -10.331 -13.559 1.00 45.26 ? 291 SER A OG  1 
ATOM   1097 N N   . ARG A 1 158 ? 4.902   -11.013 -10.645 1.00 44.79 ? 292 ARG A N   1 
ATOM   1098 C CA  . ARG A 1 158 ? 5.073   -12.050 -9.638  1.00 45.21 ? 292 ARG A CA  1 
ATOM   1099 C C   . ARG A 1 158 ? 4.284   -11.740 -8.357  1.00 44.46 ? 292 ARG A C   1 
ATOM   1100 O O   . ARG A 1 158 ? 4.017   -12.639 -7.558  1.00 44.78 ? 292 ARG A O   1 
ATOM   1101 C CB  . ARG A 1 158 ? 6.563   -12.217 -9.341  1.00 45.14 ? 292 ARG A CB  1 
ATOM   1102 C CG  . ARG A 1 158 ? 6.919   -13.403 -8.457  1.00 46.73 ? 292 ARG A CG  1 
ATOM   1103 C CD  . ARG A 1 158 ? 8.402   -13.376 -8.090  1.00 46.94 ? 292 ARG A CD  1 
ATOM   1104 N NE  . ARG A 1 158 ? 8.890   -12.007 -7.880  1.00 49.73 ? 292 ARG A NE  1 
ATOM   1105 C CZ  . ARG A 1 158 ? 9.919   -11.688 -7.102  1.00 50.16 ? 292 ARG A CZ  1 
ATOM   1106 N NH1 . ARG A 1 158 ? 10.570  -12.629 -6.433  1.00 50.60 ? 292 ARG A NH1 1 
ATOM   1107 N NH2 . ARG A 1 158 ? 10.291  -10.421 -6.984  1.00 51.18 ? 292 ARG A NH2 1 
ATOM   1108 N N   . GLY A 1 159 ? 3.918   -10.472 -8.169  1.00 43.88 ? 293 GLY A N   1 
ATOM   1109 C CA  . GLY A 1 159 ? 3.112   -10.041 -7.013  1.00 42.75 ? 293 GLY A CA  1 
ATOM   1110 C C   . GLY A 1 159 ? 3.639   -8.797  -6.316  1.00 41.81 ? 293 GLY A C   1 
ATOM   1111 O O   . GLY A 1 159 ? 4.548   -8.136  -6.822  1.00 41.89 ? 293 GLY A O   1 
ATOM   1112 N N   . VAL A 1 160 ? 3.063   -8.489  -5.153  1.00 40.99 ? 294 VAL A N   1 
ATOM   1113 C CA  . VAL A 1 160 ? 3.482   -7.359  -4.314  1.00 40.02 ? 294 VAL A CA  1 
ATOM   1114 C C   . VAL A 1 160 ? 4.866   -7.594  -3.701  1.00 39.56 ? 294 VAL A C   1 
ATOM   1115 O O   . VAL A 1 160 ? 5.025   -8.420  -2.800  1.00 39.45 ? 294 VAL A O   1 
ATOM   1116 C CB  . VAL A 1 160 ? 2.459   -7.061  -3.171  1.00 40.12 ? 294 VAL A CB  1 
ATOM   1117 C CG1 . VAL A 1 160 ? 2.954   -5.924  -2.275  1.00 39.59 ? 294 VAL A CG1 1 
ATOM   1118 C CG2 . VAL A 1 160 ? 1.097   -6.708  -3.738  1.00 39.75 ? 294 VAL A CG2 1 
ATOM   1119 N N   . VAL A 1 161 ? 5.858   -6.852  -4.192  1.00 38.65 ? 295 VAL A N   1 
ATOM   1120 C CA  . VAL A 1 161 ? 7.231   -6.967  -3.706  1.00 37.78 ? 295 VAL A CA  1 
ATOM   1121 C C   . VAL A 1 161 ? 7.521   -6.068  -2.497  1.00 37.10 ? 295 VAL A C   1 
ATOM   1122 O O   . VAL A 1 161 ? 8.481   -6.320  -1.768  1.00 37.29 ? 295 VAL A O   1 
ATOM   1123 C CB  . VAL A 1 161 ? 8.271   -6.698  -4.826  1.00 37.85 ? 295 VAL A CB  1 
ATOM   1124 C CG1 . VAL A 1 161 ? 8.230   -7.803  -5.870  1.00 38.58 ? 295 VAL A CG1 1 
ATOM   1125 C CG2 . VAL A 1 161 ? 8.043   -5.347  -5.488  1.00 37.96 ? 295 VAL A CG2 1 
ATOM   1126 N N   . GLY A 1 162 ? 6.698   -5.031  -2.294  1.00 35.77 ? 296 GLY A N   1 
ATOM   1127 C CA  . GLY A 1 162 ? 6.899   -4.054  -1.218  1.00 33.87 ? 296 GLY A CA  1 
ATOM   1128 C C   . GLY A 1 162 ? 5.816   -2.991  -1.165  1.00 32.69 ? 296 GLY A C   1 
ATOM   1129 O O   . GLY A 1 162 ? 4.877   -3.024  -1.951  1.00 32.91 ? 296 GLY A O   1 
ATOM   1130 N N   . MET A 1 163 ? 5.942   -2.049  -0.232  1.00 31.36 ? 297 MET A N   1 
ATOM   1131 C CA  . MET A 1 163 ? 4.954   -0.979  -0.059  1.00 29.58 ? 297 MET A CA  1 
ATOM   1132 C C   . MET A 1 163 ? 5.584   0.398   -0.249  1.00 29.92 ? 297 MET A C   1 
ATOM   1133 O O   . MET A 1 163 ? 6.662   0.677   0.293   1.00 29.66 ? 297 MET A O   1 
ATOM   1134 C CB  . MET A 1 163 ? 4.322   -1.057  1.328   1.00 29.70 ? 297 MET A CB  1 
ATOM   1135 C CG  . MET A 1 163 ? 3.281   0.002   1.618   1.00 27.95 ? 297 MET A CG  1 
ATOM   1136 S SD  . MET A 1 163 ? 2.478   -0.185  3.219   1.00 26.83 ? 297 MET A SD  1 
ATOM   1137 C CE  . MET A 1 163 ? 3.869   -0.021  4.332   1.00 26.15 ? 297 MET A CE  1 
ATOM   1138 N N   . HIS A 1 164 ? 4.906   1.257   -1.006  1.00 29.42 ? 298 HIS A N   1 
ATOM   1139 C CA  . HIS A 1 164 ? 5.350   2.634   -1.158  1.00 29.45 ? 298 HIS A CA  1 
ATOM   1140 C C   . HIS A 1 164 ? 5.115   3.449   0.119   1.00 29.61 ? 298 HIS A C   1 
ATOM   1141 O O   . HIS A 1 164 ? 4.032   3.424   0.706   1.00 29.19 ? 298 HIS A O   1 
ATOM   1142 C CB  . HIS A 1 164 ? 4.673   3.289   -2.357  1.00 29.56 ? 298 HIS A CB  1 
ATOM   1143 C CG  . HIS A 1 164 ? 5.012   4.732   -2.523  1.00 29.32 ? 298 HIS A CG  1 
ATOM   1144 N ND1 . HIS A 1 164 ? 6.276   5.164   -2.864  1.00 29.35 ? 298 HIS A ND1 1 
ATOM   1145 C CD2 . HIS A 1 164 ? 4.255   5.845   -2.388  1.00 29.45 ? 298 HIS A CD2 1 
ATOM   1146 C CE1 . HIS A 1 164 ? 6.281   6.482   -2.929  1.00 30.01 ? 298 HIS A CE1 1 
ATOM   1147 N NE2 . HIS A 1 164 ? 5.067   6.920   -2.649  1.00 29.80 ? 298 HIS A NE2 1 
ATOM   1148 N N   . VAL A 1 165 ? 6.152   4.157   0.555   1.00 30.19 ? 299 VAL A N   1 
ATOM   1149 C CA  . VAL A 1 165 ? 6.066   4.946   1.774   1.00 30.87 ? 299 VAL A CA  1 
ATOM   1150 C C   . VAL A 1 165 ? 6.570   6.383   1.579   1.00 31.98 ? 299 VAL A C   1 
ATOM   1151 O O   . VAL A 1 165 ? 6.106   7.293   2.268   1.00 31.98 ? 299 VAL A O   1 
ATOM   1152 C CB  . VAL A 1 165 ? 6.760   4.257   3.019   1.00 30.64 ? 299 VAL A CB  1 
ATOM   1153 C CG1 . VAL A 1 165 ? 6.009   3.024   3.460   1.00 28.76 ? 299 VAL A CG1 1 
ATOM   1154 C CG2 . VAL A 1 165 ? 8.239   3.936   2.750   1.00 30.45 ? 299 VAL A CG2 1 
ATOM   1155 N N   . GLY A 1 166 ? 7.503   6.592   0.652   1.00 33.34 ? 300 GLY A N   1 
ATOM   1156 C CA  . GLY A 1 166 ? 7.987   7.946   0.383   1.00 35.23 ? 300 GLY A CA  1 
ATOM   1157 C C   . GLY A 1 166 ? 9.078   8.144   -0.651  1.00 36.91 ? 300 GLY A C   1 
ATOM   1158 O O   . GLY A 1 166 ? 9.042   7.562   -1.742  1.00 36.57 ? 300 GLY A O   1 
ATOM   1159 N N   . PHE A 1 167 ? 10.048  8.985   -0.288  1.00 38.80 ? 301 PHE A N   1 
ATOM   1160 C CA  . PHE A 1 167 ? 11.104  9.450   -1.190  1.00 40.71 ? 301 PHE A CA  1 
ATOM   1161 C C   . PHE A 1 167 ? 12.468  9.004   -0.719  1.00 41.52 ? 301 PHE A C   1 
ATOM   1162 O O   . PHE A 1 167 ? 12.685  8.798   0.475   1.00 41.74 ? 301 PHE A O   1 
ATOM   1163 C CB  . PHE A 1 167 ? 11.124  10.979  -1.256  1.00 41.36 ? 301 PHE A CB  1 
ATOM   1164 C CG  . PHE A 1 167 ? 9.792   11.599  -1.538  1.00 42.46 ? 301 PHE A CG  1 
ATOM   1165 C CD1 . PHE A 1 167 ? 8.915   11.906  -0.491  1.00 44.22 ? 301 PHE A CD1 1 
ATOM   1166 C CD2 . PHE A 1 167 ? 9.414   11.891  -2.845  1.00 43.76 ? 301 PHE A CD2 1 
ATOM   1167 C CE1 . PHE A 1 167 ? 7.670   12.490  -0.743  1.00 45.40 ? 301 PHE A CE1 1 
ATOM   1168 C CE2 . PHE A 1 167 ? 8.176   12.485  -3.117  1.00 45.31 ? 301 PHE A CE2 1 
ATOM   1169 C CZ  . PHE A 1 167 ? 7.297   12.786  -2.063  1.00 45.04 ? 301 PHE A CZ  1 
ATOM   1170 N N   . GLU A 1 168 ? 13.381  8.859   -1.674  1.00 42.73 ? 302 GLU A N   1 
ATOM   1171 C CA  . GLU A 1 168 ? 14.791  8.613   -1.405  1.00 44.00 ? 302 GLU A CA  1 
ATOM   1172 C C   . GLU A 1 168 ? 15.515  9.926   -1.689  1.00 44.74 ? 302 GLU A C   1 
ATOM   1173 O O   . GLU A 1 168 ? 16.261  10.427  -0.850  1.00 44.77 ? 302 GLU A O   1 
ATOM   1174 C CB  . GLU A 1 168 ? 15.302  7.464   -2.284  1.00 44.08 ? 302 GLU A CB  1 
ATOM   1175 C CG  . GLU A 1 168 ? 16.744  7.011   -2.031  1.00 45.22 ? 302 GLU A CG  1 
ATOM   1176 C CD  . GLU A 1 168 ? 16.961  6.346   -0.671  1.00 46.33 ? 302 GLU A CD  1 
ATOM   1177 O OE1 . GLU A 1 168 ? 15.991  6.159   0.098   1.00 45.94 ? 302 GLU A OE1 1 
ATOM   1178 O OE2 . GLU A 1 168 ? 18.128  6.011   -0.371  1.00 47.70 ? 302 GLU A OE2 1 
ATOM   1179 N N   . GLU A 1 169 ? 15.286  10.451  -2.897  1.00 46.10 ? 303 GLU A N   1 
ATOM   1180 C CA  . GLU A 1 169 ? 15.471  11.868  -3.251  1.00 46.85 ? 303 GLU A CA  1 
ATOM   1181 C C   . GLU A 1 169 ? 14.235  12.332  -4.014  1.00 46.89 ? 303 GLU A C   1 
ATOM   1182 O O   . GLU A 1 169 ? 13.864  11.727  -5.019  1.00 47.07 ? 303 GLU A O   1 
ATOM   1183 C CB  . GLU A 1 169 ? 16.689  12.085  -4.137  1.00 47.08 ? 303 GLU A CB  1 
ATOM   1184 C CG  . GLU A 1 169 ? 16.786  13.533  -4.604  1.00 48.84 ? 303 GLU A CG  1 
ATOM   1185 C CD  . GLU A 1 169 ? 17.624  13.721  -5.850  1.00 51.33 ? 303 GLU A CD  1 
ATOM   1186 O OE1 . GLU A 1 169 ? 18.536  12.893  -6.103  1.00 52.76 ? 303 GLU A OE1 1 
ATOM   1187 O OE2 . GLU A 1 169 ? 17.364  14.711  -6.575  1.00 51.76 ? 303 GLU A OE2 1 
ATOM   1188 N N   . ILE A 1 170 ? 13.624  13.415  -3.544  1.00 47.08 ? 304 ILE A N   1 
ATOM   1189 C CA  . ILE A 1 170 ? 12.332  13.896  -4.058  1.00 47.42 ? 304 ILE A CA  1 
ATOM   1190 C C   . ILE A 1 170 ? 12.301  14.170  -5.583  1.00 47.31 ? 304 ILE A C   1 
ATOM   1191 O O   . ILE A 1 170 ? 12.902  15.132  -6.080  1.00 47.33 ? 304 ILE A O   1 
ATOM   1192 C CB  . ILE A 1 170 ? 11.840  15.149  -3.269  1.00 47.69 ? 304 ILE A CB  1 
ATOM   1193 C CG1 . ILE A 1 170 ? 12.339  15.125  -1.816  1.00 48.40 ? 304 ILE A CG1 1 
ATOM   1194 C CG2 . ILE A 1 170 ? 10.317  15.263  -3.315  1.00 47.95 ? 304 ILE A CG2 1 
ATOM   1195 C CD1 . ILE A 1 170 ? 13.663  15.838  -1.597  1.00 48.88 ? 304 ILE A CD1 1 
ATOM   1196 N N   . GLY A 1 171 ? 11.601  13.307  -6.314  1.00 47.11 ? 305 GLY A N   1 
ATOM   1197 C CA  . GLY A 1 171 ? 11.457  13.462  -7.758  1.00 46.70 ? 305 GLY A CA  1 
ATOM   1198 C C   . GLY A 1 171 ? 12.534  12.788  -8.597  1.00 46.41 ? 305 GLY A C   1 
ATOM   1199 O O   . GLY A 1 171 ? 12.457  12.782  -9.833  1.00 46.94 ? 305 GLY A O   1 
ATOM   1200 N N   . LYS A 1 172 ? 13.545  12.226  -7.944  1.00 45.57 ? 306 LYS A N   1 
ATOM   1201 C CA  . LYS A 1 172 ? 14.563  11.471  -8.652  1.00 44.66 ? 306 LYS A CA  1 
ATOM   1202 C C   . LYS A 1 172 ? 14.396  9.988   -8.357  1.00 43.81 ? 306 LYS A C   1 
ATOM   1203 O O   . LYS A 1 172 ? 14.325  9.172   -9.280  1.00 44.01 ? 306 LYS A O   1 
ATOM   1204 C CB  . LYS A 1 172 ? 15.964  11.949  -8.268  1.00 45.01 ? 306 LYS A CB  1 
ATOM   1205 C CG  . LYS A 1 172 ? 17.052  11.602  -9.284  1.00 45.65 ? 306 LYS A CG  1 
ATOM   1206 N N   . LEU A 1 173 ? 14.319  9.646   -7.071  1.00 42.53 ? 307 LEU A N   1 
ATOM   1207 C CA  . LEU A 1 173 ? 14.226  8.249   -6.639  1.00 40.98 ? 307 LEU A CA  1 
ATOM   1208 C C   . LEU A 1 173 ? 13.291  8.110   -5.451  1.00 40.16 ? 307 LEU A C   1 
ATOM   1209 O O   . LEU A 1 173 ? 13.432  8.839   -4.464  1.00 40.03 ? 307 LEU A O   1 
ATOM   1210 C CB  . LEU A 1 173 ? 15.610  7.714   -6.274  1.00 40.85 ? 307 LEU A CB  1 
ATOM   1211 C CG  . LEU A 1 173 ? 15.738  6.204   -6.069  1.00 40.82 ? 307 LEU A CG  1 
ATOM   1212 C CD1 . LEU A 1 173 ? 15.374  5.424   -7.346  1.00 40.23 ? 307 LEU A CD1 1 
ATOM   1213 C CD2 . LEU A 1 173 ? 17.141  5.846   -5.575  1.00 40.73 ? 307 LEU A CD2 1 
ATOM   1214 N N   . ASN A 1 174 ? 12.345  7.173   -5.545  1.00 38.74 ? 308 ASN A N   1 
ATOM   1215 C CA  . ASN A 1 174 ? 11.375  6.944   -4.465  1.00 37.61 ? 308 ASN A CA  1 
ATOM   1216 C C   . ASN A 1 174 ? 11.756  5.797   -3.529  1.00 36.46 ? 308 ASN A C   1 
ATOM   1217 O O   . ASN A 1 174 ? 12.732  5.104   -3.767  1.00 36.43 ? 308 ASN A O   1 
ATOM   1218 C CB  . ASN A 1 174 ? 9.967   6.742   -5.032  1.00 37.70 ? 308 ASN A CB  1 
ATOM   1219 C CG  . ASN A 1 174 ? 9.434   7.974   -5.717  1.00 38.00 ? 308 ASN A CG  1 
ATOM   1220 O OD1 . ASN A 1 174 ? 8.720   7.876   -6.710  1.00 39.77 ? 308 ASN A OD1 1 
ATOM   1221 N ND2 . ASN A 1 174 ? 9.783   9.143   -5.199  1.00 38.69 ? 308 ASN A ND2 1 
ATOM   1222 N N   . ARG A 1 175 ? 10.979  5.610   -2.468  1.00 35.47 ? 309 ARG A N   1 
ATOM   1223 C CA  . ARG A 1 175 ? 11.325  4.672   -1.405  1.00 34.76 ? 309 ARG A CA  1 
ATOM   1224 C C   . ARG A 1 175 ? 10.170  3.767   -0.974  1.00 34.09 ? 309 ARG A C   1 
ATOM   1225 O O   . ARG A 1 175 ? 9.059   4.224   -0.737  1.00 33.75 ? 309 ARG A O   1 
ATOM   1226 C CB  . ARG A 1 175 ? 11.866  5.432   -0.191  1.00 34.71 ? 309 ARG A CB  1 
ATOM   1227 C CG  . ARG A 1 175 ? 12.639  4.580   0.799   1.00 34.50 ? 309 ARG A CG  1 
ATOM   1228 C CD  . ARG A 1 175 ? 13.055  5.391   2.018   1.00 35.04 ? 309 ARG A CD  1 
ATOM   1229 N NE  . ARG A 1 175 ? 11.982  5.472   3.007   1.00 36.29 ? 309 ARG A NE  1 
ATOM   1230 C CZ  . ARG A 1 175 ? 11.202  6.532   3.184   1.00 37.94 ? 309 ARG A CZ  1 
ATOM   1231 N NH1 . ARG A 1 175 ? 11.372  7.623   2.446   1.00 40.73 ? 309 ARG A NH1 1 
ATOM   1232 N NH2 . ARG A 1 175 ? 10.248  6.509   4.101   1.00 38.24 ? 309 ARG A NH2 1 
ATOM   1233 N N   . GLY A 1 176 ? 10.458  2.474   -0.872  1.00 33.74 ? 310 GLY A N   1 
ATOM   1234 C CA  . GLY A 1 176 ? 9.540   1.518   -0.283  1.00 33.34 ? 310 GLY A CA  1 
ATOM   1235 C C   . GLY A 1 176 ? 10.068  0.917   1.008   1.00 33.20 ? 310 GLY A C   1 
ATOM   1236 O O   . GLY A 1 176 ? 11.223  1.125   1.385   1.00 33.25 ? 310 GLY A O   1 
ATOM   1237 N N   . VAL A 1 177 ? 9.202   0.183   1.697   1.00 33.11 ? 311 VAL A N   1 
ATOM   1238 C CA  . VAL A 1 177 ? 9.607   -0.680  2.790   1.00 32.74 ? 311 VAL A CA  1 
ATOM   1239 C C   . VAL A 1 177 ? 9.453   -2.109  2.299   1.00 32.95 ? 311 VAL A C   1 
ATOM   1240 O O   . VAL A 1 177 ? 8.407   -2.473  1.754   1.00 33.10 ? 311 VAL A O   1 
ATOM   1241 C CB  . VAL A 1 177 ? 8.756   -0.453  4.061   1.00 32.83 ? 311 VAL A CB  1 
ATOM   1242 C CG1 . VAL A 1 177 ? 7.276   -0.637  3.774   1.00 31.70 ? 311 VAL A CG1 1 
ATOM   1243 C CG2 . VAL A 1 177 ? 9.220   -1.383  5.207   1.00 33.11 ? 311 VAL A CG2 1 
ATOM   1244 N N   . ASN A 1 178 ? 10.505  -2.907  2.462   1.00 32.91 ? 312 ASN A N   1 
ATOM   1245 C CA  . ASN A 1 178 ? 10.445  -4.321  2.128   1.00 32.92 ? 312 ASN A CA  1 
ATOM   1246 C C   . ASN A 1 178 ? 9.756   -5.062  3.259   1.00 33.16 ? 312 ASN A C   1 
ATOM   1247 O O   . ASN A 1 178 ? 10.401  -5.482  4.222   1.00 33.12 ? 312 ASN A O   1 
ATOM   1248 C CB  . ASN A 1 178 ? 11.849  -4.862  1.881   1.00 33.06 ? 312 ASN A CB  1 
ATOM   1249 C CG  . ASN A 1 178 ? 11.908  -6.385  1.790   1.00 32.96 ? 312 ASN A CG  1 
ATOM   1250 O OD1 . ASN A 1 178 ? 10.902  -7.089  1.890   1.00 33.06 ? 312 ASN A OD1 1 
ATOM   1251 N ND2 . ASN A 1 178 ? 13.112  -6.896  1.599   1.00 33.64 ? 312 ASN A ND2 1 
ATOM   1252 N N   . MET A 1 179 ? 8.439   -5.214  3.131   1.00 33.44 ? 313 MET A N   1 
ATOM   1253 C CA  . MET A 1 179 ? 7.622   -5.847  4.164   1.00 33.86 ? 313 MET A CA  1 
ATOM   1254 C C   . MET A 1 179 ? 7.819   -7.358  4.283   1.00 34.39 ? 313 MET A C   1 
ATOM   1255 O O   . MET A 1 179 ? 7.429   -7.956  5.283   1.00 34.05 ? 313 MET A O   1 
ATOM   1256 C CB  . MET A 1 179 ? 6.143   -5.519  3.953   1.00 33.75 ? 313 MET A CB  1 
ATOM   1257 C CG  . MET A 1 179 ? 5.776   -4.106  4.361   1.00 32.97 ? 313 MET A CG  1 
ATOM   1258 S SD  . MET A 1 179 ? 6.097   -3.812  6.103   1.00 29.86 ? 313 MET A SD  1 
ATOM   1259 N N   . PHE A 1 180 ? 8.417   -7.967  3.263   1.00 35.27 ? 314 PHE A N   1 
ATOM   1260 C CA  . PHE A 1 180 ? 8.751   -9.387  3.309   1.00 36.33 ? 314 PHE A CA  1 
ATOM   1261 C C   . PHE A 1 180 ? 9.813   -9.647  4.397   1.00 36.84 ? 314 PHE A C   1 
ATOM   1262 O O   . PHE A 1 180 ? 9.664   -10.552 5.217   1.00 36.84 ? 314 PHE A O   1 
ATOM   1263 C CB  . PHE A 1 180 ? 9.225   -9.874  1.933   1.00 36.61 ? 314 PHE A CB  1 
ATOM   1264 C CG  . PHE A 1 180 ? 9.388   -11.365 1.842   1.00 36.87 ? 314 PHE A CG  1 
ATOM   1265 C CD1 . PHE A 1 180 ? 8.293   -12.181 1.604   1.00 37.15 ? 314 PHE A CD1 1 
ATOM   1266 C CD2 . PHE A 1 180 ? 10.636  -11.949 1.997   1.00 37.73 ? 314 PHE A CD2 1 
ATOM   1267 C CE1 . PHE A 1 180 ? 8.436   -13.561 1.524   1.00 38.64 ? 314 PHE A CE1 1 
ATOM   1268 C CE2 . PHE A 1 180 ? 10.792  -13.332 1.920   1.00 39.00 ? 314 PHE A CE2 1 
ATOM   1269 C CZ  . PHE A 1 180 ? 9.685   -14.141 1.680   1.00 38.34 ? 314 PHE A CZ  1 
ATOM   1270 N N   . TYR A 1 181 ? 10.865  -8.827  4.396   1.00 37.35 ? 315 TYR A N   1 
ATOM   1271 C CA  . TYR A 1 181 ? 11.918  -8.890  5.393   1.00 37.74 ? 315 TYR A CA  1 
ATOM   1272 C C   . TYR A 1 181 ? 11.391  -8.484  6.759   1.00 38.29 ? 315 TYR A C   1 
ATOM   1273 O O   . TYR A 1 181 ? 11.749  -9.091  7.778   1.00 38.51 ? 315 TYR A O   1 
ATOM   1274 C CB  . TYR A 1 181 ? 13.094  -8.000  4.983   1.00 37.80 ? 315 TYR A CB  1 
ATOM   1275 C CG  . TYR A 1 181 ? 14.058  -7.697  6.109   1.00 37.90 ? 315 TYR A CG  1 
ATOM   1276 C CD1 . TYR A 1 181 ? 15.058  -8.602  6.459   1.00 38.90 ? 315 TYR A CD1 1 
ATOM   1277 C CD2 . TYR A 1 181 ? 13.963  -6.513  6.833   1.00 37.59 ? 315 TYR A CD2 1 
ATOM   1278 C CE1 . TYR A 1 181 ? 15.945  -8.328  7.504   1.00 38.35 ? 315 TYR A CE1 1 
ATOM   1279 C CE2 . TYR A 1 181 ? 14.840  -6.233  7.873   1.00 37.39 ? 315 TYR A CE2 1 
ATOM   1280 C CZ  . TYR A 1 181 ? 15.820  -7.142  8.201   1.00 37.53 ? 315 TYR A CZ  1 
ATOM   1281 O OH  . TYR A 1 181 ? 16.687  -6.861  9.222   1.00 38.36 ? 315 TYR A OH  1 
ATOM   1282 N N   . VAL A 1 182 ? 10.550  -7.454  6.781   1.00 38.59 ? 316 VAL A N   1 
ATOM   1283 C CA  . VAL A 1 182 ? 9.947   -6.983  8.027   1.00 38.90 ? 316 VAL A CA  1 
ATOM   1284 C C   . VAL A 1 182 ? 9.139   -8.107  8.689   1.00 39.32 ? 316 VAL A C   1 
ATOM   1285 O O   . VAL A 1 182 ? 9.329   -8.399  9.861   1.00 39.27 ? 316 VAL A O   1 
ATOM   1286 C CB  . VAL A 1 182 ? 9.100   -5.692  7.803   1.00 38.59 ? 316 VAL A CB  1 
ATOM   1287 C CG1 . VAL A 1 182 ? 8.385   -5.267  9.066   1.00 38.65 ? 316 VAL A CG1 1 
ATOM   1288 C CG2 . VAL A 1 182 ? 9.985   -4.562  7.330   1.00 38.85 ? 316 VAL A CG2 1 
ATOM   1289 N N   . ALA A 1 183 ? 8.269   -8.758  7.923   1.00 40.34 ? 317 ALA A N   1 
ATOM   1290 C CA  . ALA A 1 183 ? 7.417   -9.821  8.457   1.00 41.28 ? 317 ALA A CA  1 
ATOM   1291 C C   . ALA A 1 183 ? 8.205   -11.051 8.899   1.00 41.85 ? 317 ALA A C   1 
ATOM   1292 O O   . ALA A 1 183 ? 7.835   -11.710 9.871   1.00 42.05 ? 317 ALA A O   1 
ATOM   1293 C CB  . ALA A 1 183 ? 6.339   -10.212 7.451   1.00 41.36 ? 317 ALA A CB  1 
ATOM   1294 N N   . ASN A 1 184 ? 9.291   -11.347 8.196   1.00 42.66 ? 318 ASN A N   1 
ATOM   1295 C CA  . ASN A 1 184 ? 10.116  -12.506 8.508   1.00 43.76 ? 318 ASN A CA  1 
ATOM   1296 C C   . ASN A 1 184 ? 11.204  -12.316 9.564   1.00 44.19 ? 318 ASN A C   1 
ATOM   1297 O O   . ASN A 1 184 ? 11.620  -13.283 10.199  1.00 44.62 ? 318 ASN A O   1 
ATOM   1298 C CB  . ASN A 1 184 ? 10.733  -13.083 7.234   1.00 44.03 ? 318 ASN A CB  1 
ATOM   1299 C CG  . ASN A 1 184 ? 9.752   -13.928 6.442   1.00 45.42 ? 318 ASN A CG  1 
ATOM   1300 O OD1 . ASN A 1 184 ? 9.921   -14.124 5.234   1.00 47.81 ? 318 ASN A OD1 1 
ATOM   1301 N ND2 . ASN A 1 184 ? 8.720   -14.431 7.113   1.00 46.30 ? 318 ASN A ND2 1 
ATOM   1302 N N   . TYR A 1 185 ? 11.676  -11.091 9.761   1.00 44.66 ? 319 TYR A N   1 
ATOM   1303 C CA  . TYR A 1 185 ? 12.832  -10.889 10.637  1.00 44.97 ? 319 TYR A CA  1 
ATOM   1304 C C   . TYR A 1 185 ? 12.626  -9.896  11.761  1.00 44.43 ? 319 TYR A C   1 
ATOM   1305 O O   . TYR A 1 185 ? 13.366  -9.909  12.741  1.00 44.49 ? 319 TYR A O   1 
ATOM   1306 C CB  . TYR A 1 185 ? 14.067  -10.519 9.812   1.00 45.94 ? 319 TYR A CB  1 
ATOM   1307 C CG  . TYR A 1 185 ? 14.510  -11.629 8.882   1.00 47.25 ? 319 TYR A CG  1 
ATOM   1308 C CD1 . TYR A 1 185 ? 14.027  -11.701 7.577   1.00 47.92 ? 319 TYR A CD1 1 
ATOM   1309 C CD2 . TYR A 1 185 ? 15.396  -12.615 9.315   1.00 47.98 ? 319 TYR A CD2 1 
ATOM   1310 C CE1 . TYR A 1 185 ? 14.419  -12.718 6.720   1.00 49.04 ? 319 TYR A CE1 1 
ATOM   1311 C CE2 . TYR A 1 185 ? 15.801  -13.638 8.465   1.00 48.96 ? 319 TYR A CE2 1 
ATOM   1312 C CZ  . TYR A 1 185 ? 15.307  -13.685 7.168   1.00 48.97 ? 319 TYR A CZ  1 
ATOM   1313 O OH  . TYR A 1 185 ? 15.698  -14.700 6.314   1.00 49.15 ? 319 TYR A OH  1 
ATOM   1314 N N   . LEU A 1 186 ? 11.619  -9.047  11.625  1.00 44.10 ? 320 LEU A N   1 
ATOM   1315 C CA  . LEU A 1 186 ? 11.431  -7.935  12.550  1.00 43.70 ? 320 LEU A CA  1 
ATOM   1316 C C   . LEU A 1 186 ? 10.242  -8.139  13.462  1.00 43.68 ? 320 LEU A C   1 
ATOM   1317 O O   . LEU A 1 186 ? 10.333  -7.893  14.660  1.00 44.02 ? 320 LEU A O   1 
ATOM   1318 C CB  . LEU A 1 186 ? 11.311  -6.606  11.786  1.00 43.65 ? 320 LEU A CB  1 
ATOM   1319 C CG  . LEU A 1 186 ? 12.579  -5.785  11.515  1.00 43.21 ? 320 LEU A CG  1 
ATOM   1320 C CD1 . LEU A 1 186 ? 13.738  -6.639  11.087  1.00 42.66 ? 320 LEU A CD1 1 
ATOM   1321 C CD2 . LEU A 1 186 ? 12.329  -4.680  10.491  1.00 43.17 ? 320 LEU A CD2 1 
ATOM   1322 N N   . LEU A 1 187 ? 9.134   -8.600  12.902  1.00 43.64 ? 321 LEU A N   1 
ATOM   1323 C CA  . LEU A 1 187 ? 7.906   -8.745  13.666  1.00 44.05 ? 321 LEU A CA  1 
ATOM   1324 C C   . LEU A 1 187 ? 7.896   -9.979  14.574  1.00 44.53 ? 321 LEU A C   1 
ATOM   1325 O O   . LEU A 1 187 ? 8.398   -11.037 14.196  1.00 44.54 ? 321 LEU A O   1 
ATOM   1326 C CB  . LEU A 1 187 ? 6.713   -8.777  12.717  1.00 44.04 ? 321 LEU A CB  1 
ATOM   1327 C CG  . LEU A 1 187 ? 6.491   -7.558  11.824  1.00 43.19 ? 321 LEU A CG  1 
ATOM   1328 C CD1 . LEU A 1 187 ? 5.362   -7.859  10.861  1.00 43.63 ? 321 LEU A CD1 1 
ATOM   1329 C CD2 . LEU A 1 187 ? 6.169   -6.340  12.656  1.00 42.92 ? 321 LEU A CD2 1 
ATOM   1330 N N   . ARG A 1 188 ? 7.331   -9.828  15.772  1.00 45.09 ? 322 ARG A N   1 
ATOM   1331 C CA  . ARG A 1 188 ? 7.162   -10.938 16.713  1.00 45.84 ? 322 ARG A CA  1 
ATOM   1332 C C   . ARG A 1 188 ? 5.747   -11.462 16.623  1.00 46.22 ? 322 ARG A C   1 
ATOM   1333 O O   . ARG A 1 188 ? 4.800   -10.667 16.644  1.00 46.57 ? 322 ARG A O   1 
ATOM   1334 C CB  . ARG A 1 188 ? 7.407   -10.493 18.156  1.00 45.71 ? 322 ARG A CB  1 
ATOM   1335 C CG  . ARG A 1 188 ? 8.859   -10.384 18.548  1.00 46.39 ? 322 ARG A CG  1 
ATOM   1336 C CD  . ARG A 1 188 ? 9.015   -10.049 20.038  1.00 46.41 ? 322 ARG A CD  1 
ATOM   1337 N NE  . ARG A 1 188 ? 10.382  -9.624  20.355  1.00 46.56 ? 322 ARG A NE  1 
ATOM   1338 C CZ  . ARG A 1 188 ? 11.411  -10.450 20.531  1.00 46.39 ? 322 ARG A CZ  1 
ATOM   1339 N NH1 . ARG A 1 188 ? 11.254  -11.763 20.429  1.00 46.65 ? 322 ARG A NH1 1 
ATOM   1340 N NH2 . ARG A 1 188 ? 12.606  -9.959  20.808  1.00 47.21 ? 322 ARG A NH2 1 
ATOM   1341 N N   . SER A 1 189 ? 5.601   -12.787 16.544  1.00 46.44 ? 323 SER A N   1 
ATOM   1342 C CA  . SER A 1 189 ? 4.284   -13.424 16.580  1.00 46.58 ? 323 SER A CA  1 
ATOM   1343 C C   . SER A 1 189 ? 3.587   -13.194 17.915  1.00 46.50 ? 323 SER A C   1 
ATOM   1344 O O   . SER A 1 189 ? 2.493   -12.636 17.957  1.00 46.52 ? 323 SER A O   1 
ATOM   1345 C CB  . SER A 1 189 ? 4.396   -14.921 16.304  1.00 46.73 ? 323 SER A CB  1 
ATOM   1346 O OG  . SER A 1 189 ? 4.438   -15.174 14.912  1.00 47.26 ? 323 SER A OG  1 
HETATM 1347 C C1  . GOL B 2 .   ? 3.789   9.812   -0.601  1.00 51.60 ? 500 GOL A C1  1 
HETATM 1348 O O1  . GOL B 2 .   ? 3.341   9.352   -1.863  1.00 50.62 ? 500 GOL A O1  1 
HETATM 1349 C C2  . GOL B 2 .   ? 2.929   10.963  -0.074  1.00 51.38 ? 500 GOL A C2  1 
HETATM 1350 O O2  . GOL B 2 .   ? 3.591   11.600  0.995   1.00 52.26 ? 500 GOL A O2  1 
HETATM 1351 C C3  . GOL B 2 .   ? 1.616   10.461  0.494   1.00 50.65 ? 500 GOL A C3  1 
HETATM 1352 O O3  . GOL B 2 .   ? 1.316   11.262  1.610   1.00 50.50 ? 500 GOL A O3  1 
HETATM 1353 O O   . HOH C 3 .   ? -0.182  0.359   -6.279  1.00 16.60 ? 1   HOH A O   1 
HETATM 1354 O O   . HOH C 3 .   ? -0.037  -1.908  0.936   1.00 26.40 ? 2   HOH A O   1 
HETATM 1355 O O   . HOH C 3 .   ? -2.587  -6.301  18.692  1.00 56.18 ? 3   HOH A O   1 
HETATM 1356 O O   . HOH C 3 .   ? 7.896   -6.938  0.693   1.00 44.77 ? 4   HOH A O   1 
HETATM 1357 O O   . HOH C 3 .   ? 15.735  -4.598  0.504   1.00 40.53 ? 5   HOH A O   1 
HETATM 1358 O O   . HOH C 3 .   ? 12.307  2.301   3.589   1.00 31.98 ? 6   HOH A O   1 
HETATM 1359 O O   . HOH C 3 .   ? -13.928 -1.987  -15.227 1.00 68.85 ? 7   HOH A O   1 
HETATM 1360 O O   . HOH C 3 .   ? -7.851  -8.582  7.937   1.00 34.16 ? 8   HOH A O   1 
HETATM 1361 O O   . HOH C 3 .   ? 18.406  -10.578 -6.643  1.00 55.03 ? 9   HOH A O   1 
HETATM 1362 O O   . HOH C 3 .   ? -0.075  -9.086  -7.466  1.00 54.09 ? 10  HOH A O   1 
HETATM 1363 O O   . HOH C 3 .   ? 3.281   -4.991  -12.683 1.00 48.70 ? 11  HOH A O   1 
HETATM 1364 O O   . HOH C 3 .   ? 19.092  4.221   4.563   1.00 50.11 ? 12  HOH A O   1 
HETATM 1365 O O   . HOH C 3 .   ? 21.614  -0.955  -2.373  0.50 37.46 ? 13  HOH A O   1 
HETATM 1366 O O   . HOH C 3 .   ? -2.549  11.509  -7.278  0.50 37.09 ? 14  HOH A O   1 
HETATM 1367 O O   . HOH C 3 .   ? -8.814  0.925   -16.684 1.00 49.44 ? 15  HOH A O   1 
HETATM 1368 O O   . HOH C 3 .   ? -5.958  -2.203  -22.023 1.00 47.97 ? 16  HOH A O   1 
HETATM 1369 O O   . HOH C 3 .   ? -12.341 -2.738  -8.399  1.00 49.40 ? 17  HOH A O   1 
HETATM 1370 O O   . HOH C 3 .   ? 8.147   7.128   5.672   1.00 26.02 ? 18  HOH A O   1 
HETATM 1371 O O   . HOH C 3 .   ? 6.904   2.522   16.486  1.00 45.48 ? 19  HOH A O   1 
HETATM 1372 O O   . HOH C 3 .   ? 4.051   2.804   16.107  1.00 47.92 ? 20  HOH A O   1 
HETATM 1373 O O   . HOH C 3 .   ? -5.838  5.109   13.817  1.00 42.35 ? 21  HOH A O   1 
HETATM 1374 O O   . HOH C 3 .   ? -17.190 5.614   -1.773  1.00 53.05 ? 22  HOH A O   1 
HETATM 1375 O O   . HOH C 3 .   ? -14.858 -3.145  15.126  1.00 52.23 ? 23  HOH A O   1 
HETATM 1376 O O   . HOH C 3 .   ? 11.748  7.729   12.732  1.00 46.27 ? 24  HOH A O   1 
HETATM 1377 O O   . HOH C 3 .   ? 15.277  5.384   10.919  1.00 50.54 ? 25  HOH A O   1 
HETATM 1378 O O   . HOH C 3 .   ? 13.989  -9.735  1.510   1.00 45.48 ? 26  HOH A O   1 
HETATM 1379 O O   . HOH C 3 .   ? 10.587  8.583   -10.110 1.00 37.93 ? 27  HOH A O   1 
HETATM 1380 O O   . HOH C 3 .   ? 6.950   9.858   -2.902  1.00 42.33 ? 28  HOH A O   1 
HETATM 1381 O O   . HOH C 3 .   ? -9.297  2.666   -5.325  1.00 30.26 ? 29  HOH A O   1 
HETATM 1382 O O   . HOH C 3 .   ? -4.465  8.513   10.209  1.00 40.52 ? 30  HOH A O   1 
HETATM 1383 O O   . HOH C 3 .   ? 5.469   -13.273 4.841   1.00 38.81 ? 31  HOH A O   1 
HETATM 1384 O O   . HOH C 3 .   ? -13.200 8.261   -3.259  1.00 29.65 ? 32  HOH A O   1 
HETATM 1385 O O   . HOH C 3 .   ? -5.076  -2.464  18.005  1.00 53.71 ? 33  HOH A O   1 
HETATM 1386 O O   . HOH C 3 .   ? 15.572  0.896   -9.142  1.00 36.12 ? 34  HOH A O   1 
HETATM 1387 O O   . HOH C 3 .   ? -3.991  -0.328  -23.621 1.00 58.63 ? 35  HOH A O   1 
HETATM 1388 O O   . HOH C 3 .   ? 2.990   13.470  -16.179 1.00 46.90 ? 36  HOH A O   1 
HETATM 1389 O O   . HOH C 3 .   ? -20.813 0.270   -1.313  1.00 69.96 ? 37  HOH A O   1 
HETATM 1390 O O   . HOH C 3 .   ? -2.304  -10.149 11.976  1.00 51.70 ? 38  HOH A O   1 
HETATM 1391 O O   . HOH C 3 .   ? -10.118 -4.860  -8.992  1.00 42.42 ? 39  HOH A O   1 
HETATM 1392 O O   . HOH C 3 .   ? 5.151   7.908   10.469  1.00 35.10 ? 40  HOH A O   1 
HETATM 1393 O O   . HOH C 3 .   ? 1.206   -14.913 19.179  1.00 53.40 ? 41  HOH A O   1 
HETATM 1394 O O   . HOH C 3 .   ? -8.581  13.192  -1.281  1.00 36.22 ? 42  HOH A O   1 
HETATM 1395 O O   . HOH C 3 .   ? -4.644  10.308  -2.687  1.00 62.17 ? 43  HOH A O   1 
HETATM 1396 O O   . HOH C 3 .   ? 18.072  2.277   6.028   0.50 27.10 ? 44  HOH A O   1 
HETATM 1397 O O   . HOH C 3 .   ? -0.296  -14.566 11.976  1.00 33.21 ? 45  HOH A O   1 
# 
